data_6MIO
# 
_entry.id   6MIO 
# 
_audit_conform.dict_name       mmcif_pdbx.dic 
_audit_conform.dict_version    5.379 
_audit_conform.dict_location   http://mmcif.pdb.org/dictionaries/ascii/mmcif_pdbx.dic 
# 
loop_
_database_2.database_id 
_database_2.database_code 
_database_2.pdbx_database_accession 
_database_2.pdbx_DOI 
PDB   6MIO         pdb_00006mio 10.2210/pdb6mio/pdb 
WWPDB D_1000237001 ?            ?                   
# 
_pdbx_database_status.status_code                     REL 
_pdbx_database_status.status_code_sf                  REL 
_pdbx_database_status.status_code_mr                  ? 
_pdbx_database_status.entry_id                        6MIO 
_pdbx_database_status.recvd_initial_deposition_date   2018-09-19 
_pdbx_database_status.SG_entry                        N 
_pdbx_database_status.deposit_site                    RCSB 
_pdbx_database_status.process_site                    RCSB 
_pdbx_database_status.status_code_cs                  ? 
_pdbx_database_status.methods_development_category    ? 
_pdbx_database_status.pdb_format_compatible           Y 
_pdbx_database_status.status_code_nmr_data            ? 
# 
loop_
_audit_author.name 
_audit_author.pdbx_ordinal 
_audit_author.identifier_ORCID 
'Klein, B.J.'       1 0000-0003-2479-8013 
'Andrews, F.H.'     2 ?                   
'Vann, K.R.'        3 0000-0002-6366-6112 
'Kutateladze, T.G.' 4 0000-0001-7375-6990 
# 
_citation.abstract                  ? 
_citation.abstract_id_CAS           ? 
_citation.book_id_ISBN              ? 
_citation.book_publisher            ? 
_citation.book_publisher_city       ? 
_citation.book_title                ? 
_citation.coordinate_linkage        ? 
_citation.country                   UK 
_citation.database_id_Medline       ? 
_citation.details                   ? 
_citation.id                        primary 
_citation.journal_abbrev            'Nat Commun' 
_citation.journal_id_ASTM           ? 
_citation.journal_id_CSD            ? 
_citation.journal_id_ISSN           2041-1723 
_citation.journal_full              ? 
_citation.journal_issue             ? 
_citation.journal_volume            9 
_citation.language                  ? 
_citation.page_first                4574 
_citation.page_last                 4574 
_citation.title                     
'Structural insights into the pi-pi-pi stacking mechanism and DNA-binding activity of the YEATS domain.' 
_citation.year                      2018 
_citation.database_id_CSD           ? 
_citation.pdbx_database_id_DOI      10.1038/s41467-018-07072-6 
_citation.pdbx_database_id_PubMed   30385749 
_citation.unpublished_flag          ? 
# 
loop_
_citation_author.citation_id 
_citation_author.name 
_citation_author.ordinal 
_citation_author.identifier_ORCID 
primary 'Klein, B.J.'        1  ?                   
primary 'Vann, K.R.'         2  ?                   
primary 'Andrews, F.H.'      3  ?                   
primary 'Wang, W.W.'         4  ?                   
primary 'Zhang, J.'          5  ?                   
primary 'Zhang, Y.'          6  0000-0001-8170-9983 
primary 'Beloglazkina, A.A.' 7  ?                   
primary 'Mi, W.'             8  0000-0002-7453-051X 
primary 'Li, Y.'             9  ?                   
primary 'Li, H.'             10 0000-0001-6741-293X 
primary 'Shi, X.'            11 0000-0001-5242-8189 
primary 'Kutateladze, A.G.'  12 ?                   
primary 'Strahl, B.D.'       13 0000-0002-4947-6259 
primary 'Liu, W.R.'          14 0000-0002-7078-6534 
primary 'Kutateladze, T.G.'  15 0000-0001-7375-6990 
# 
_cell.angle_alpha                  90.00 
_cell.angle_alpha_esd              ? 
_cell.angle_beta                   90.00 
_cell.angle_beta_esd               ? 
_cell.angle_gamma                  120.00 
_cell.angle_gamma_esd              ? 
_cell.entry_id                     6MIO 
_cell.details                      ? 
_cell.formula_units_Z              ? 
_cell.length_a                     113.211 
_cell.length_a_esd                 ? 
_cell.length_b                     113.211 
_cell.length_b_esd                 ? 
_cell.length_c                     26.237 
_cell.length_c_esd                 ? 
_cell.volume                       ? 
_cell.volume_esd                   ? 
_cell.Z_PDB                        6 
_cell.reciprocal_angle_alpha       ? 
_cell.reciprocal_angle_beta        ? 
_cell.reciprocal_angle_gamma       ? 
_cell.reciprocal_angle_alpha_esd   ? 
_cell.reciprocal_angle_beta_esd    ? 
_cell.reciprocal_angle_gamma_esd   ? 
_cell.reciprocal_length_a          ? 
_cell.reciprocal_length_b          ? 
_cell.reciprocal_length_c          ? 
_cell.reciprocal_length_a_esd      ? 
_cell.reciprocal_length_b_esd      ? 
_cell.reciprocal_length_c_esd      ? 
_cell.pdbx_unique_axis             ? 
# 
_symmetry.entry_id                         6MIO 
_symmetry.cell_setting                     ? 
_symmetry.Int_Tables_number                170 
_symmetry.space_group_name_Hall            ? 
_symmetry.space_group_name_H-M             'P 65' 
_symmetry.pdbx_full_space_group_name_H-M   ? 
# 
loop_
_entity.id 
_entity.type 
_entity.src_method 
_entity.pdbx_description 
_entity.formula_weight 
_entity.pdbx_number_of_molecules 
_entity.pdbx_ec 
_entity.pdbx_mutation 
_entity.pdbx_fragment 
_entity.details 
1 polymer man 'Transcription initiation factor TFIID subunit 14' 16180.497 1   ? ? 'YEATS domain residues 1-137' ? 
2 polymer syn 'Histone H3K9pr'                                   873.975   1   ? ? ?                             ? 
3 water   nat water                                              18.015    180 ? ? ?                             ? 
# 
_entity_name_com.entity_id   1 
_entity_name_com.name        
;Actin non-complementing mutant 1,Chromosome stability protein 10,SWI/SNF chromatin-remodeling complex subunit TAF14,SWI/SNF complex 29 kDa subunit,SWI/SNF complex subunit TAF14,TBP-associated factor 14,TBP-associated factor 30 kDa,Transcription factor G 30 kDa subunit,Transcription initiation factor TFIIF 30 kDa subunit
;
# 
loop_
_entity_poly.entity_id 
_entity_poly.type 
_entity_poly.nstd_linkage 
_entity_poly.nstd_monomer 
_entity_poly.pdbx_seq_one_letter_code 
_entity_poly.pdbx_seq_one_letter_code_can 
_entity_poly.pdbx_strand_id 
_entity_poly.pdbx_target_identifier 
1 'polypeptide(L)' no no  
;GPLGSMVATVKRTIRIKTQQHILPEVPPVENFPVRQWSIEIVLLDDEGKEIPATIFDKVIYHLHPTFANPNRTFTDPPFR
IEEQGWGGFPLDISVFLLEKAGERKIPHDLNFLQESYEVEHVIQIPLNKPLLTEELAKSGST
;
;GPLGSMVATVKRTIRIKTQQHILPEVPPVENFPVRQWSIEIVLLDDEGKEIPATIFDKVIYHLHPTFANPNRTFTDPPFR
IEEQGWGGFPLDISVFLLEKAGERKIPHDLNFLQESYEVEHVIQIPLNKPLLTEELAKSGST
;
A ? 
2 'polypeptide(L)' no yes '(ACE)QTAR(PRK)ST' XQTARXST B ? 
# 
loop_
_entity_poly_seq.entity_id 
_entity_poly_seq.num 
_entity_poly_seq.mon_id 
_entity_poly_seq.hetero 
1 1   GLY n 
1 2   PRO n 
1 3   LEU n 
1 4   GLY n 
1 5   SER n 
1 6   MET n 
1 7   VAL n 
1 8   ALA n 
1 9   THR n 
1 10  VAL n 
1 11  LYS n 
1 12  ARG n 
1 13  THR n 
1 14  ILE n 
1 15  ARG n 
1 16  ILE n 
1 17  LYS n 
1 18  THR n 
1 19  GLN n 
1 20  GLN n 
1 21  HIS n 
1 22  ILE n 
1 23  LEU n 
1 24  PRO n 
1 25  GLU n 
1 26  VAL n 
1 27  PRO n 
1 28  PRO n 
1 29  VAL n 
1 30  GLU n 
1 31  ASN n 
1 32  PHE n 
1 33  PRO n 
1 34  VAL n 
1 35  ARG n 
1 36  GLN n 
1 37  TRP n 
1 38  SER n 
1 39  ILE n 
1 40  GLU n 
1 41  ILE n 
1 42  VAL n 
1 43  LEU n 
1 44  LEU n 
1 45  ASP n 
1 46  ASP n 
1 47  GLU n 
1 48  GLY n 
1 49  LYS n 
1 50  GLU n 
1 51  ILE n 
1 52  PRO n 
1 53  ALA n 
1 54  THR n 
1 55  ILE n 
1 56  PHE n 
1 57  ASP n 
1 58  LYS n 
1 59  VAL n 
1 60  ILE n 
1 61  TYR n 
1 62  HIS n 
1 63  LEU n 
1 64  HIS n 
1 65  PRO n 
1 66  THR n 
1 67  PHE n 
1 68  ALA n 
1 69  ASN n 
1 70  PRO n 
1 71  ASN n 
1 72  ARG n 
1 73  THR n 
1 74  PHE n 
1 75  THR n 
1 76  ASP n 
1 77  PRO n 
1 78  PRO n 
1 79  PHE n 
1 80  ARG n 
1 81  ILE n 
1 82  GLU n 
1 83  GLU n 
1 84  GLN n 
1 85  GLY n 
1 86  TRP n 
1 87  GLY n 
1 88  GLY n 
1 89  PHE n 
1 90  PRO n 
1 91  LEU n 
1 92  ASP n 
1 93  ILE n 
1 94  SER n 
1 95  VAL n 
1 96  PHE n 
1 97  LEU n 
1 98  LEU n 
1 99  GLU n 
1 100 LYS n 
1 101 ALA n 
1 102 GLY n 
1 103 GLU n 
1 104 ARG n 
1 105 LYS n 
1 106 ILE n 
1 107 PRO n 
1 108 HIS n 
1 109 ASP n 
1 110 LEU n 
1 111 ASN n 
1 112 PHE n 
1 113 LEU n 
1 114 GLN n 
1 115 GLU n 
1 116 SER n 
1 117 TYR n 
1 118 GLU n 
1 119 VAL n 
1 120 GLU n 
1 121 HIS n 
1 122 VAL n 
1 123 ILE n 
1 124 GLN n 
1 125 ILE n 
1 126 PRO n 
1 127 LEU n 
1 128 ASN n 
1 129 LYS n 
1 130 PRO n 
1 131 LEU n 
1 132 LEU n 
1 133 THR n 
1 134 GLU n 
1 135 GLU n 
1 136 LEU n 
1 137 ALA n 
1 138 LYS n 
1 139 SER n 
1 140 GLY n 
1 141 SER n 
1 142 THR n 
2 1   ACE n 
2 2   GLN n 
2 3   THR n 
2 4   ALA n 
2 5   ARG n 
2 6   PRK n 
2 7   SER n 
2 8   THR n 
# 
_entity_src_gen.entity_id                          1 
_entity_src_gen.pdbx_src_id                        1 
_entity_src_gen.pdbx_alt_source_flag               sample 
_entity_src_gen.pdbx_seq_type                      'Biological sequence' 
_entity_src_gen.pdbx_beg_seq_num                   1 
_entity_src_gen.pdbx_end_seq_num                   142 
_entity_src_gen.gene_src_common_name               
;Baker's yeast
;
_entity_src_gen.gene_src_genus                     ? 
_entity_src_gen.pdbx_gene_src_gene                 'TAF14, ANC1, CST10, SWP29, TAF30, TFG3, YPL129W' 
_entity_src_gen.gene_src_species                   ? 
_entity_src_gen.gene_src_strain                    'ATCC 204508 / S288c' 
_entity_src_gen.gene_src_tissue                    ? 
_entity_src_gen.gene_src_tissue_fraction           ? 
_entity_src_gen.gene_src_details                   ? 
_entity_src_gen.pdbx_gene_src_fragment             ? 
_entity_src_gen.pdbx_gene_src_scientific_name      'Saccharomyces cerevisiae (strain ATCC 204508 / S288c)' 
_entity_src_gen.pdbx_gene_src_ncbi_taxonomy_id     559292 
_entity_src_gen.pdbx_gene_src_variant              ? 
_entity_src_gen.pdbx_gene_src_cell_line            ? 
_entity_src_gen.pdbx_gene_src_atcc                 ? 
_entity_src_gen.pdbx_gene_src_organ                ? 
_entity_src_gen.pdbx_gene_src_organelle            ? 
_entity_src_gen.pdbx_gene_src_cell                 ? 
_entity_src_gen.pdbx_gene_src_cellular_location    ? 
_entity_src_gen.host_org_common_name               ? 
_entity_src_gen.pdbx_host_org_scientific_name      'Escherichia coli' 
_entity_src_gen.pdbx_host_org_ncbi_taxonomy_id     562 
_entity_src_gen.host_org_genus                     ? 
_entity_src_gen.pdbx_host_org_gene                 ? 
_entity_src_gen.pdbx_host_org_organ                ? 
_entity_src_gen.host_org_species                   ? 
_entity_src_gen.pdbx_host_org_tissue               ? 
_entity_src_gen.pdbx_host_org_tissue_fraction      ? 
_entity_src_gen.pdbx_host_org_strain               ? 
_entity_src_gen.pdbx_host_org_variant              ? 
_entity_src_gen.pdbx_host_org_cell_line            ? 
_entity_src_gen.pdbx_host_org_atcc                 ? 
_entity_src_gen.pdbx_host_org_culture_collection   ? 
_entity_src_gen.pdbx_host_org_cell                 ? 
_entity_src_gen.pdbx_host_org_organelle            ? 
_entity_src_gen.pdbx_host_org_cellular_location    ? 
_entity_src_gen.pdbx_host_org_vector_type          ? 
_entity_src_gen.pdbx_host_org_vector               ? 
_entity_src_gen.host_org_details                   ? 
_entity_src_gen.expression_system_id               ? 
_entity_src_gen.plasmid_name                       ? 
_entity_src_gen.plasmid_details                    ? 
_entity_src_gen.pdbx_description                   ? 
# 
_pdbx_entity_src_syn.entity_id              2 
_pdbx_entity_src_syn.pdbx_src_id            1 
_pdbx_entity_src_syn.pdbx_alt_source_flag   sample 
_pdbx_entity_src_syn.pdbx_beg_seq_num       1 
_pdbx_entity_src_syn.pdbx_end_seq_num       8 
_pdbx_entity_src_syn.organism_scientific    'Homo sapiens' 
_pdbx_entity_src_syn.organism_common_name   Human 
_pdbx_entity_src_syn.ncbi_taxonomy_id       9606 
_pdbx_entity_src_syn.details                ? 
# 
loop_
_struct_ref.id 
_struct_ref.db_name 
_struct_ref.db_code 
_struct_ref.pdbx_db_accession 
_struct_ref.pdbx_db_isoform 
_struct_ref.entity_id 
_struct_ref.pdbx_seq_one_letter_code 
_struct_ref.pdbx_align_begin 
1 UNP TAF14_YEAST P35189 ? 1 
;MVATVKRTIRIKTQQHILPEVPPVENFPVRQWSIEIVLLDDEGKEIPATIFDKVIYHLHPTFANPNRTFTDPPFRIEEQG
WGGFPLDISVFLLEKAGERKIPHDLNFLQESYEVEHVIQIPLNKPLLTEELAKSGST
;
1 
2 PDB 6MIO        6MIO   ? 2 ? 1 
# 
loop_
_struct_ref_seq.align_id 
_struct_ref_seq.ref_id 
_struct_ref_seq.pdbx_PDB_id_code 
_struct_ref_seq.pdbx_strand_id 
_struct_ref_seq.seq_align_beg 
_struct_ref_seq.pdbx_seq_align_beg_ins_code 
_struct_ref_seq.seq_align_end 
_struct_ref_seq.pdbx_seq_align_end_ins_code 
_struct_ref_seq.pdbx_db_accession 
_struct_ref_seq.db_align_beg 
_struct_ref_seq.pdbx_db_align_beg_ins_code 
_struct_ref_seq.db_align_end 
_struct_ref_seq.pdbx_db_align_end_ins_code 
_struct_ref_seq.pdbx_auth_seq_align_beg 
_struct_ref_seq.pdbx_auth_seq_align_end 
1 1 6MIO A 6 ? 142 ? P35189 1 ? 137 ? 1 137 
2 2 6MIO B 1 ? 8   ? 6MIO   4 ? 11  ? 4 11  
# 
loop_
_struct_ref_seq_dif.align_id 
_struct_ref_seq_dif.pdbx_pdb_id_code 
_struct_ref_seq_dif.mon_id 
_struct_ref_seq_dif.pdbx_pdb_strand_id 
_struct_ref_seq_dif.seq_num 
_struct_ref_seq_dif.pdbx_pdb_ins_code 
_struct_ref_seq_dif.pdbx_seq_db_name 
_struct_ref_seq_dif.pdbx_seq_db_accession_code 
_struct_ref_seq_dif.db_mon_id 
_struct_ref_seq_dif.pdbx_seq_db_seq_num 
_struct_ref_seq_dif.details 
_struct_ref_seq_dif.pdbx_auth_seq_num 
_struct_ref_seq_dif.pdbx_ordinal 
1 6MIO GLY A 1 ? UNP P35189 ? ? 'expression tag' -4 1 
1 6MIO PRO A 2 ? UNP P35189 ? ? 'expression tag' -3 2 
1 6MIO LEU A 3 ? UNP P35189 ? ? 'expression tag' -2 3 
1 6MIO GLY A 4 ? UNP P35189 ? ? 'expression tag' -1 4 
1 6MIO SER A 5 ? UNP P35189 ? ? 'expression tag' 0  5 
# 
loop_
_chem_comp.id 
_chem_comp.type 
_chem_comp.mon_nstd_flag 
_chem_comp.name 
_chem_comp.pdbx_synonyms 
_chem_comp.formula 
_chem_comp.formula_weight 
ACE non-polymer         . 'ACETYL GROUP'          ?                      'C2 H4 O'        44.053  
ALA 'L-peptide linking' y ALANINE                 ?                      'C3 H7 N O2'     89.093  
ARG 'L-peptide linking' y ARGININE                ?                      'C6 H15 N4 O2 1' 175.209 
ASN 'L-peptide linking' y ASPARAGINE              ?                      'C4 H8 N2 O3'    132.118 
ASP 'L-peptide linking' y 'ASPARTIC ACID'         ?                      'C4 H7 N O4'     133.103 
GLN 'L-peptide linking' y GLUTAMINE               ?                      'C5 H10 N2 O3'   146.144 
GLU 'L-peptide linking' y 'GLUTAMIC ACID'         ?                      'C5 H9 N O4'     147.129 
GLY 'peptide linking'   y GLYCINE                 ?                      'C2 H5 N O2'     75.067  
HIS 'L-peptide linking' y HISTIDINE               ?                      'C6 H10 N3 O2 1' 156.162 
HOH non-polymer         . WATER                   ?                      'H2 O'           18.015  
ILE 'L-peptide linking' y ISOLEUCINE              ?                      'C6 H13 N O2'    131.173 
LEU 'L-peptide linking' y LEUCINE                 ?                      'C6 H13 N O2'    131.173 
LYS 'L-peptide linking' y LYSINE                  ?                      'C6 H15 N2 O2 1' 147.195 
MET 'L-peptide linking' y METHIONINE              ?                      'C5 H11 N O2 S'  149.211 
PHE 'L-peptide linking' y PHENYLALANINE           ?                      'C9 H11 N O2'    165.189 
PRK 'L-peptide linking' n N~6~-propanoyl-L-lysine 'N(6)-Propionyllysine' 'C9 H18 N2 O3'   202.251 
PRO 'L-peptide linking' y PROLINE                 ?                      'C5 H9 N O2'     115.130 
SER 'L-peptide linking' y SERINE                  ?                      'C3 H7 N O3'     105.093 
THR 'L-peptide linking' y THREONINE               ?                      'C4 H9 N O3'     119.119 
TRP 'L-peptide linking' y TRYPTOPHAN              ?                      'C11 H12 N2 O2'  204.225 
TYR 'L-peptide linking' y TYROSINE                ?                      'C9 H11 N O3'    181.189 
VAL 'L-peptide linking' y VALINE                  ?                      'C5 H11 N O2'    117.146 
# 
_exptl.absorpt_coefficient_mu     ? 
_exptl.absorpt_correction_T_max   ? 
_exptl.absorpt_correction_T_min   ? 
_exptl.absorpt_correction_type    ? 
_exptl.absorpt_process_details    ? 
_exptl.entry_id                   6MIO 
_exptl.crystals_number            1 
_exptl.details                    ? 
_exptl.method                     'X-RAY DIFFRACTION' 
_exptl.method_details             ? 
# 
_exptl_crystal.colour                      ? 
_exptl_crystal.density_diffrn              ? 
_exptl_crystal.density_Matthews            2.85 
_exptl_crystal.density_method              ? 
_exptl_crystal.density_percent_sol         56.78 
_exptl_crystal.description                 ? 
_exptl_crystal.F_000                       ? 
_exptl_crystal.id                          1 
_exptl_crystal.preparation                 ? 
_exptl_crystal.size_max                    ? 
_exptl_crystal.size_mid                    ? 
_exptl_crystal.size_min                    ? 
_exptl_crystal.size_rad                    ? 
_exptl_crystal.colour_lustre               ? 
_exptl_crystal.colour_modifier             ? 
_exptl_crystal.colour_primary              ? 
_exptl_crystal.density_meas                ? 
_exptl_crystal.density_meas_esd            ? 
_exptl_crystal.density_meas_gt             ? 
_exptl_crystal.density_meas_lt             ? 
_exptl_crystal.density_meas_temp           ? 
_exptl_crystal.density_meas_temp_esd       ? 
_exptl_crystal.density_meas_temp_gt        ? 
_exptl_crystal.density_meas_temp_lt        ? 
_exptl_crystal.pdbx_crystal_image_url      ? 
_exptl_crystal.pdbx_crystal_image_format   ? 
_exptl_crystal.pdbx_mosaicity              ? 
_exptl_crystal.pdbx_mosaicity_esd          ? 
# 
_exptl_crystal_grow.apparatus       ? 
_exptl_crystal_grow.atmosphere      ? 
_exptl_crystal_grow.crystal_id      1 
_exptl_crystal_grow.details         ? 
_exptl_crystal_grow.method          'VAPOR DIFFUSION, SITTING DROP' 
_exptl_crystal_grow.method_ref      ? 
_exptl_crystal_grow.pH              ? 
_exptl_crystal_grow.pressure        ? 
_exptl_crystal_grow.pressure_esd    ? 
_exptl_crystal_grow.seeding         ? 
_exptl_crystal_grow.seeding_ref     ? 
_exptl_crystal_grow.temp            291 
_exptl_crystal_grow.temp_details    ? 
_exptl_crystal_grow.temp_esd        ? 
_exptl_crystal_grow.time            ? 
_exptl_crystal_grow.pdbx_details    '46% PEG600 (v/v) and 0.2 M citric acid (pH 6.0)' 
_exptl_crystal_grow.pdbx_pH_range   ? 
# 
_diffrn.ambient_environment              ? 
_diffrn.ambient_temp                     100 
_diffrn.ambient_temp_details             ? 
_diffrn.ambient_temp_esd                 ? 
_diffrn.crystal_id                       1 
_diffrn.crystal_support                  ? 
_diffrn.crystal_treatment                ? 
_diffrn.details                          ? 
_diffrn.id                               1 
_diffrn.ambient_pressure                 ? 
_diffrn.ambient_pressure_esd             ? 
_diffrn.ambient_pressure_gt              ? 
_diffrn.ambient_pressure_lt              ? 
_diffrn.ambient_temp_gt                  ? 
_diffrn.ambient_temp_lt                  ? 
_diffrn.pdbx_serial_crystal_experiment   ? 
# 
_diffrn_detector.details                      ? 
_diffrn_detector.detector                     PIXEL 
_diffrn_detector.diffrn_id                    1 
_diffrn_detector.type                         'DECTRIS PILATUS 200K' 
_diffrn_detector.area_resol_mean              ? 
_diffrn_detector.dtime                        ? 
_diffrn_detector.pdbx_frames_total            ? 
_diffrn_detector.pdbx_collection_time_total   ? 
_diffrn_detector.pdbx_collection_date         2016-05-18 
_diffrn_detector.pdbx_frequency               ? 
# 
_diffrn_radiation.collimation                      ? 
_diffrn_radiation.diffrn_id                        1 
_diffrn_radiation.filter_edge                      ? 
_diffrn_radiation.inhomogeneity                    ? 
_diffrn_radiation.monochromator                    ? 
_diffrn_radiation.polarisn_norm                    ? 
_diffrn_radiation.polarisn_ratio                   ? 
_diffrn_radiation.probe                            ? 
_diffrn_radiation.type                             ? 
_diffrn_radiation.xray_symbol                      ? 
_diffrn_radiation.wavelength_id                    1 
_diffrn_radiation.pdbx_monochromatic_or_laue_m_l   M 
_diffrn_radiation.pdbx_wavelength_list             ? 
_diffrn_radiation.pdbx_wavelength                  ? 
_diffrn_radiation.pdbx_diffrn_protocol             'SINGLE WAVELENGTH' 
_diffrn_radiation.pdbx_analyzer                    ? 
_diffrn_radiation.pdbx_scattering_type             x-ray 
# 
_diffrn_radiation_wavelength.id           1 
_diffrn_radiation_wavelength.wavelength   1.54 
_diffrn_radiation_wavelength.wt           1.0 
# 
_diffrn_source.current                     ? 
_diffrn_source.details                     ? 
_diffrn_source.diffrn_id                   1 
_diffrn_source.power                       ? 
_diffrn_source.size                        ? 
_diffrn_source.source                      'ROTATING ANODE' 
_diffrn_source.target                      ? 
_diffrn_source.type                        'RIGAKU MICROMAX-007 HF' 
_diffrn_source.voltage                     ? 
_diffrn_source.take-off_angle              ? 
_diffrn_source.pdbx_wavelength_list        1.54 
_diffrn_source.pdbx_wavelength             ? 
_diffrn_source.pdbx_synchrotron_beamline   ? 
_diffrn_source.pdbx_synchrotron_site       ? 
# 
_reflns.B_iso_Wilson_estimate            ? 
_reflns.entry_id                         6MIO 
_reflns.data_reduction_details           ? 
_reflns.data_reduction_method            ? 
_reflns.d_resolution_high                1.85 
_reflns.d_resolution_low                 37.06 
_reflns.details                          ? 
_reflns.limit_h_max                      ? 
_reflns.limit_h_min                      ? 
_reflns.limit_k_max                      ? 
_reflns.limit_k_min                      ? 
_reflns.limit_l_max                      ? 
_reflns.limit_l_min                      ? 
_reflns.number_all                       ? 
_reflns.number_obs                       16550 
_reflns.observed_criterion               ? 
_reflns.observed_criterion_F_max         ? 
_reflns.observed_criterion_F_min         ? 
_reflns.observed_criterion_I_max         ? 
_reflns.observed_criterion_I_min         ? 
_reflns.observed_criterion_sigma_F       ? 
_reflns.observed_criterion_sigma_I       ? 
_reflns.percent_possible_obs             97.8 
_reflns.R_free_details                   ? 
_reflns.Rmerge_F_all                     ? 
_reflns.Rmerge_F_obs                     ? 
_reflns.Friedel_coverage                 ? 
_reflns.number_gt                        ? 
_reflns.threshold_expression             ? 
_reflns.pdbx_redundancy                  4.3 
_reflns.pdbx_Rmerge_I_obs                ? 
_reflns.pdbx_Rmerge_I_all                ? 
_reflns.pdbx_Rsym_value                  0.054 
_reflns.pdbx_netI_over_av_sigmaI         ? 
_reflns.pdbx_netI_over_sigmaI            51.8 
_reflns.pdbx_res_netI_over_av_sigmaI_2   ? 
_reflns.pdbx_res_netI_over_sigmaI_2      ? 
_reflns.pdbx_chi_squared                 ? 
_reflns.pdbx_scaling_rejects             ? 
_reflns.pdbx_d_res_high_opt              ? 
_reflns.pdbx_d_res_low_opt               ? 
_reflns.pdbx_d_res_opt_method            ? 
_reflns.phase_calculation_details        ? 
_reflns.pdbx_Rrim_I_all                  ? 
_reflns.pdbx_Rpim_I_all                  ? 
_reflns.pdbx_d_opt                       ? 
_reflns.pdbx_number_measured_all         ? 
_reflns.pdbx_diffrn_id                   1 
_reflns.pdbx_ordinal                     1 
_reflns.pdbx_CC_half                     ? 
_reflns.pdbx_R_split                     ? 
# 
_reflns_shell.d_res_high                  2.00 
_reflns_shell.d_res_low                   2.03 
_reflns_shell.meanI_over_sigI_all         ? 
_reflns_shell.meanI_over_sigI_obs         ? 
_reflns_shell.number_measured_all         ? 
_reflns_shell.number_measured_obs         ? 
_reflns_shell.number_possible             ? 
_reflns_shell.number_unique_all           ? 
_reflns_shell.number_unique_obs           ? 
_reflns_shell.percent_possible_all        ? 
_reflns_shell.percent_possible_obs        ? 
_reflns_shell.Rmerge_F_all                ? 
_reflns_shell.Rmerge_F_obs                ? 
_reflns_shell.Rmerge_I_all                ? 
_reflns_shell.Rmerge_I_obs                ? 
_reflns_shell.meanI_over_sigI_gt          ? 
_reflns_shell.meanI_over_uI_all           ? 
_reflns_shell.meanI_over_uI_gt            ? 
_reflns_shell.number_measured_gt          ? 
_reflns_shell.number_unique_gt            ? 
_reflns_shell.percent_possible_gt         ? 
_reflns_shell.Rmerge_F_gt                 ? 
_reflns_shell.Rmerge_I_gt                 ? 
_reflns_shell.pdbx_redundancy             ? 
_reflns_shell.pdbx_Rsym_value             0.15 
_reflns_shell.pdbx_chi_squared            ? 
_reflns_shell.pdbx_netI_over_sigmaI_all   ? 
_reflns_shell.pdbx_netI_over_sigmaI_obs   ? 
_reflns_shell.pdbx_Rrim_I_all             ? 
_reflns_shell.pdbx_Rpim_I_all             ? 
_reflns_shell.pdbx_rejects                ? 
_reflns_shell.pdbx_ordinal                1 
_reflns_shell.pdbx_diffrn_id              1 
_reflns_shell.pdbx_CC_half                ? 
_reflns_shell.pdbx_R_split                ? 
# 
_refine.aniso_B[1][1]                            ? 
_refine.aniso_B[1][2]                            ? 
_refine.aniso_B[1][3]                            ? 
_refine.aniso_B[2][2]                            ? 
_refine.aniso_B[2][3]                            ? 
_refine.aniso_B[3][3]                            ? 
_refine.B_iso_max                                ? 
_refine.B_iso_mean                               ? 
_refine.B_iso_min                                ? 
_refine.correlation_coeff_Fo_to_Fc               ? 
_refine.correlation_coeff_Fo_to_Fc_free          ? 
_refine.details                                  ? 
_refine.diff_density_max                         ? 
_refine.diff_density_max_esd                     ? 
_refine.diff_density_min                         ? 
_refine.diff_density_min_esd                     ? 
_refine.diff_density_rms                         ? 
_refine.diff_density_rms_esd                     ? 
_refine.entry_id                                 6MIO 
_refine.pdbx_refine_id                           'X-RAY DIFFRACTION' 
_refine.ls_abs_structure_details                 ? 
_refine.ls_abs_structure_Flack                   ? 
_refine.ls_abs_structure_Flack_esd               ? 
_refine.ls_abs_structure_Rogers                  ? 
_refine.ls_abs_structure_Rogers_esd              ? 
_refine.ls_d_res_high                            1.850 
_refine.ls_d_res_low                             37.057 
_refine.ls_extinction_coef                       ? 
_refine.ls_extinction_coef_esd                   ? 
_refine.ls_extinction_expression                 ? 
_refine.ls_extinction_method                     ? 
_refine.ls_goodness_of_fit_all                   ? 
_refine.ls_goodness_of_fit_all_esd               ? 
_refine.ls_goodness_of_fit_obs                   ? 
_refine.ls_goodness_of_fit_obs_esd               ? 
_refine.ls_hydrogen_treatment                    ? 
_refine.ls_matrix_type                           ? 
_refine.ls_number_constraints                    ? 
_refine.ls_number_parameters                     ? 
_refine.ls_number_reflns_all                     ? 
_refine.ls_number_reflns_obs                     15951 
_refine.ls_number_reflns_R_free                  1601 
_refine.ls_number_reflns_R_work                  ? 
_refine.ls_number_restraints                     ? 
_refine.ls_percent_reflns_obs                    94.31 
_refine.ls_percent_reflns_R_free                 10.04 
_refine.ls_R_factor_all                          ? 
_refine.ls_R_factor_obs                          0.1873 
_refine.ls_R_factor_R_free                       0.2319 
_refine.ls_R_factor_R_free_error                 ? 
_refine.ls_R_factor_R_free_error_details         ? 
_refine.ls_R_factor_R_work                       0.1823 
_refine.ls_R_Fsqd_factor_obs                     ? 
_refine.ls_R_I_factor_obs                        ? 
_refine.ls_redundancy_reflns_all                 ? 
_refine.ls_redundancy_reflns_obs                 ? 
_refine.ls_restrained_S_all                      ? 
_refine.ls_restrained_S_obs                      ? 
_refine.ls_shift_over_esd_max                    ? 
_refine.ls_shift_over_esd_mean                   ? 
_refine.ls_structure_factor_coef                 ? 
_refine.ls_weighting_details                     ? 
_refine.ls_weighting_scheme                      ? 
_refine.ls_wR_factor_all                         ? 
_refine.ls_wR_factor_obs                         ? 
_refine.ls_wR_factor_R_free                      ? 
_refine.ls_wR_factor_R_work                      ? 
_refine.occupancy_max                            ? 
_refine.occupancy_min                            ? 
_refine.solvent_model_details                    ? 
_refine.solvent_model_param_bsol                 ? 
_refine.solvent_model_param_ksol                 ? 
_refine.ls_R_factor_gt                           ? 
_refine.ls_goodness_of_fit_gt                    ? 
_refine.ls_goodness_of_fit_ref                   ? 
_refine.ls_shift_over_su_max                     ? 
_refine.ls_shift_over_su_max_lt                  ? 
_refine.ls_shift_over_su_mean                    ? 
_refine.ls_shift_over_su_mean_lt                 ? 
_refine.pdbx_ls_sigma_I                          ? 
_refine.pdbx_ls_sigma_F                          0.00 
_refine.pdbx_ls_sigma_Fsqd                       ? 
_refine.pdbx_data_cutoff_high_absF               ? 
_refine.pdbx_data_cutoff_high_rms_absF           ? 
_refine.pdbx_data_cutoff_low_absF                ? 
_refine.pdbx_isotropic_thermal_model             ? 
_refine.pdbx_ls_cross_valid_method               'FREE R-VALUE' 
_refine.pdbx_method_to_determine_struct          'MOLECULAR REPLACEMENT' 
_refine.pdbx_starting_model                      5IOK 
_refine.pdbx_stereochemistry_target_values       ? 
_refine.pdbx_R_Free_selection_details            ? 
_refine.pdbx_stereochem_target_val_spec_case     ? 
_refine.pdbx_overall_ESU_R                       ? 
_refine.pdbx_overall_ESU_R_Free                  ? 
_refine.pdbx_solvent_vdw_probe_radii             1.11 
_refine.pdbx_solvent_ion_probe_radii             ? 
_refine.pdbx_solvent_shrinkage_radii             0.90 
_refine.pdbx_real_space_R                        ? 
_refine.pdbx_density_correlation                 ? 
_refine.pdbx_pd_number_of_powder_patterns        ? 
_refine.pdbx_pd_number_of_points                 ? 
_refine.pdbx_pd_meas_number_of_points            ? 
_refine.pdbx_pd_proc_ls_prof_R_factor            ? 
_refine.pdbx_pd_proc_ls_prof_wR_factor           ? 
_refine.pdbx_pd_Marquardt_correlation_coeff      ? 
_refine.pdbx_pd_Fsqrd_R_factor                   ? 
_refine.pdbx_pd_ls_matrix_band_width             ? 
_refine.pdbx_overall_phase_error                 23.52 
_refine.pdbx_overall_SU_R_free_Cruickshank_DPI   ? 
_refine.pdbx_overall_SU_R_free_Blow_DPI          ? 
_refine.pdbx_overall_SU_R_Blow_DPI               ? 
_refine.pdbx_TLS_residual_ADP_flag               ? 
_refine.pdbx_diffrn_id                           1 
_refine.overall_SU_B                             ? 
_refine.overall_SU_ML                            0.21 
_refine.overall_SU_R_Cruickshank_DPI             ? 
_refine.overall_SU_R_free                        ? 
_refine.overall_FOM_free_R_set                   ? 
_refine.overall_FOM_work_R_set                   ? 
_refine.pdbx_average_fsc_overall                 ? 
_refine.pdbx_average_fsc_work                    ? 
_refine.pdbx_average_fsc_free                    ? 
# 
_refine_hist.pdbx_refine_id                   'X-RAY DIFFRACTION' 
_refine_hist.cycle_id                         LAST 
_refine_hist.pdbx_number_atoms_protein        1199 
_refine_hist.pdbx_number_atoms_nucleic_acid   0 
_refine_hist.pdbx_number_atoms_ligand         0 
_refine_hist.number_atoms_solvent             180 
_refine_hist.number_atoms_total               1379 
_refine_hist.d_res_high                       1.850 
_refine_hist.d_res_low                        37.057 
# 
loop_
_refine_ls_restr.pdbx_refine_id 
_refine_ls_restr.criterion 
_refine_ls_restr.dev_ideal 
_refine_ls_restr.dev_ideal_target 
_refine_ls_restr.number 
_refine_ls_restr.rejects 
_refine_ls_restr.type 
_refine_ls_restr.weight 
_refine_ls_restr.pdbx_restraint_function 
'X-RAY DIFFRACTION' ? 0.007  ? 1243 ? f_bond_d           ? ? 
'X-RAY DIFFRACTION' ? 0.914  ? 1694 ? f_angle_d          ? ? 
'X-RAY DIFFRACTION' ? 17.814 ? 477  ? f_dihedral_angle_d ? ? 
'X-RAY DIFFRACTION' ? 0.060  ? 189  ? f_chiral_restr     ? ? 
'X-RAY DIFFRACTION' ? 0.006  ? 223  ? f_plane_restr      ? ? 
# 
loop_
_refine_ls_shell.pdbx_refine_id 
_refine_ls_shell.d_res_high 
_refine_ls_shell.d_res_low 
_refine_ls_shell.number_reflns_all 
_refine_ls_shell.number_reflns_obs 
_refine_ls_shell.number_reflns_R_free 
_refine_ls_shell.number_reflns_R_work 
_refine_ls_shell.percent_reflns_obs 
_refine_ls_shell.percent_reflns_R_free 
_refine_ls_shell.R_factor_all 
_refine_ls_shell.R_factor_obs 
_refine_ls_shell.R_factor_R_free 
_refine_ls_shell.R_factor_R_free_error 
_refine_ls_shell.R_factor_R_work 
_refine_ls_shell.redundancy_reflns_all 
_refine_ls_shell.redundancy_reflns_obs 
_refine_ls_shell.wR_factor_all 
_refine_ls_shell.wR_factor_obs 
_refine_ls_shell.wR_factor_R_free 
_refine_ls_shell.wR_factor_R_work 
_refine_ls_shell.pdbx_total_number_of_bins_used 
_refine_ls_shell.pdbx_phase_error 
_refine_ls_shell.pdbx_fsc_work 
_refine_ls_shell.pdbx_fsc_free 
'X-RAY DIFFRACTION' 1.8497 1.9094  . . 136 1144 85.00 . . . 0.2865 . 0.2360 . . . . . . . . . . 
'X-RAY DIFFRACTION' 1.9094 1.9777  . . 129 1193 87.00 . . . 0.2745 . 0.2311 . . . . . . . . . . 
'X-RAY DIFFRACTION' 1.9777 2.0569  . . 142 1251 91.00 . . . 0.2767 . 0.2055 . . . . . . . . . . 
'X-RAY DIFFRACTION' 2.0569 2.1505  . . 145 1279 94.00 . . . 0.2731 . 0.2060 . . . . . . . . . . 
'X-RAY DIFFRACTION' 2.1505 2.2638  . . 142 1314 97.00 . . . 0.2646 . 0.2109 . . . . . . . . . . 
'X-RAY DIFFRACTION' 2.2638 2.4056  . . 156 1348 97.00 . . . 0.2306 . 0.2012 . . . . . . . . . . 
'X-RAY DIFFRACTION' 2.4056 2.5913  . . 147 1328 96.00 . . . 0.2400 . 0.1903 . . . . . . . . . . 
'X-RAY DIFFRACTION' 2.5913 2.8520  . . 141 1334 97.00 . . . 0.2580 . 0.2037 . . . . . . . . . . 
'X-RAY DIFFRACTION' 2.8520 3.2645  . . 152 1362 97.00 . . . 0.2416 . 0.1907 . . . . . . . . . . 
'X-RAY DIFFRACTION' 3.2645 4.1121  . . 150 1377 99.00 . . . 0.1787 . 0.1520 . . . . . . . . . . 
'X-RAY DIFFRACTION' 4.1121 37.0644 . . 161 1420 96.00 . . . 0.2178 . 0.1537 . . . . . . . . . . 
# 
_struct.entry_id                     6MIO 
_struct.title                        'Crystal structure of Taf14 YEATS domain in complex with histone H3K9pr' 
_struct.pdbx_model_details           ? 
_struct.pdbx_formula_weight          ? 
_struct.pdbx_formula_weight_method   ? 
_struct.pdbx_model_type_details      ? 
_struct.pdbx_CASP_flag               N 
# 
_struct_keywords.entry_id        6MIO 
_struct_keywords.text            'Transcription, Epigenetic, Histone reader' 
_struct_keywords.pdbx_keywords   TRANSCRIPTION 
# 
loop_
_struct_asym.id 
_struct_asym.pdbx_blank_PDB_chainid_flag 
_struct_asym.pdbx_modified 
_struct_asym.entity_id 
_struct_asym.details 
A N N 1 ? 
B N N 2 ? 
C N N 3 ? 
D N N 3 ? 
# 
loop_
_struct_conf.conf_type_id 
_struct_conf.id 
_struct_conf.pdbx_PDB_helix_id 
_struct_conf.beg_label_comp_id 
_struct_conf.beg_label_asym_id 
_struct_conf.beg_label_seq_id 
_struct_conf.pdbx_beg_PDB_ins_code 
_struct_conf.end_label_comp_id 
_struct_conf.end_label_asym_id 
_struct_conf.end_label_seq_id 
_struct_conf.pdbx_end_PDB_ins_code 
_struct_conf.beg_auth_comp_id 
_struct_conf.beg_auth_asym_id 
_struct_conf.beg_auth_seq_id 
_struct_conf.end_auth_comp_id 
_struct_conf.end_auth_asym_id 
_struct_conf.end_auth_seq_id 
_struct_conf.pdbx_PDB_helix_class 
_struct_conf.details 
_struct_conf.pdbx_PDB_helix_length 
HELX_P HELX_P1 AA1 LEU A 3   ? VAL A 7   ? LEU A -2  VAL A 2   5 ? 5 
HELX_P HELX_P2 AA2 GLU A 99  ? ALA A 101 ? GLU A 94  ALA A 96  5 ? 3 
HELX_P HELX_P3 AA3 LYS A 129 ? ALA A 137 ? LYS A 124 ALA A 132 1 ? 9 
HELX_P HELX_P4 AA4 LYS A 138 ? GLY A 140 ? LYS A 133 GLY A 135 5 ? 3 
# 
_struct_conf_type.id          HELX_P 
_struct_conf_type.criteria    ? 
_struct_conf_type.reference   ? 
# 
loop_
_struct_conn.id 
_struct_conn.conn_type_id 
_struct_conn.pdbx_leaving_atom_flag 
_struct_conn.pdbx_PDB_id 
_struct_conn.ptnr1_label_asym_id 
_struct_conn.ptnr1_label_comp_id 
_struct_conn.ptnr1_label_seq_id 
_struct_conn.ptnr1_label_atom_id 
_struct_conn.pdbx_ptnr1_label_alt_id 
_struct_conn.pdbx_ptnr1_PDB_ins_code 
_struct_conn.pdbx_ptnr1_standard_comp_id 
_struct_conn.ptnr1_symmetry 
_struct_conn.ptnr2_label_asym_id 
_struct_conn.ptnr2_label_comp_id 
_struct_conn.ptnr2_label_seq_id 
_struct_conn.ptnr2_label_atom_id 
_struct_conn.pdbx_ptnr2_label_alt_id 
_struct_conn.pdbx_ptnr2_PDB_ins_code 
_struct_conn.ptnr1_auth_asym_id 
_struct_conn.ptnr1_auth_comp_id 
_struct_conn.ptnr1_auth_seq_id 
_struct_conn.ptnr2_auth_asym_id 
_struct_conn.ptnr2_auth_comp_id 
_struct_conn.ptnr2_auth_seq_id 
_struct_conn.ptnr2_symmetry 
_struct_conn.pdbx_ptnr3_label_atom_id 
_struct_conn.pdbx_ptnr3_label_seq_id 
_struct_conn.pdbx_ptnr3_label_comp_id 
_struct_conn.pdbx_ptnr3_label_asym_id 
_struct_conn.pdbx_ptnr3_label_alt_id 
_struct_conn.pdbx_ptnr3_PDB_ins_code 
_struct_conn.details 
_struct_conn.pdbx_dist_value 
_struct_conn.pdbx_value_order 
_struct_conn.pdbx_role 
covale1 covale both ? B ACE 1 C ? ? ? 1_555 B GLN 2 N ? ? B ACE 4 B GLN 5  1_555 ? ? ? ? ? ? ? 1.315 ? ? 
covale2 covale both ? B ARG 5 C ? ? ? 1_555 B PRK 6 N ? ? B ARG 8 B PRK 9  1_555 ? ? ? ? ? ? ? 1.332 ? ? 
covale3 covale both ? B PRK 6 C ? ? ? 1_555 B SER 7 N ? ? B PRK 9 B SER 10 1_555 ? ? ? ? ? ? ? 1.331 ? ? 
# 
_struct_conn_type.id          covale 
_struct_conn_type.criteria    ? 
_struct_conn_type.reference   ? 
# 
_struct_mon_prot_cis.pdbx_id                1 
_struct_mon_prot_cis.label_comp_id          PRO 
_struct_mon_prot_cis.label_seq_id           77 
_struct_mon_prot_cis.label_asym_id          A 
_struct_mon_prot_cis.label_alt_id           . 
_struct_mon_prot_cis.pdbx_PDB_ins_code      ? 
_struct_mon_prot_cis.auth_comp_id           PRO 
_struct_mon_prot_cis.auth_seq_id            72 
_struct_mon_prot_cis.auth_asym_id           A 
_struct_mon_prot_cis.pdbx_label_comp_id_2   PRO 
_struct_mon_prot_cis.pdbx_label_seq_id_2    78 
_struct_mon_prot_cis.pdbx_label_asym_id_2   A 
_struct_mon_prot_cis.pdbx_PDB_ins_code_2    ? 
_struct_mon_prot_cis.pdbx_auth_comp_id_2    PRO 
_struct_mon_prot_cis.pdbx_auth_seq_id_2     73 
_struct_mon_prot_cis.pdbx_auth_asym_id_2    A 
_struct_mon_prot_cis.pdbx_PDB_model_num     1 
_struct_mon_prot_cis.pdbx_omega_angle       3.66 
# 
loop_
_struct_sheet.id 
_struct_sheet.type 
_struct_sheet.number_strands 
_struct_sheet.details 
AA1 ? 3 ? 
AA2 ? 4 ? 
AA3 ? 4 ? 
# 
loop_
_struct_sheet_order.sheet_id 
_struct_sheet_order.range_id_1 
_struct_sheet_order.range_id_2 
_struct_sheet_order.offset 
_struct_sheet_order.sense 
AA1 1 2 ? anti-parallel 
AA1 2 3 ? anti-parallel 
AA2 1 2 ? anti-parallel 
AA2 2 3 ? anti-parallel 
AA2 3 4 ? anti-parallel 
AA3 1 2 ? anti-parallel 
AA3 2 3 ? anti-parallel 
AA3 3 4 ? anti-parallel 
# 
loop_
_struct_sheet_range.sheet_id 
_struct_sheet_range.id 
_struct_sheet_range.beg_label_comp_id 
_struct_sheet_range.beg_label_asym_id 
_struct_sheet_range.beg_label_seq_id 
_struct_sheet_range.pdbx_beg_PDB_ins_code 
_struct_sheet_range.end_label_comp_id 
_struct_sheet_range.end_label_asym_id 
_struct_sheet_range.end_label_seq_id 
_struct_sheet_range.pdbx_end_PDB_ins_code 
_struct_sheet_range.beg_auth_comp_id 
_struct_sheet_range.beg_auth_asym_id 
_struct_sheet_range.beg_auth_seq_id 
_struct_sheet_range.end_auth_comp_id 
_struct_sheet_range.end_auth_asym_id 
_struct_sheet_range.end_auth_seq_id 
AA1 1 GLU A 50  ? ILE A 51  ? GLU A 45  ILE A 46  
AA1 2 ARG A 35  ? LEU A 44  ? ARG A 30  LEU A 39  
AA1 3 ILE A 81  ? GLY A 85  ? ILE A 76  GLY A 80  
AA2 1 GLU A 50  ? ILE A 51  ? GLU A 45  ILE A 46  
AA2 2 ARG A 35  ? LEU A 44  ? ARG A 30  LEU A 39  
AA2 3 THR A 9   ? ILE A 22  ? THR A 4   ILE A 17  
AA2 4 SER A 116 ? PRO A 126 ? SER A 111 PRO A 121 
AA3 1 ASN A 71  ? PHE A 74  ? ASN A 66  PHE A 69  
AA3 2 PHE A 56  ? HIS A 62  ? PHE A 51  HIS A 57  
AA3 3 PHE A 89  ? LEU A 97  ? PHE A 84  LEU A 92  
AA3 4 GLY A 102 ? LEU A 110 ? GLY A 97  LEU A 105 
# 
loop_
_pdbx_struct_sheet_hbond.sheet_id 
_pdbx_struct_sheet_hbond.range_id_1 
_pdbx_struct_sheet_hbond.range_id_2 
_pdbx_struct_sheet_hbond.range_1_label_atom_id 
_pdbx_struct_sheet_hbond.range_1_label_comp_id 
_pdbx_struct_sheet_hbond.range_1_label_asym_id 
_pdbx_struct_sheet_hbond.range_1_label_seq_id 
_pdbx_struct_sheet_hbond.range_1_PDB_ins_code 
_pdbx_struct_sheet_hbond.range_1_auth_atom_id 
_pdbx_struct_sheet_hbond.range_1_auth_comp_id 
_pdbx_struct_sheet_hbond.range_1_auth_asym_id 
_pdbx_struct_sheet_hbond.range_1_auth_seq_id 
_pdbx_struct_sheet_hbond.range_2_label_atom_id 
_pdbx_struct_sheet_hbond.range_2_label_comp_id 
_pdbx_struct_sheet_hbond.range_2_label_asym_id 
_pdbx_struct_sheet_hbond.range_2_label_seq_id 
_pdbx_struct_sheet_hbond.range_2_PDB_ins_code 
_pdbx_struct_sheet_hbond.range_2_auth_atom_id 
_pdbx_struct_sheet_hbond.range_2_auth_comp_id 
_pdbx_struct_sheet_hbond.range_2_auth_asym_id 
_pdbx_struct_sheet_hbond.range_2_auth_seq_id 
AA1 1 2 O ILE A 51 ? O ILE A 46 N LEU A 43  ? N LEU A 38  
AA1 2 3 N ARG A 35 ? N ARG A 30 O GLY A 85  ? O GLY A 80  
AA2 1 2 O ILE A 51 ? O ILE A 46 N LEU A 43  ? N LEU A 38  
AA2 2 3 O GLU A 40 ? O GLU A 35 N LYS A 17  ? N LYS A 12  
AA2 3 4 N ILE A 14 ? N ILE A 9  O HIS A 121 ? O HIS A 116 
AA3 1 2 O PHE A 74 ? O PHE A 69 N VAL A 59  ? N VAL A 54  
AA3 2 3 N LYS A 58 ? N LYS A 53 O PHE A 96  ? O PHE A 91  
AA3 3 4 N ILE A 93 ? N ILE A 88 O ILE A 106 ? O ILE A 101 
# 
_atom_sites.entry_id                    6MIO 
_atom_sites.fract_transf_matrix[1][1]   -0.00892526 
_atom_sites.fract_transf_matrix[1][2]   -0.00434114 
_atom_sites.fract_transf_matrix[1][3]   -0.00235079 
_atom_sites.fract_transf_matrix[2][1]   -0.00815171 
_atom_sites.fract_transf_matrix[2][2]   0.00582027 
_atom_sites.fract_transf_matrix[2][3]   -0.00192722 
_atom_sites.fract_transf_matrix[3][1]   0.00932730 
_atom_sites.fract_transf_matrix[3][2]   0.00083001 
_atom_sites.fract_transf_matrix[3][3]   -0.03694577 
_atom_sites.fract_transf_vector[1]      0.450486 
_atom_sites.fract_transf_vector[2]      0.129897 
_atom_sites.fract_transf_vector[3]      0.216173 
# 
loop_
_atom_type.symbol 
C 
N 
O 
S 
# 
loop_
_atom_site.group_PDB 
_atom_site.id 
_atom_site.type_symbol 
_atom_site.label_atom_id 
_atom_site.label_alt_id 
_atom_site.label_comp_id 
_atom_site.label_asym_id 
_atom_site.label_entity_id 
_atom_site.label_seq_id 
_atom_site.pdbx_PDB_ins_code 
_atom_site.Cartn_x 
_atom_site.Cartn_y 
_atom_site.Cartn_z 
_atom_site.occupancy 
_atom_site.B_iso_or_equiv 
_atom_site.pdbx_formal_charge 
_atom_site.auth_seq_id 
_atom_site.auth_comp_id 
_atom_site.auth_asym_id 
_atom_site.auth_atom_id 
_atom_site.pdbx_PDB_model_num 
ATOM   1    N N   . GLY A 1 1   ? 16.206  -7.856  17.681  1.00 66.71 ? -4  GLY A N   1 
ATOM   2    C CA  . GLY A 1 1   ? 16.747  -8.841  16.758  1.00 76.21 ? -4  GLY A CA  1 
ATOM   3    C C   . GLY A 1 1   ? 15.819  -10.015 16.509  1.00 70.86 ? -4  GLY A C   1 
ATOM   4    O O   . GLY A 1 1   ? 14.980  -10.332 17.353  1.00 65.61 ? -4  GLY A O   1 
ATOM   5    N N   . PRO A 1 2   ? 15.955  -10.655 15.348  1.00 78.07 ? -3  PRO A N   1 
ATOM   6    C CA  . PRO A 1 2   ? 15.103  -11.812 15.041  1.00 66.09 ? -3  PRO A CA  1 
ATOM   7    C C   . PRO A 1 2   ? 15.363  -12.971 15.992  1.00 56.67 ? -3  PRO A C   1 
ATOM   8    O O   . PRO A 1 2   ? 16.434  -13.101 16.589  1.00 59.84 ? -3  PRO A O   1 
ATOM   9    C CB  . PRO A 1 2   ? 15.483  -12.181 13.599  1.00 67.67 ? -3  PRO A CB  1 
ATOM   10   C CG  . PRO A 1 2   ? 16.300  -11.060 13.071  1.00 74.11 ? -3  PRO A CG  1 
ATOM   11   C CD  . PRO A 1 2   ? 16.794  -10.231 14.212  1.00 81.97 ? -3  PRO A CD  1 
ATOM   12   N N   . LEU A 1 3   ? 14.350  -13.827 16.129  1.00 44.56 ? -2  LEU A N   1 
ATOM   13   C CA  . LEU A 1 3   ? 14.415  -15.003 16.982  1.00 43.94 ? -2  LEU A CA  1 
ATOM   14   C C   . LEU A 1 3   ? 13.774  -16.184 16.264  1.00 42.11 ? -2  LEU A C   1 
ATOM   15   O O   . LEU A 1 3   ? 12.761  -16.023 15.576  1.00 31.02 ? -2  LEU A O   1 
ATOM   16   C CB  . LEU A 1 3   ? 13.707  -14.751 18.320  1.00 43.75 ? -2  LEU A CB  1 
ATOM   17   C CG  . LEU A 1 3   ? 14.176  -15.482 19.575  1.00 48.76 ? -2  LEU A CG  1 
ATOM   18   C CD1 . LEU A 1 3   ? 15.657  -15.216 19.856  1.00 41.73 ? -2  LEU A CD1 1 
ATOM   19   C CD2 . LEU A 1 3   ? 13.318  -15.054 20.756  1.00 42.39 ? -2  LEU A CD2 1 
ATOM   20   N N   . GLY A 1 4   ? 14.382  -17.362 16.411  1.00 31.25 ? -1  GLY A N   1 
ATOM   21   C CA  . GLY A 1 4   ? 13.793  -18.580 15.870  1.00 35.16 ? -1  GLY A CA  1 
ATOM   22   C C   . GLY A 1 4   ? 13.567  -18.516 14.367  1.00 34.15 ? -1  GLY A C   1 
ATOM   23   O O   . GLY A 1 4   ? 14.445  -18.118 13.588  1.00 28.50 ? -1  GLY A O   1 
ATOM   24   N N   . SER A 1 5   ? 12.359  -18.907 13.952  1.00 30.08 ? 0   SER A N   1 
ATOM   25   C CA  . SER A 1 5   ? 12.021  -18.956 12.533  1.00 31.66 ? 0   SER A CA  1 
ATOM   26   C C   . SER A 1 5   ? 12.135  -17.597 11.856  1.00 33.17 ? 0   SER A C   1 
ATOM   27   O O   . SER A 1 5   ? 12.331  -17.538 10.634  1.00 34.42 ? 0   SER A O   1 
ATOM   28   C CB  . SER A 1 5   ? 10.603  -19.501 12.347  1.00 36.46 ? 0   SER A CB  1 
ATOM   29   O OG  . SER A 1 5   ? 9.627   -18.563 12.779  1.00 38.99 ? 0   SER A OG  1 
ATOM   30   N N   . MET A 1 6   ? 12.011  -16.506 12.610  1.00 34.37 ? 1   MET A N   1 
ATOM   31   C CA  . MET A 1 6   ? 12.117  -15.177 12.025  1.00 29.82 ? 1   MET A CA  1 
ATOM   32   C C   . MET A 1 6   ? 13.552  -14.790 11.703  1.00 32.90 ? 1   MET A C   1 
ATOM   33   O O   . MET A 1 6   ? 13.767  -13.747 11.077  1.00 28.37 ? 1   MET A O   1 
ATOM   34   C CB  . MET A 1 6   ? 11.480  -14.144 12.954  1.00 27.69 ? 1   MET A CB  1 
ATOM   35   C CG  . MET A 1 6   ? 9.962   -14.065 12.785  1.00 50.76 ? 1   MET A CG  1 
ATOM   36   S SD  . MET A 1 6   ? 9.172   -12.760 13.743  1.00 60.73 ? 1   MET A SD  1 
ATOM   37   C CE  . MET A 1 6   ? 7.452   -13.269 13.635  1.00 61.19 ? 1   MET A CE  1 
ATOM   38   N N   . VAL A 1 7   ? 14.535  -15.607 12.089  1.00 31.37 ? 2   VAL A N   1 
ATOM   39   C CA  . VAL A 1 7   ? 15.901  -15.324 11.657  1.00 30.55 ? 2   VAL A CA  1 
ATOM   40   C C   . VAL A 1 7   ? 16.040  -15.516 10.144  1.00 23.53 ? 2   VAL A C   1 
ATOM   41   O O   . VAL A 1 7   ? 16.805  -14.799 9.490   1.00 30.45 ? 2   VAL A O   1 
ATOM   42   C CB  . VAL A 1 7   ? 16.902  -16.194 12.442  1.00 31.60 ? 2   VAL A CB  1 
ATOM   43   C CG1 . VAL A 1 7   ? 18.313  -15.975 11.926  1.00 30.05 ? 2   VAL A CG1 1 
ATOM   44   C CG2 . VAL A 1 7   ? 16.823  -15.881 13.937  1.00 36.14 ? 2   VAL A CG2 1 
ATOM   45   N N   . ALA A 1 8   ? 15.280  -16.445 9.558   1.00 22.71 ? 3   ALA A N   1 
ATOM   46   C CA  . ALA A 1 8   ? 15.400  -16.754 8.135   1.00 22.18 ? 3   ALA A CA  1 
ATOM   47   C C   . ALA A 1 8   ? 14.555  -15.816 7.274   1.00 23.52 ? 3   ALA A C   1 
ATOM   48   O O   . ALA A 1 8   ? 13.714  -16.269 6.487   1.00 20.45 ? 3   ALA A O   1 
ATOM   49   C CB  . ALA A 1 8   ? 15.012  -18.210 7.880   1.00 28.39 ? 3   ALA A CB  1 
ATOM   50   N N   . THR A 1 9   ? 14.766  -14.511 7.424   1.00 22.07 ? 4   THR A N   1 
ATOM   51   C CA  . THR A 1 9   ? 14.009  -13.501 6.692   1.00 16.42 ? 4   THR A CA  1 
ATOM   52   C C   . THR A 1 9   ? 14.922  -12.323 6.369   1.00 22.14 ? 4   THR A C   1 
ATOM   53   O O   . THR A 1 9   ? 16.004  -12.175 6.937   1.00 19.92 ? 4   THR A O   1 
ATOM   54   C CB  . THR A 1 9   ? 12.796  -12.991 7.495   1.00 23.13 ? 4   THR A CB  1 
ATOM   55   O OG1 . THR A 1 9   ? 13.246  -12.342 8.691   1.00 20.70 ? 4   THR A OG1 1 
ATOM   56   C CG2 . THR A 1 9   ? 11.835  -14.118 7.860   1.00 24.96 ? 4   THR A CG2 1 
ATOM   57   N N   . VAL A 1 10  ? 14.466  -11.466 5.459   1.00 19.84 ? 5   VAL A N   1 
ATOM   58   C CA  . VAL A 1 10  ? 15.147  -10.219 5.125   1.00 14.20 ? 5   VAL A CA  1 
ATOM   59   C C   . VAL A 1 10  ? 14.133  -9.092  5.245   1.00 19.28 ? 5   VAL A C   1 
ATOM   60   O O   . VAL A 1 10  ? 12.932  -9.306  5.077   1.00 18.15 ? 5   VAL A O   1 
ATOM   61   C CB  . VAL A 1 10  ? 15.775  -10.254 3.704   1.00 19.46 ? 5   VAL A CB  1 
ATOM   62   C CG1 . VAL A 1 10  ? 14.699  -10.305 2.601   1.00 17.98 ? 5   VAL A CG1 1 
ATOM   63   C CG2 . VAL A 1 10  ? 16.677  -9.070  3.497   1.00 29.43 ? 5   VAL A CG2 1 
ATOM   64   N N   . LYS A 1 11  ? 14.606  -7.889  5.549   1.00 17.19 ? 6   LYS A N   1 
ATOM   65   C CA  . LYS A 1 11  ? 13.722  -6.730  5.614   1.00 19.38 ? 6   LYS A CA  1 
ATOM   66   C C   . LYS A 1 11  ? 13.752  -5.954  4.303   1.00 19.34 ? 6   LYS A C   1 
ATOM   67   O O   . LYS A 1 11  ? 14.801  -5.805  3.675   1.00 19.07 ? 6   LYS A O   1 
ATOM   68   C CB  . LYS A 1 11  ? 14.102  -5.813  6.777   1.00 26.69 ? 6   LYS A CB  1 
ATOM   69   C CG  . LYS A 1 11  ? 14.217  -6.533  8.103   1.00 25.71 ? 6   LYS A CG  1 
ATOM   70   C CD  . LYS A 1 11  ? 14.136  -5.563  9.265   1.00 37.30 ? 6   LYS A CD  1 
ATOM   71   C CE  . LYS A 1 11  ? 15.147  -5.906  10.351  1.00 50.31 ? 6   LYS A CE  1 
ATOM   72   N NZ  . LYS A 1 11  ? 15.726  -4.675  10.975  1.00 61.44 ? 6   LYS A NZ  1 
ATOM   73   N N   . ARG A 1 12  ? 12.586  -5.467  3.887   1.00 17.31 ? 7   ARG A N   1 
ATOM   74   C CA  . ARG A 1 12  ? 12.518  -4.577  2.737   1.00 14.91 ? 7   ARG A CA  1 
ATOM   75   C C   . ARG A 1 12  ? 11.616  -3.419  3.114   1.00 15.41 ? 7   ARG A C   1 
ATOM   76   O O   . ARG A 1 12  ? 10.654  -3.597  3.863   1.00 15.97 ? 7   ARG A O   1 
ATOM   77   C CB  . ARG A 1 12  ? 11.949  -5.264  1.483   1.00 18.08 ? 7   ARG A CB  1 
ATOM   78   C CG  . ARG A 1 12  ? 12.897  -6.246  0.785   1.00 14.50 ? 7   ARG A CG  1 
ATOM   79   C CD  . ARG A 1 12  ? 14.045  -5.507  0.133   1.00 16.31 ? 7   ARG A CD  1 
ATOM   80   N NE  . ARG A 1 12  ? 14.896  -6.391  -0.659  1.00 22.64 ? 7   ARG A NE  1 
ATOM   81   C CZ  . ARG A 1 12  ? 15.946  -7.034  -0.163  1.00 25.54 ? 7   ARG A CZ  1 
ATOM   82   N NH1 . ARG A 1 12  ? 16.252  -6.899  1.124   1.00 25.04 ? 7   ARG A NH1 1 
ATOM   83   N NH2 . ARG A 1 12  ? 16.684  -7.813  -0.944  1.00 22.96 ? 7   ARG A NH2 1 
ATOM   84   N N   . THR A 1 13  ? 11.919  -2.245  2.573   1.00 17.00 ? 8   THR A N   1 
ATOM   85   C CA  . THR A 1 13  ? 11.101  -1.059  2.786   1.00 19.74 ? 8   THR A CA  1 
ATOM   86   C C   . THR A 1 13  ? 10.188  -0.822  1.585   1.00 15.22 ? 8   THR A C   1 
ATOM   87   O O   . THR A 1 13  ? 10.655  -0.762  0.443   1.00 16.81 ? 8   THR A O   1 
ATOM   88   C CB  . THR A 1 13  ? 11.965  0.179   3.023   1.00 24.83 ? 8   THR A CB  1 
ATOM   89   O OG1 . THR A 1 13  ? 12.750  0.002   4.208   1.00 20.65 ? 8   THR A OG1 1 
ATOM   90   C CG2 . THR A 1 13  ? 11.073  1.398   3.203   1.00 23.03 ? 8   THR A CG2 1 
ATOM   91   N N   . ILE A 1 14  ? 8.892   -0.727  1.857   1.00 13.68 ? 9   ILE A N   1 
ATOM   92   C CA  . ILE A 1 14  ? 7.851   -0.412  0.887   1.00 15.38 ? 9   ILE A CA  1 
ATOM   93   C C   . ILE A 1 14  ? 7.503   1.059   1.038   1.00 19.38 ? 9   ILE A C   1 
ATOM   94   O O   . ILE A 1 14  ? 7.490   1.577   2.155   1.00 17.45 ? 9   ILE A O   1 
ATOM   95   C CB  . ILE A 1 14  ? 6.610   -1.281  1.159   1.00 16.44 ? 9   ILE A CB  1 
ATOM   96   C CG1 . ILE A 1 14  ? 7.012   -2.757  1.208   1.00 24.18 ? 9   ILE A CG1 1 
ATOM   97   C CG2 . ILE A 1 14  ? 5.571   -1.044  0.133   1.00 25.71 ? 9   ILE A CG2 1 
ATOM   98   C CD1 . ILE A 1 14  ? 7.634   -3.226  -0.063  1.00 23.39 ? 9   ILE A CD1 1 
ATOM   99   N N   . ARG A 1 15  ? 7.175   1.723   -0.067  1.00 15.74 ? 10  ARG A N   1 
ATOM   100  C CA  . ARG A 1 15  ? 6.719   3.106   -0.022  1.00 18.18 ? 10  ARG A CA  1 
ATOM   101  C C   . ARG A 1 15  ? 5.308   3.180   -0.583  1.00 16.55 ? 10  ARG A C   1 
ATOM   102  O O   . ARG A 1 15  ? 5.072   2.798   -1.735  1.00 16.31 ? 10  ARG A O   1 
ATOM   103  C CB  . ARG A 1 15  ? 7.669   4.025   -0.791  1.00 16.88 ? 10  ARG A CB  1 
ATOM   104  C CG  . ARG A 1 15  ? 7.225   5.474   -0.780  1.00 20.38 ? 10  ARG A CG  1 
ATOM   105  C CD  . ARG A 1 15  ? 8.222   6.336   -1.504  1.00 20.23 ? 10  ARG A CD  1 
ATOM   106  N NE  . ARG A 1 15  ? 9.400   6.587   -0.687  1.00 19.54 ? 10  ARG A NE  1 
ATOM   107  C CZ  . ARG A 1 15  ? 10.582  6.933   -1.189  1.00 20.27 ? 10  ARG A CZ  1 
ATOM   108  N NH1 . ARG A 1 15  ? 10.738  7.050   -2.498  1.00 24.91 ? 10  ARG A NH1 1 
ATOM   109  N NH2 . ARG A 1 15  ? 11.607  7.157   -0.377  1.00 24.50 ? 10  ARG A NH2 1 
ATOM   110  N N   . ILE A 1 16  ? 4.375   3.641   0.244   1.00 15.14 ? 11  ILE A N   1 
ATOM   111  C CA  . ILE A 1 16  ? 2.988   3.873   -0.150  1.00 14.35 ? 11  ILE A CA  1 
ATOM   112  C C   . ILE A 1 16  ? 2.872   5.337   -0.564  1.00 23.24 ? 11  ILE A C   1 
ATOM   113  O O   . ILE A 1 16  ? 3.247   6.236   0.197   1.00 17.02 ? 11  ILE A O   1 
ATOM   114  C CB  . ILE A 1 16  ? 2.035   3.535   1.003   1.00 11.94 ? 11  ILE A CB  1 
ATOM   115  C CG1 . ILE A 1 16  ? 2.300   2.105   1.495   1.00 16.73 ? 11  ILE A CG1 1 
ATOM   116  C CG2 . ILE A 1 16  ? 0.579   3.714   0.606   1.00 14.29 ? 11  ILE A CG2 1 
ATOM   117  C CD1 . ILE A 1 16  ? 1.448   1.726   2.655   1.00 26.27 ? 11  ILE A CD1 1 
ATOM   118  N N   . LYS A 1 17  ? 2.372   5.574   -1.775  1.00 18.18 ? 12  LYS A N   1 
ATOM   119  C CA  . LYS A 1 17  ? 2.311   6.907   -2.367  1.00 17.36 ? 12  LYS A CA  1 
ATOM   120  C C   . LYS A 1 17  ? 0.856   7.271   -2.582  1.00 19.91 ? 12  LYS A C   1 
ATOM   121  O O   . LYS A 1 17  ? 0.127   6.561   -3.288  1.00 17.00 ? 12  LYS A O   1 
ATOM   122  C CB  . LYS A 1 17  ? 3.107   6.962   -3.674  1.00 20.08 ? 12  LYS A CB  1 
ATOM   123  C CG  . LYS A 1 17  ? 4.564   6.558   -3.471  1.00 18.35 ? 12  LYS A CG  1 
ATOM   124  C CD  . LYS A 1 17  ? 5.250   6.167   -4.774  1.00 25.78 ? 12  LYS A CD  1 
ATOM   125  C CE  . LYS A 1 17  ? 5.349   7.337   -5.728  1.00 27.80 ? 12  LYS A CE  1 
ATOM   126  N NZ  . LYS A 1 17  ? 6.005   6.933   -7.011  1.00 34.02 ? 12  LYS A NZ  1 
ATOM   127  N N   . THR A 1 18  ? 0.428   8.364   -1.953  1.00 14.42 ? 13  THR A N   1 
ATOM   128  C CA  . THR A 1 18  ? -0.961  8.783   -1.949  1.00 13.77 ? 13  THR A CA  1 
ATOM   129  C C   . THR A 1 18  ? -1.070  10.176  -2.564  1.00 14.70 ? 13  THR A C   1 
ATOM   130  O O   . THR A 1 18  ? -0.226  11.041  -2.300  1.00 17.75 ? 13  THR A O   1 
ATOM   131  C CB  . THR A 1 18  ? -1.522  8.796   -0.521  1.00 19.53 ? 13  THR A CB  1 
ATOM   132  O OG1 . THR A 1 18  ? -1.385  7.490   0.070   1.00 16.71 ? 13  THR A OG1 1 
ATOM   133  C CG2 . THR A 1 18  ? -2.988  9.173   -0.547  1.00 13.57 ? 13  THR A CG2 1 
ATOM   134  N N   . GLN A 1 19  ? -2.095  10.367  -3.397  1.00 16.97 ? 14  GLN A N   1 
ATOM   135  C CA  . GLN A 1 19  ? -2.405  11.662  -4.006  1.00 18.95 ? 14  GLN A CA  1 
ATOM   136  C C   . GLN A 1 19  ? -3.903  11.906  -3.940  1.00 17.29 ? 14  GLN A C   1 
ATOM   137  O O   . GLN A 1 19  ? -4.682  10.960  -3.985  1.00 13.12 ? 14  GLN A O   1 
ATOM   138  C CB  . GLN A 1 19  ? -1.947  11.727  -5.464  1.00 21.13 ? 14  GLN A CB  1 
ATOM   139  C CG  . GLN A 1 19  ? -0.445  11.526  -5.619  1.00 32.72 ? 14  GLN A CG  1 
ATOM   140  C CD  . GLN A 1 19  ? 0.103   12.049  -6.934  1.00 46.09 ? 14  GLN A CD  1 
ATOM   141  O OE1 . GLN A 1 19  ? -0.584  12.050  -7.957  1.00 44.82 ? 14  GLN A OE1 1 
ATOM   142  N NE2 . GLN A 1 19  ? 1.358   12.487  -6.914  1.00 55.07 ? 14  GLN A NE2 1 
ATOM   143  N N   . GLN A 1 20  ? -4.314  13.185  -3.858  1.00 16.54 ? 15  GLN A N   1 
ATOM   144  C CA  . GLN A 1 20  ? -5.739  13.475  -3.769  1.00 14.61 ? 15  GLN A CA  1 
ATOM   145  C C   . GLN A 1 20  ? -6.015  14.912  -4.213  1.00 17.72 ? 15  GLN A C   1 
ATOM   146  O O   . GLN A 1 20  ? -5.179  15.793  -4.013  1.00 18.19 ? 15  GLN A O   1 
ATOM   147  C CB  . GLN A 1 20  ? -6.274  13.262  -2.339  1.00 15.78 ? 15  GLN A CB  1 
ATOM   148  C CG  . GLN A 1 20  ? -5.560  14.110  -1.264  1.00 16.37 ? 15  GLN A CG  1 
ATOM   149  C CD  . GLN A 1 20  ? -6.188  15.509  -1.098  1.00 21.37 ? 15  GLN A CD  1 
ATOM   150  O OE1 . GLN A 1 20  ? -7.280  15.794  -1.612  1.00 17.79 ? 15  GLN A OE1 1 
ATOM   151  N NE2 . GLN A 1 20  ? -5.496  16.373  -0.378  1.00 23.01 ? 15  GLN A NE2 1 
ATOM   152  N N   . HIS A 1 21  ? -7.207  15.141  -4.780  1.00 21.18 ? 16  HIS A N   1 
ATOM   153  C CA  . HIS A 1 21  ? -7.637  16.508  -5.092  1.00 20.21 ? 16  HIS A CA  1 
ATOM   154  C C   . HIS A 1 21  ? -9.161  16.585  -5.152  1.00 20.47 ? 16  HIS A C   1 
ATOM   155  O O   . HIS A 1 21  ? -9.831  15.596  -5.443  1.00 21.37 ? 16  HIS A O   1 
ATOM   156  C CB  . HIS A 1 21  ? -7.030  16.992  -6.418  1.00 21.16 ? 16  HIS A CB  1 
ATOM   157  C CG  . HIS A 1 21  ? -7.473  16.190  -7.601  1.00 25.91 ? 16  HIS A CG  1 
ATOM   158  N ND1 . HIS A 1 21  ? -8.614  16.485  -8.316  1.00 39.81 ? 16  HIS A ND1 1 
ATOM   159  C CD2 . HIS A 1 21  ? -6.942  15.087  -8.180  1.00 35.28 ? 16  HIS A CD2 1 
ATOM   160  C CE1 . HIS A 1 21  ? -8.761  15.604  -9.290  1.00 32.24 ? 16  HIS A CE1 1 
ATOM   161  N NE2 . HIS A 1 21  ? -7.758  14.746  -9.232  1.00 44.30 ? 16  HIS A NE2 1 
ATOM   162  N N   . ILE A 1 22  ? -9.709  17.779  -4.901  1.00 22.54 ? 17  ILE A N   1 
ATOM   163  C CA  . ILE A 1 22  ? -11.165 17.946  -4.911  1.00 16.83 ? 17  ILE A CA  1 
ATOM   164  C C   . ILE A 1 22  ? -11.722 17.775  -6.322  1.00 16.94 ? 17  ILE A C   1 
ATOM   165  O O   . ILE A 1 22  ? -11.105 18.186  -7.312  1.00 26.03 ? 17  ILE A O   1 
ATOM   166  C CB  . ILE A 1 22  ? -11.561 19.316  -4.333  1.00 23.68 ? 17  ILE A CB  1 
ATOM   167  C CG1 . ILE A 1 22  ? -11.217 19.377  -2.844  1.00 17.70 ? 17  ILE A CG1 1 
ATOM   168  C CG2 . ILE A 1 22  ? -13.067 19.607  -4.562  1.00 19.06 ? 17  ILE A CG2 1 
ATOM   169  C CD1 . ILE A 1 22  ? -11.585 20.699  -2.171  1.00 26.50 ? 17  ILE A CD1 1 
ATOM   170  N N   . LEU A 1 23  ? -12.893 17.135  -6.419  1.00 17.37 ? 18  LEU A N   1 
ATOM   171  C CA  . LEU A 1 23  ? -13.664 17.080  -7.653  1.00 18.08 ? 18  LEU A CA  1 
ATOM   172  C C   . LEU A 1 23  ? -14.797 18.108  -7.557  1.00 18.08 ? 18  LEU A C   1 
ATOM   173  O O   . LEU A 1 23  ? -15.826 17.830  -6.927  1.00 24.99 ? 18  LEU A O   1 
ATOM   174  C CB  . LEU A 1 23  ? -14.229 15.674  -7.888  1.00 19.09 ? 18  LEU A CB  1 
ATOM   175  C CG  . LEU A 1 23  ? -13.256 14.501  -8.077  1.00 17.37 ? 18  LEU A CG  1 
ATOM   176  C CD1 . LEU A 1 23  ? -14.056 13.218  -8.182  1.00 20.55 ? 18  LEU A CD1 1 
ATOM   177  C CD2 . LEU A 1 23  ? -12.376 14.701  -9.302  1.00 22.14 ? 18  LEU A CD2 1 
ATOM   178  N N   . PRO A 1 24  ? -14.661 19.298  -8.147  1.00 22.77 ? 19  PRO A N   1 
ATOM   179  C CA  . PRO A 1 24  ? -15.722 20.317  -7.990  1.00 20.88 ? 19  PRO A CA  1 
ATOM   180  C C   . PRO A 1 24  ? -17.060 19.916  -8.598  1.00 22.36 ? 19  PRO A C   1 
ATOM   181  O O   . PRO A 1 24  ? -18.111 20.375  -8.118  1.00 22.13 ? 19  PRO A O   1 
ATOM   182  C CB  . PRO A 1 24  ? -15.132 21.549  -8.688  1.00 23.71 ? 19  PRO A CB  1 
ATOM   183  C CG  . PRO A 1 24  ? -13.641 21.341  -8.667  1.00 28.52 ? 19  PRO A CG  1 
ATOM   184  C CD  . PRO A 1 24  ? -13.459 19.839  -8.807  1.00 24.06 ? 19  PRO A CD  1 
ATOM   185  N N   . GLU A 1 25  ? -17.068 19.062  -9.623  1.00 22.38 ? 20  GLU A N   1 
ATOM   186  C CA  . GLU A 1 25  ? -18.328 18.691  -10.257 1.00 22.24 ? 20  GLU A CA  1 
ATOM   187  C C   . GLU A 1 25  ? -19.167 17.759  -9.395  1.00 25.13 ? 20  GLU A C   1 
ATOM   188  O O   . GLU A 1 25  ? -20.342 17.541  -9.714  1.00 22.81 ? 20  GLU A O   1 
ATOM   189  C CB  . GLU A 1 25  ? -18.062 18.047  -11.623 1.00 21.02 ? 20  GLU A CB  1 
ATOM   190  C CG  . GLU A 1 25  ? -17.486 16.630  -11.553 1.00 24.33 ? 20  GLU A CG  1 
ATOM   191  C CD  . GLU A 1 25  ? -15.964 16.595  -11.427 1.00 36.77 ? 20  GLU A CD  1 
ATOM   192  O OE1 . GLU A 1 25  ? -15.349 17.622  -11.050 1.00 28.96 ? 20  GLU A OE1 1 
ATOM   193  O OE2 . GLU A 1 25  ? -15.380 15.526  -11.715 1.00 40.58 ? 20  GLU A OE2 1 
ATOM   194  N N   . VAL A 1 26  ? -18.606 17.209  -8.316  1.00 22.98 ? 21  VAL A N   1 
ATOM   195  C CA  . VAL A 1 26  ? -19.363 16.332  -7.427  1.00 24.26 ? 21  VAL A CA  1 
ATOM   196  C C   . VAL A 1 26  ? -19.914 17.160  -6.276  1.00 19.01 ? 21  VAL A C   1 
ATOM   197  O O   . VAL A 1 26  ? -19.148 17.860  -5.594  1.00 24.42 ? 21  VAL A O   1 
ATOM   198  C CB  . VAL A 1 26  ? -18.506 15.173  -6.892  1.00 22.32 ? 21  VAL A CB  1 
ATOM   199  C CG1 . VAL A 1 26  ? -19.380 14.222  -6.083  1.00 27.64 ? 21  VAL A CG1 1 
ATOM   200  C CG2 . VAL A 1 26  ? -17.801 14.451  -8.035  1.00 23.80 ? 21  VAL A CG2 1 
ATOM   201  N N   . PRO A 1 27  ? -21.214 17.094  -6.007  1.00 21.21 ? 22  PRO A N   1 
ATOM   202  C CA  . PRO A 1 27  ? -21.787 17.884  -4.919  1.00 18.17 ? 22  PRO A CA  1 
ATOM   203  C C   . PRO A 1 27  ? -21.144 17.533  -3.591  1.00 24.51 ? 22  PRO A C   1 
ATOM   204  O O   . PRO A 1 27  ? -21.005 16.348  -3.248  1.00 24.08 ? 22  PRO A O   1 
ATOM   205  C CB  . PRO A 1 27  ? -23.271 17.487  -4.938  1.00 27.02 ? 22  PRO A CB  1 
ATOM   206  C CG  . PRO A 1 27  ? -23.519 17.050  -6.349  1.00 24.32 ? 22  PRO A CG  1 
ATOM   207  C CD  . PRO A 1 27  ? -22.247 16.386  -6.785  1.00 21.85 ? 22  PRO A CD  1 
ATOM   208  N N   . PRO A 1 28  ? -20.731 18.534  -2.817  1.00 22.96 ? 23  PRO A N   1 
ATOM   209  C CA  . PRO A 1 28  ? -20.252 18.256  -1.463  1.00 22.16 ? 23  PRO A CA  1 
ATOM   210  C C   . PRO A 1 28  ? -21.284 17.447  -0.689  1.00 24.28 ? 23  PRO A C   1 
ATOM   211  O O   . PRO A 1 28  ? -22.492 17.540  -0.933  1.00 26.79 ? 23  PRO A O   1 
ATOM   212  C CB  . PRO A 1 28  ? -20.051 19.655  -0.859  1.00 20.12 ? 23  PRO A CB  1 
ATOM   213  C CG  . PRO A 1 28  ? -19.873 20.562  -2.027  1.00 25.02 ? 23  PRO A CG  1 
ATOM   214  C CD  . PRO A 1 28  ? -20.697 19.974  -3.140  1.00 28.49 ? 23  PRO A CD  1 
ATOM   215  N N   . VAL A 1 29  ? -20.797 16.617  0.225   1.00 23.76 ? 24  VAL A N   1 
ATOM   216  C CA  . VAL A 1 29  ? -21.655 15.834  1.108   1.00 25.07 ? 24  VAL A CA  1 
ATOM   217  C C   . VAL A 1 29  ? -21.630 16.532  2.461   1.00 23.85 ? 24  VAL A C   1 
ATOM   218  O O   . VAL A 1 29  ? -20.577 16.628  3.098   1.00 24.79 ? 24  VAL A O   1 
ATOM   219  C CB  . VAL A 1 29  ? -21.194 14.371  1.205   1.00 27.35 ? 24  VAL A CB  1 
ATOM   220  C CG1 . VAL A 1 29  ? -22.078 13.590  2.149   1.00 28.73 ? 24  VAL A CG1 1 
ATOM   221  C CG2 . VAL A 1 29  ? -21.197 13.715  -0.174  1.00 25.96 ? 24  VAL A CG2 1 
ATOM   222  N N   . GLU A 1 30  ? -22.779 17.059  2.882   1.00 22.17 ? 25  GLU A N   1 
ATOM   223  C CA  . GLU A 1 30  ? -22.869 17.832  4.122   1.00 22.78 ? 25  GLU A CA  1 
ATOM   224  C C   . GLU A 1 30  ? -21.805 18.930  4.176   1.00 24.46 ? 25  GLU A C   1 
ATOM   225  O O   . GLU A 1 30  ? -21.147 19.131  5.196   1.00 26.70 ? 25  GLU A O   1 
ATOM   226  C CB  . GLU A 1 30  ? -22.778 16.914  5.342   1.00 22.49 ? 25  GLU A CB  1 
ATOM   227  C CG  . GLU A 1 30  ? -23.931 15.909  5.397   1.00 21.33 ? 25  GLU A CG  1 
ATOM   228  C CD  . GLU A 1 30  ? -23.873 14.978  6.598   1.00 29.18 ? 25  GLU A CD  1 
ATOM   229  O OE1 . GLU A 1 30  ? -23.120 15.248  7.552   1.00 36.62 ? 25  GLU A OE1 1 
ATOM   230  O OE2 . GLU A 1 30  ? -24.604 13.975  6.591   1.00 36.54 ? 25  GLU A OE2 1 
ATOM   231  N N   . ASN A 1 31  ? -21.634 19.642  3.056   1.00 22.88 ? 26  ASN A N   1 
ATOM   232  C CA  . ASN A 1 31  ? -20.670 20.725  2.848   1.00 24.49 ? 26  ASN A CA  1 
ATOM   233  C C   . ASN A 1 31  ? -19.230 20.234  2.739   1.00 21.58 ? 26  ASN A C   1 
ATOM   234  O O   . ASN A 1 31  ? -18.319 21.060  2.571   1.00 21.66 ? 26  ASN A O   1 
ATOM   235  C CB  . ASN A 1 31  ? -20.740 21.801  3.946   1.00 29.66 ? 26  ASN A CB  1 
ATOM   236  C CG  . ASN A 1 31  ? -22.001 22.631  3.868   1.00 30.50 ? 26  ASN A CG  1 
ATOM   237  O OD1 . ASN A 1 31  ? -22.572 22.815  2.789   1.00 28.45 ? 26  ASN A OD1 1 
ATOM   238  N ND2 . ASN A 1 31  ? -22.451 23.133  5.016   1.00 36.84 ? 26  ASN A ND2 1 
ATOM   239  N N   . PHE A 1 32  ? -18.982 18.909  2.824   1.00 21.26 ? 27  PHE A N   1 
ATOM   240  C CA  . PHE A 1 32  ? -17.622 18.405  2.658   1.00 23.33 ? 27  PHE A CA  1 
ATOM   241  C C   . PHE A 1 32  ? -17.376 18.062  1.194   1.00 20.59 ? 27  PHE A C   1 
ATOM   242  O O   . PHE A 1 32  ? -18.149 17.299  0.610   1.00 18.50 ? 27  PHE A O   1 
ATOM   243  C CB  . PHE A 1 32  ? -17.400 17.172  3.533   1.00 21.39 ? 27  PHE A CB  1 
ATOM   244  C CG  . PHE A 1 32  ? -17.203 17.510  4.984   1.00 26.35 ? 27  PHE A CG  1 
ATOM   245  C CD1 . PHE A 1 32  ? -15.935 17.499  5.549   1.00 26.90 ? 27  PHE A CD1 1 
ATOM   246  C CD2 . PHE A 1 32  ? -18.273 17.889  5.771   1.00 28.28 ? 27  PHE A CD2 1 
ATOM   247  C CE1 . PHE A 1 32  ? -15.749 17.832  6.884   1.00 28.56 ? 27  PHE A CE1 1 
ATOM   248  C CE2 . PHE A 1 32  ? -18.091 18.226  7.102   1.00 33.40 ? 27  PHE A CE2 1 
ATOM   249  C CZ  . PHE A 1 32  ? -16.831 18.191  7.659   1.00 28.28 ? 27  PHE A CZ  1 
ATOM   250  N N   . PRO A 1 33  ? -16.323 18.577  0.574   1.00 19.18 ? 28  PRO A N   1 
ATOM   251  C CA  . PRO A 1 33  ? -16.109 18.289  -0.845  1.00 18.00 ? 28  PRO A CA  1 
ATOM   252  C C   . PRO A 1 33  ? -15.760 16.820  -1.054  1.00 21.41 ? 28  PRO A C   1 
ATOM   253  O O   . PRO A 1 33  ? -15.242 16.151  -0.158  1.00 20.39 ? 28  PRO A O   1 
ATOM   254  C CB  . PRO A 1 33  ? -14.939 19.202  -1.216  1.00 17.54 ? 28  PRO A CB  1 
ATOM   255  C CG  . PRO A 1 33  ? -14.175 19.348  0.056   1.00 16.73 ? 28  PRO A CG  1 
ATOM   256  C CD  . PRO A 1 33  ? -15.209 19.341  1.162   1.00 16.92 ? 28  PRO A CD  1 
ATOM   257  N N   . VAL A 1 34  ? -16.078 16.313  -2.234  1.00 17.21 ? 29  VAL A N   1 
ATOM   258  C CA  . VAL A 1 34  ? -15.665 14.966  -2.626  1.00 15.43 ? 29  VAL A CA  1 
ATOM   259  C C   . VAL A 1 34  ? -14.345 15.095  -3.360  1.00 21.63 ? 29  VAL A C   1 
ATOM   260  O O   . VAL A 1 34  ? -14.155 16.018  -4.159  1.00 25.72 ? 29  VAL A O   1 
ATOM   261  C CB  . VAL A 1 34  ? -16.740 14.279  -3.490  1.00 18.67 ? 29  VAL A CB  1 
ATOM   262  C CG1 . VAL A 1 34  ? -16.221 12.959  -4.064  1.00 20.08 ? 29  VAL A CG1 1 
ATOM   263  C CG2 . VAL A 1 34  ? -18.005 14.036  -2.665  1.00 18.11 ? 29  VAL A CG2 1 
ATOM   264  N N   . ARG A 1 35  ? -13.411 14.195  -3.055  1.00 14.33 ? 30  ARG A N   1 
ATOM   265  C CA  . ARG A 1 35  ? -12.067 14.231  -3.594  1.00 16.79 ? 30  ARG A CA  1 
ATOM   266  C C   . ARG A 1 35  ? -11.793 12.934  -4.336  1.00 19.18 ? 30  ARG A C   1 
ATOM   267  O O   . ARG A 1 35  ? -12.302 11.871  -3.977  1.00 20.79 ? 30  ARG A O   1 
ATOM   268  C CB  . ARG A 1 35  ? -11.016 14.414  -2.501  1.00 18.95 ? 30  ARG A CB  1 
ATOM   269  C CG  . ARG A 1 35  ? -11.139 15.694  -1.703  1.00 18.28 ? 30  ARG A CG  1 
ATOM   270  C CD  . ARG A 1 35  ? -10.327 15.644  -0.419  1.00 21.87 ? 30  ARG A CD  1 
ATOM   271  N NE  . ARG A 1 35  ? -10.569 16.831  0.394   1.00 19.18 ? 30  ARG A NE  1 
ATOM   272  C CZ  . ARG A 1 35  ? -9.858  17.944  0.304   1.00 22.05 ? 30  ARG A CZ  1 
ATOM   273  N NH1 . ARG A 1 35  ? -8.839  18.008  -0.545  1.00 19.23 ? 30  ARG A NH1 1 
ATOM   274  N NH2 . ARG A 1 35  ? -10.162 18.995  1.065   1.00 18.95 ? 30  ARG A NH2 1 
ATOM   275  N N   . GLN A 1 36  ? -11.018 13.044  -5.396  1.00 21.17 ? 31  GLN A N   1 
ATOM   276  C CA  . GLN A 1 36  ? -10.460 11.876  -6.046  1.00 22.80 ? 31  GLN A CA  1 
ATOM   277  C C   . GLN A 1 36  ? -9.154  11.566  -5.344  1.00 17.30 ? 31  GLN A C   1 
ATOM   278  O O   . GLN A 1 36  ? -8.364  12.473  -5.066  1.00 18.94 ? 31  GLN A O   1 
ATOM   279  C CB  . GLN A 1 36  ? -10.219 12.141  -7.527  1.00 22.91 ? 31  GLN A CB  1 
ATOM   280  C CG  . GLN A 1 36  ? -9.714  10.938  -8.290  1.00 34.14 ? 31  GLN A CG  1 
ATOM   281  C CD  . GLN A 1 36  ? -10.852 10.114  -8.844  1.00 48.83 ? 31  GLN A CD  1 
ATOM   282  O OE1 . GLN A 1 36  ? -11.253 10.285  -9.994  1.00 61.47 ? 31  GLN A OE1 1 
ATOM   283  N NE2 . GLN A 1 36  ? -11.400 9.232   -8.017  1.00 54.35 ? 31  GLN A NE2 1 
ATOM   284  N N   . TRP A 1 37  ? -8.938  10.294  -5.014  1.00 16.82 ? 32  TRP A N   1 
ATOM   285  C CA  . TRP A 1 37  ? -7.674  9.941   -4.389  1.00 18.23 ? 32  TRP A CA  1 
ATOM   286  C C   . TRP A 1 37  ? -7.156  8.637   -4.979  1.00 15.65 ? 32  TRP A C   1 
ATOM   287  O O   . TRP A 1 37  ? -7.912  7.828   -5.510  1.00 17.30 ? 32  TRP A O   1 
ATOM   288  C CB  . TRP A 1 37  ? -7.785  9.843   -2.864  1.00 13.01 ? 32  TRP A CB  1 
ATOM   289  C CG  . TRP A 1 37  ? -8.869  8.985   -2.303  1.00 16.84 ? 32  TRP A CG  1 
ATOM   290  C CD1 . TRP A 1 37  ? -10.063 9.409   -1.787  1.00 17.66 ? 32  TRP A CD1 1 
ATOM   291  C CD2 . TRP A 1 37  ? -8.833  7.563   -2.118  1.00 16.96 ? 32  TRP A CD2 1 
ATOM   292  N NE1 . TRP A 1 37  ? -10.785 8.335   -1.315  1.00 17.87 ? 32  TRP A NE1 1 
ATOM   293  C CE2 . TRP A 1 37  ? -10.052 7.191   -1.509  1.00 18.51 ? 32  TRP A CE2 1 
ATOM   294  C CE3 . TRP A 1 37  ? -7.892  6.567   -2.424  1.00 14.99 ? 32  TRP A CE3 1 
ATOM   295  C CZ2 . TRP A 1 37  ? -10.364 5.868   -1.199  1.00 20.12 ? 32  TRP A CZ2 1 
ATOM   296  C CZ3 . TRP A 1 37  ? -8.200  5.243   -2.106  1.00 15.57 ? 32  TRP A CZ3 1 
ATOM   297  C CH2 . TRP A 1 37  ? -9.435  4.910   -1.505  1.00 20.50 ? 32  TRP A CH2 1 
ATOM   298  N N   . SER A 1 38  ? -5.839  8.474   -4.901  1.00 14.66 ? 33  SER A N   1 
ATOM   299  C CA  . SER A 1 38  ? -5.155  7.315   -5.456  1.00 13.40 ? 33  SER A CA  1 
ATOM   300  C C   . SER A 1 38  ? -4.058  6.883   -4.501  1.00 14.95 ? 33  SER A C   1 
ATOM   301  O O   . SER A 1 38  ? -3.435  7.707   -3.815  1.00 15.64 ? 33  SER A O   1 
ATOM   302  C CB  . SER A 1 38  ? -4.538  7.612   -6.822  1.00 18.45 ? 33  SER A CB  1 
ATOM   303  O OG  . SER A 1 38  ? -3.543  8.617   -6.683  1.00 19.11 ? 33  SER A OG  1 
ATOM   304  N N   . ILE A 1 39  ? -3.835  5.563   -4.470  1.00 15.75 ? 34  ILE A N   1 
ATOM   305  C CA  . ILE A 1 39  ? -2.745  4.953   -3.720  1.00 17.99 ? 34  ILE A CA  1 
ATOM   306  C C   . ILE A 1 39  ? -1.990  4.023   -4.662  1.00 16.41 ? 34  ILE A C   1 
ATOM   307  O O   . ILE A 1 39  ? -2.612  3.282   -5.430  1.00 13.04 ? 34  ILE A O   1 
ATOM   308  C CB  . ILE A 1 39  ? -3.255  4.170   -2.489  1.00 14.49 ? 34  ILE A CB  1 
ATOM   309  C CG1 . ILE A 1 39  ? -4.088  5.059   -1.571  1.00 13.64 ? 34  ILE A CG1 1 
ATOM   310  C CG2 . ILE A 1 39  ? -2.068  3.581   -1.726  1.00 12.17 ? 34  ILE A CG2 1 
ATOM   311  C CD1 . ILE A 1 39  ? -4.850  4.314   -0.475  1.00 15.68 ? 34  ILE A CD1 1 
ATOM   312  N N   . GLU A 1 40  ? -0.656  4.103   -4.633  1.00 16.20 ? 35  GLU A N   1 
ATOM   313  C CA  . GLU A 1 40  ? 0.233   3.178   -5.331  1.00 14.30 ? 35  GLU A CA  1 
ATOM   314  C C   . GLU A 1 40  ? 1.289   2.684   -4.355  1.00 15.17 ? 35  GLU A C   1 
ATOM   315  O O   . GLU A 1 40  ? 1.575   3.328   -3.348  1.00 15.18 ? 35  GLU A O   1 
ATOM   316  C CB  . GLU A 1 40  ? 0.941   3.839   -6.523  1.00 17.81 ? 35  GLU A CB  1 
ATOM   317  C CG  . GLU A 1 40  ? -0.016  4.491   -7.512  1.00 28.26 ? 35  GLU A CG  1 
ATOM   318  C CD  . GLU A 1 40  ? 0.700   5.126   -8.685  1.00 28.02 ? 35  GLU A CD  1 
ATOM   319  O OE1 . GLU A 1 40  ? 1.851   5.590   -8.503  1.00 29.74 ? 35  GLU A OE1 1 
ATOM   320  O OE2 . GLU A 1 40  ? 0.113   5.146   -9.792  1.00 35.71 ? 35  GLU A OE2 1 
ATOM   321  N N   . ILE A 1 41  ? 1.917   1.560   -4.690  1.00 18.43 ? 36  ILE A N   1 
ATOM   322  C CA  . ILE A 1 41  ? 2.901   0.937   -3.814  1.00 15.38 ? 36  ILE A CA  1 
ATOM   323  C C   . ILE A 1 41  ? 4.154   0.658   -4.626  1.00 13.14 ? 36  ILE A C   1 
ATOM   324  O O   . ILE A 1 41  ? 4.079   0.040   -5.693  1.00 11.75 ? 36  ILE A O   1 
ATOM   325  C CB  . ILE A 1 41  ? 2.355   -0.365  -3.198  1.00 17.16 ? 36  ILE A CB  1 
ATOM   326  C CG1 . ILE A 1 41  ? 1.132   -0.067  -2.320  1.00 17.36 ? 36  ILE A CG1 1 
ATOM   327  C CG2 . ILE A 1 41  ? 3.420   -1.033  -2.377  1.00 18.58 ? 36  ILE A CG2 1 
ATOM   328  C CD1 . ILE A 1 41  ? 0.471   -1.315  -1.789  1.00 18.10 ? 36  ILE A CD1 1 
ATOM   329  N N   . VAL A 1 42  ? 5.300   1.111   -4.131  1.00 13.67 ? 37  VAL A N   1 
ATOM   330  C CA  . VAL A 1 42  ? 6.570   0.772   -4.753  1.00 15.58 ? 37  VAL A CA  1 
ATOM   331  C C   . VAL A 1 42  ? 7.485   0.159   -3.707  1.00 16.94 ? 37  VAL A C   1 
ATOM   332  O O   . VAL A 1 42  ? 7.237   0.226   -2.504  1.00 15.87 ? 37  VAL A O   1 
ATOM   333  C CB  . VAL A 1 42  ? 7.257   1.983   -5.419  1.00 18.10 ? 37  VAL A CB  1 
ATOM   334  C CG1 . VAL A 1 42  ? 6.337   2.613   -6.453  1.00 15.12 ? 37  VAL A CG1 1 
ATOM   335  C CG2 . VAL A 1 42  ? 7.674   3.023   -4.359  1.00 17.42 ? 37  VAL A CG2 1 
ATOM   336  N N   . LEU A 1 43  ? 8.542   -0.467  -4.195  1.00 17.99 ? 38  LEU A N   1 
ATOM   337  C CA  . LEU A 1 43  ? 9.598   -1.020  -3.369  1.00 14.75 ? 38  LEU A CA  1 
ATOM   338  C C   . LEU A 1 43  ? 10.816  -0.110  -3.455  1.00 21.37 ? 38  LEU A C   1 
ATOM   339  O O   . LEU A 1 43  ? 11.087  0.488   -4.500  1.00 26.14 ? 38  LEU A O   1 
ATOM   340  C CB  . LEU A 1 43  ? 9.930   -2.433  -3.852  1.00 22.41 ? 38  LEU A CB  1 
ATOM   341  C CG  . LEU A 1 43  ? 11.006  -3.300  -3.227  1.00 26.16 ? 38  LEU A CG  1 
ATOM   342  C CD1 . LEU A 1 43  ? 10.703  -3.574  -1.774  1.00 22.76 ? 38  LEU A CD1 1 
ATOM   343  C CD2 . LEU A 1 43  ? 11.073  -4.584  -4.007  1.00 15.66 ? 38  LEU A CD2 1 
ATOM   344  N N   . LEU A 1 44  ? 11.532  0.022   -2.343  1.00 16.48 ? 39  LEU A N   1 
ATOM   345  C CA  . LEU A 1 44  ? 12.791  0.761   -2.318  1.00 19.31 ? 39  LEU A CA  1 
ATOM   346  C C   . LEU A 1 44  ? 13.944  -0.223  -2.330  1.00 27.25 ? 39  LEU A C   1 
ATOM   347  O O   . LEU A 1 44  ? 13.888  -1.259  -1.658  1.00 20.11 ? 39  LEU A O   1 
ATOM   348  C CB  . LEU A 1 44  ? 12.904  1.639   -1.080  1.00 16.39 ? 39  LEU A CB  1 
ATOM   349  C CG  . LEU A 1 44  ? 11.804  2.669   -0.848  1.00 16.98 ? 39  LEU A CG  1 
ATOM   350  C CD1 . LEU A 1 44  ? 12.220  3.593   0.287   1.00 21.57 ? 39  LEU A CD1 1 
ATOM   351  C CD2 . LEU A 1 44  ? 11.521  3.416   -2.124  1.00 16.72 ? 39  LEU A CD2 1 
ATOM   352  N N   . ASP A 1 45  ? 14.991  0.102   -3.083  1.00 27.11 ? 40  ASP A N   1 
ATOM   353  C CA  . ASP A 1 45  ? 16.177  -0.740  -3.094  1.00 22.26 ? 40  ASP A CA  1 
ATOM   354  C C   . ASP A 1 45  ? 17.139  -0.300  -1.987  1.00 29.94 ? 40  ASP A C   1 
ATOM   355  O O   . ASP A 1 45  ? 16.818  0.550   -1.149  1.00 26.50 ? 40  ASP A O   1 
ATOM   356  C CB  . ASP A 1 45  ? 16.810  -0.746  -4.488  1.00 26.90 ? 40  ASP A CB  1 
ATOM   357  C CG  . ASP A 1 45  ? 17.425  0.597   -4.885  1.00 28.93 ? 40  ASP A CG  1 
ATOM   358  O OD1 . ASP A 1 45  ? 17.551  1.506   -4.047  1.00 26.57 ? 40  ASP A OD1 1 
ATOM   359  O OD2 . ASP A 1 45  ? 17.772  0.741   -6.070  1.00 30.17 ? 40  ASP A OD2 1 
ATOM   360  N N   . ASP A 1 46  ? 18.338  -0.895  -1.975  1.00 27.18 ? 41  ASP A N   1 
ATOM   361  C CA  . ASP A 1 46  ? 19.318  -0.655  -0.918  1.00 29.25 ? 41  ASP A CA  1 
ATOM   362  C C   . ASP A 1 46  ? 19.778  0.794   -0.872  1.00 36.30 ? 41  ASP A C   1 
ATOM   363  O O   . ASP A 1 46  ? 20.232  1.262   0.179   1.00 33.43 ? 41  ASP A O   1 
ATOM   364  C CB  . ASP A 1 46  ? 20.539  -1.558  -1.115  1.00 33.46 ? 41  ASP A CB  1 
ATOM   365  C CG  . ASP A 1 46  ? 20.417  -2.883  -0.378  1.00 50.87 ? 41  ASP A CG  1 
ATOM   366  O OD1 . ASP A 1 46  ? 21.348  -3.715  -0.481  1.00 49.65 ? 41  ASP A OD1 1 
ATOM   367  O OD2 . ASP A 1 46  ? 19.390  -3.096  0.302   1.00 51.34 ? 41  ASP A OD2 1 
ATOM   368  N N   . GLU A 1 47  ? 19.677  1.507   -1.985  1.00 29.43 ? 42  GLU A N   1 
ATOM   369  C CA  . GLU A 1 47  ? 20.091  2.899   -2.077  1.00 32.11 ? 42  GLU A CA  1 
ATOM   370  C C   . GLU A 1 47  ? 18.945  3.879   -1.865  1.00 37.51 ? 42  GLU A C   1 
ATOM   371  O O   . GLU A 1 47  ? 19.184  5.090   -1.835  1.00 37.93 ? 42  GLU A O   1 
ATOM   372  C CB  . GLU A 1 47  ? 20.736  3.154   -3.442  1.00 36.80 ? 42  GLU A CB  1 
ATOM   373  C CG  . GLU A 1 47  ? 22.056  2.439   -3.661  1.00 55.17 ? 42  GLU A CG  1 
ATOM   374  C CD  . GLU A 1 47  ? 22.592  2.628   -5.070  1.00 68.07 ? 42  GLU A CD  1 
ATOM   375  O OE1 . GLU A 1 47  ? 22.009  3.431   -5.829  1.00 75.13 ? 42  GLU A OE1 1 
ATOM   376  O OE2 . GLU A 1 47  ? 23.597  1.976   -5.420  1.00 76.56 ? 42  GLU A OE2 1 
ATOM   377  N N   . GLY A 1 48  ? 17.710  3.393   -1.730  1.00 31.98 ? 43  GLY A N   1 
ATOM   378  C CA  . GLY A 1 48  ? 16.556  4.255   -1.587  1.00 34.76 ? 43  GLY A CA  1 
ATOM   379  C C   . GLY A 1 48  ? 15.846  4.611   -2.875  1.00 26.81 ? 43  GLY A C   1 
ATOM   380  O O   . GLY A 1 48  ? 14.923  5.430   -2.845  1.00 29.15 ? 43  GLY A O   1 
ATOM   381  N N   . LYS A 1 49  ? 16.245  4.028   -4.000  1.00 26.19 ? 44  LYS A N   1 
ATOM   382  C CA  . LYS A 1 49  ? 15.566  4.260   -5.266  1.00 28.17 ? 44  LYS A CA  1 
ATOM   383  C C   . LYS A 1 49  ? 14.285  3.430   -5.347  1.00 37.18 ? 44  LYS A C   1 
ATOM   384  O O   . LYS A 1 49  ? 14.223  2.307   -4.834  1.00 22.93 ? 44  LYS A O   1 
ATOM   385  C CB  . LYS A 1 49  ? 16.501  3.913   -6.426  1.00 33.39 ? 44  LYS A CB  1 
ATOM   386  C CG  . LYS A 1 49  ? 15.916  4.140   -7.817  1.00 49.67 ? 44  LYS A CG  1 
ATOM   387  C CD  . LYS A 1 49  ? 16.416  3.103   -8.818  1.00 56.62 ? 44  LYS A CD  1 
ATOM   388  C CE  . LYS A 1 49  ? 16.126  3.536   -10.250 1.00 63.76 ? 44  LYS A CE  1 
ATOM   389  N NZ  . LYS A 1 49  ? 16.102  2.388   -11.204 1.00 62.46 ? 44  LYS A NZ  1 
ATOM   390  N N   . GLU A 1 50  ? 13.257  3.990   -5.993  1.00 25.48 ? 45  GLU A N   1 
ATOM   391  C CA  . GLU A 1 50  ? 11.990  3.289   -6.172  1.00 20.61 ? 45  GLU A CA  1 
ATOM   392  C C   . GLU A 1 50  ? 12.092  2.298   -7.322  1.00 29.18 ? 45  GLU A C   1 
ATOM   393  O O   . GLU A 1 50  ? 12.575  2.635   -8.406  1.00 31.58 ? 45  GLU A O   1 
ATOM   394  C CB  . GLU A 1 50  ? 10.852  4.280   -6.457  1.00 24.72 ? 45  GLU A CB  1 
ATOM   395  C CG  . GLU A 1 50  ? 10.623  5.315   -5.387  1.00 23.92 ? 45  GLU A CG  1 
ATOM   396  C CD  . GLU A 1 50  ? 9.337   6.118   -5.597  1.00 25.32 ? 45  GLU A CD  1 
ATOM   397  O OE1 . GLU A 1 50  ? 8.693   5.985   -6.663  1.00 24.32 ? 45  GLU A OE1 1 
ATOM   398  O OE2 . GLU A 1 50  ? 8.968   6.862   -4.675  1.00 23.80 ? 45  GLU A OE2 1 
ATOM   399  N N   . ILE A 1 51  ? 11.623  1.078   -7.093  1.00 20.33 ? 46  ILE A N   1 
ATOM   400  C CA  . ILE A 1 51  ? 11.547  0.074   -8.151  1.00 20.71 ? 46  ILE A CA  1 
ATOM   401  C C   . ILE A 1 51  ? 10.198  -0.623  -8.053  1.00 24.90 ? 46  ILE A C   1 
ATOM   402  O O   . ILE A 1 51  ? 9.522   -0.551  -7.017  1.00 22.17 ? 46  ILE A O   1 
ATOM   403  C CB  . ILE A 1 51  ? 12.705  -0.944  -8.060  1.00 25.18 ? 46  ILE A CB  1 
ATOM   404  C CG1 . ILE A 1 51  ? 12.611  -1.790  -6.796  1.00 28.57 ? 46  ILE A CG1 1 
ATOM   405  C CG2 . ILE A 1 51  ? 14.063  -0.237  -8.081  1.00 29.00 ? 46  ILE A CG2 1 
ATOM   406  C CD1 . ILE A 1 51  ? 13.597  -2.953  -6.796  1.00 32.63 ? 46  ILE A CD1 1 
ATOM   407  N N   . PRO A 1 52  ? 9.746   -1.253  -9.140  1.00 21.85 ? 47  PRO A N   1 
ATOM   408  C CA  . PRO A 1 52  ? 8.448   -1.938  -9.084  1.00 21.61 ? 47  PRO A CA  1 
ATOM   409  C C   . PRO A 1 52  ? 8.444   -3.006  -7.998  1.00 21.83 ? 47  PRO A C   1 
ATOM   410  O O   . PRO A 1 52  ? 9.416   -3.744  -7.829  1.00 22.33 ? 47  PRO A O   1 
ATOM   411  C CB  . PRO A 1 52  ? 8.304   -2.556  -10.480 1.00 19.80 ? 47  PRO A CB  1 
ATOM   412  C CG  . PRO A 1 52  ? 9.200   -1.713  -11.352 1.00 21.66 ? 47  PRO A CG  1 
ATOM   413  C CD  . PRO A 1 52  ? 10.355  -1.345  -10.480 1.00 25.06 ? 47  PRO A CD  1 
ATOM   414  N N   . ALA A 1 53  ? 7.331   -3.084  -7.265  1.00 19.48 ? 48  ALA A N   1 
ATOM   415  C CA  . ALA A 1 53  ? 7.203   -4.016  -6.141  1.00 20.36 ? 48  ALA A CA  1 
ATOM   416  C C   . ALA A 1 53  ? 6.766   -5.397  -6.636  1.00 16.73 ? 48  ALA A C   1 
ATOM   417  O O   . ALA A 1 53  ? 5.691   -5.907  -6.316  1.00 13.90 ? 48  ALA A O   1 
ATOM   418  C CB  . ALA A 1 53  ? 6.237   -3.462  -5.103  1.00 17.51 ? 48  ALA A CB  1 
ATOM   419  N N   . THR A 1 54  ? 7.643   -6.006  -7.441  1.00 16.36 ? 49  THR A N   1 
ATOM   420  C CA  . THR A 1 54  ? 7.356   -7.297  -8.050  1.00 15.70 ? 49  THR A CA  1 
ATOM   421  C C   . THR A 1 54  ? 7.413   -8.444  -7.049  1.00 17.36 ? 49  THR A C   1 
ATOM   422  O O   . THR A 1 54  ? 7.094   -9.577  -7.419  1.00 14.68 ? 49  THR A O   1 
ATOM   423  C CB  . THR A 1 54  ? 8.329   -7.555  -9.206  1.00 21.39 ? 49  THR A CB  1 
ATOM   424  O OG1 . THR A 1 54  ? 9.663   -7.706  -8.699  1.00 23.00 ? 49  THR A OG1 1 
ATOM   425  C CG2 . THR A 1 54  ? 8.294   -6.385  -10.194 1.00 26.65 ? 49  THR A CG2 1 
ATOM   426  N N   . ILE A 1 55  ? 7.793   -8.179  -5.796  1.00 15.73 ? 50  ILE A N   1 
ATOM   427  C CA  . ILE A 1 55  ? 7.741   -9.212  -4.770  1.00 14.63 ? 50  ILE A CA  1 
ATOM   428  C C   . ILE A 1 55  ? 6.322   -9.538  -4.320  1.00 13.26 ? 50  ILE A C   1 
ATOM   429  O O   . ILE A 1 55  ? 6.139   -10.494 -3.568  1.00 12.81 ? 50  ILE A O   1 
ATOM   430  C CB  . ILE A 1 55  ? 8.600   -8.794  -3.562  1.00 17.52 ? 50  ILE A CB  1 
ATOM   431  C CG1 . ILE A 1 55  ? 8.136   -7.422  -3.041  1.00 11.49 ? 50  ILE A CG1 1 
ATOM   432  C CG2 . ILE A 1 55  ? 10.096  -8.783  -3.946  1.00 18.09 ? 50  ILE A CG2 1 
ATOM   433  C CD1 . ILE A 1 55  ? 8.546   -7.083  -1.587  1.00 13.53 ? 50  ILE A CD1 1 
ATOM   434  N N   . PHE A 1 56  ? 5.312   -8.774  -4.745  1.00 12.56 ? 51  PHE A N   1 
ATOM   435  C CA  . PHE A 1 56  ? 3.917   -9.077  -4.442  1.00 11.62 ? 51  PHE A CA  1 
ATOM   436  C C   . PHE A 1 56  ? 3.248   -9.562  -5.714  1.00 15.01 ? 51  PHE A C   1 
ATOM   437  O O   . PHE A 1 56  ? 3.411   -8.945  -6.771  1.00 16.98 ? 51  PHE A O   1 
ATOM   438  C CB  . PHE A 1 56  ? 3.159   -7.850  -3.921  1.00 12.54 ? 51  PHE A CB  1 
ATOM   439  C CG  . PHE A 1 56  ? 3.851   -7.140  -2.793  1.00 12.69 ? 51  PHE A CG  1 
ATOM   440  C CD1 . PHE A 1 56  ? 4.317   -7.842  -1.694  1.00 10.56 ? 51  PHE A CD1 1 
ATOM   441  C CD2 . PHE A 1 56  ? 4.010   -5.773  -2.822  1.00 13.45 ? 51  PHE A CD2 1 
ATOM   442  C CE1 . PHE A 1 56  ? 4.961   -7.173  -0.645  1.00 13.65 ? 51  PHE A CE1 1 
ATOM   443  C CE2 . PHE A 1 56  ? 4.635   -5.102  -1.792  1.00 18.95 ? 51  PHE A CE2 1 
ATOM   444  C CZ  . PHE A 1 56  ? 5.116   -5.802  -0.702  1.00 15.51 ? 51  PHE A CZ  1 
ATOM   445  N N   . ASP A 1 57  ? 2.486   -10.648 -5.639  1.00 13.44 ? 52  ASP A N   1 
ATOM   446  C CA  . ASP A 1 57  ? 1.676   -10.910 -6.824  1.00 19.94 ? 52  ASP A CA  1 
ATOM   447  C C   . ASP A 1 57  ? 0.247   -10.411 -6.670  1.00 12.61 ? 52  ASP A C   1 
ATOM   448  O O   . ASP A 1 57  ? -0.525  -10.495 -7.626  1.00 20.11 ? 52  ASP A O   1 
ATOM   449  C CB  . ASP A 1 57  ? 1.701   -12.392 -7.226  1.00 30.02 ? 52  ASP A CB  1 
ATOM   450  C CG  . ASP A 1 57  ? 1.263   -13.307 -6.132  1.00 29.49 ? 52  ASP A CG  1 
ATOM   451  O OD1 . ASP A 1 57  ? 0.683   -12.820 -5.150  1.00 23.50 ? 52  ASP A OD1 1 
ATOM   452  O OD2 . ASP A 1 57  ? 1.515   -14.530 -6.259  1.00 29.56 ? 52  ASP A OD2 1 
ATOM   453  N N   . LYS A 1 58  ? -0.114  -9.875  -5.504  1.00 13.25 ? 53  LYS A N   1 
ATOM   454  C CA  . LYS A 1 58  ? -1.442  -9.290  -5.321  1.00 13.44 ? 53  LYS A CA  1 
ATOM   455  C C   . LYS A 1 58  ? -1.410  -8.297  -4.166  1.00 16.68 ? 53  LYS A C   1 
ATOM   456  O O   . LYS A 1 58  ? -0.694  -8.498  -3.181  1.00 12.12 ? 53  LYS A O   1 
ATOM   457  C CB  . LYS A 1 58  ? -2.487  -10.371 -5.044  1.00 16.87 ? 53  LYS A CB  1 
ATOM   458  C CG  . LYS A 1 58  ? -3.901  -9.900  -4.841  1.00 22.69 ? 53  LYS A CG  1 
ATOM   459  C CD  . LYS A 1 58  ? -4.764  -11.057 -4.325  1.00 25.60 ? 53  LYS A CD  1 
ATOM   460  C CE  . LYS A 1 58  ? -5.134  -12.001 -5.457  1.00 28.71 ? 53  LYS A CE  1 
ATOM   461  N NZ  . LYS A 1 58  ? -5.905  -13.182 -4.969  1.00 38.39 ? 53  LYS A NZ  1 
ATOM   462  N N   . VAL A 1 59  ? -2.202  -7.229  -4.300  1.00 11.99 ? 54  VAL A N   1 
ATOM   463  C CA  . VAL A 1 59  ? -2.448  -6.252  -3.244  1.00 13.67 ? 54  VAL A CA  1 
ATOM   464  C C   . VAL A 1 59  ? -3.956  -6.071  -3.126  1.00 10.07 ? 54  VAL A C   1 
ATOM   465  O O   . VAL A 1 59  ? -4.651  -5.958  -4.142  1.00 16.48 ? 54  VAL A O   1 
ATOM   466  C CB  . VAL A 1 59  ? -1.762  -4.903  -3.538  1.00 15.42 ? 54  VAL A CB  1 
ATOM   467  C CG1 . VAL A 1 59  ? -2.238  -3.845  -2.565  1.00 15.41 ? 54  VAL A CG1 1 
ATOM   468  C CG2 . VAL A 1 59  ? -0.241  -5.056  -3.452  1.00 14.38 ? 54  VAL A CG2 1 
ATOM   469  N N   . ILE A 1 60  ? -4.473  -6.096  -1.903  1.00 12.87 ? 55  ILE A N   1 
ATOM   470  C CA  . ILE A 1 60  ? -5.902  -5.870  -1.664  1.00 13.66 ? 55  ILE A CA  1 
ATOM   471  C C   . ILE A 1 60  ? -6.045  -4.684  -0.731  1.00 16.09 ? 55  ILE A C   1 
ATOM   472  O O   . ILE A 1 60  ? -5.571  -4.727  0.413   1.00 13.89 ? 55  ILE A O   1 
ATOM   473  C CB  . ILE A 1 60  ? -6.605  -7.105  -1.077  1.00 15.56 ? 55  ILE A CB  1 
ATOM   474  C CG1 . ILE A 1 60  ? -6.351  -8.340  -1.938  1.00 9.17  ? 55  ILE A CG1 1 
ATOM   475  C CG2 . ILE A 1 60  ? -8.128  -6.852  -0.951  1.00 18.13 ? 55  ILE A CG2 1 
ATOM   476  C CD1 . ILE A 1 60  ? -7.006  -9.607  -1.384  1.00 20.19 ? 55  ILE A CD1 1 
ATOM   477  N N   . TYR A 1 61  ? -6.701  -3.630  -1.211  1.00 15.51 ? 56  TYR A N   1 
ATOM   478  C CA  . TYR A 1 61  ? -7.035  -2.481  -0.380  1.00 16.75 ? 56  TYR A CA  1 
ATOM   479  C C   . TYR A 1 61  ? -8.368  -2.759  0.314   1.00 14.22 ? 56  TYR A C   1 
ATOM   480  O O   . TYR A 1 61  ? -9.380  -3.024  -0.347  1.00 24.85 ? 56  TYR A O   1 
ATOM   481  C CB  . TYR A 1 61  ? -7.104  -1.206  -1.227  1.00 10.27 ? 56  TYR A CB  1 
ATOM   482  C CG  . TYR A 1 61  ? -5.789  -0.813  -1.875  1.00 11.62 ? 56  TYR A CG  1 
ATOM   483  C CD1 . TYR A 1 61  ? -4.879  -0.015  -1.216  1.00 13.22 ? 56  TYR A CD1 1 
ATOM   484  C CD2 . TYR A 1 61  ? -5.467  -1.256  -3.157  1.00 16.48 ? 56  TYR A CD2 1 
ATOM   485  C CE1 . TYR A 1 61  ? -3.655  0.346   -1.813  1.00 13.95 ? 56  TYR A CE1 1 
ATOM   486  C CE2 . TYR A 1 61  ? -4.273  -0.885  -3.768  1.00 12.85 ? 56  TYR A CE2 1 
ATOM   487  C CZ  . TYR A 1 61  ? -3.374  -0.098  -3.090  1.00 12.06 ? 56  TYR A CZ  1 
ATOM   488  O OH  . TYR A 1 61  ? -2.190  0.247   -3.707  1.00 14.96 ? 56  TYR A OH  1 
ATOM   489  N N   . HIS A 1 62  ? -8.368  -2.707  1.639   1.00 16.53 ? 57  HIS A N   1 
ATOM   490  C CA  . HIS A 1 62  ? -9.567  -2.983  2.428   1.00 17.28 ? 57  HIS A CA  1 
ATOM   491  C C   . HIS A 1 62  ? -10.129 -1.626  2.833   1.00 13.01 ? 57  HIS A C   1 
ATOM   492  O O   . HIS A 1 62  ? -9.710  -1.025  3.822   1.00 18.09 ? 57  HIS A O   1 
ATOM   493  C CB  . HIS A 1 62  ? -9.245  -3.849  3.637   1.00 20.17 ? 57  HIS A CB  1 
ATOM   494  C CG  . HIS A 1 62  ? -8.605  -5.157  3.289   1.00 20.46 ? 57  HIS A CG  1 
ATOM   495  N ND1 . HIS A 1 62  ? -9.256  -6.132  2.564   1.00 19.06 ? 57  HIS A ND1 1 
ATOM   496  C CD2 . HIS A 1 62  ? -7.382  -5.654  3.583   1.00 20.69 ? 57  HIS A CD2 1 
ATOM   497  C CE1 . HIS A 1 62  ? -8.453  -7.175  2.419   1.00 22.26 ? 57  HIS A CE1 1 
ATOM   498  N NE2 . HIS A 1 62  ? -7.308  -6.907  3.025   1.00 19.65 ? 57  HIS A NE2 1 
ATOM   499  N N   . LEU A 1 63  ? -11.074 -1.140  2.046   1.00 21.62 ? 58  LEU A N   1 
ATOM   500  C CA  . LEU A 1 63  ? -11.535 0.223   2.228   1.00 23.50 ? 58  LEU A CA  1 
ATOM   501  C C   . LEU A 1 63  ? -12.561 0.306   3.356   1.00 28.71 ? 58  LEU A C   1 
ATOM   502  O O   . LEU A 1 63  ? -13.157 -0.696  3.766   1.00 22.94 ? 58  LEU A O   1 
ATOM   503  C CB  . LEU A 1 63  ? -12.135 0.751   0.924   1.00 22.09 ? 58  LEU A CB  1 
ATOM   504  C CG  . LEU A 1 63  ? -11.202 0.775   -0.294  1.00 15.91 ? 58  LEU A CG  1 
ATOM   505  C CD1 . LEU A 1 63  ? -11.875 1.459   -1.466  1.00 20.32 ? 58  LEU A CD1 1 
ATOM   506  C CD2 . LEU A 1 63  ? -9.894  1.446   0.019   1.00 23.24 ? 58  LEU A CD2 1 
ATOM   507  N N   . HIS A 1 64  ? -12.740 1.528   3.863   1.00 29.41 ? 59  HIS A N   1 
ATOM   508  C CA  . HIS A 1 64  ? -13.823 1.845   4.783   1.00 29.22 ? 59  HIS A CA  1 
ATOM   509  C C   . HIS A 1 64  ? -15.132 1.249   4.265   1.00 23.33 ? 59  HIS A C   1 
ATOM   510  O O   . HIS A 1 64  ? -15.355 1.208   3.047   1.00 27.66 ? 59  HIS A O   1 
ATOM   511  C CB  . HIS A 1 64  ? -13.946 3.371   4.921   1.00 27.65 ? 59  HIS A CB  1 
ATOM   512  C CG  . HIS A 1 64  ? -14.802 3.819   6.067   1.00 29.73 ? 59  HIS A CG  1 
ATOM   513  N ND1 . HIS A 1 64  ? -16.167 3.982   5.958   1.00 30.47 ? 59  HIS A ND1 1 
ATOM   514  C CD2 . HIS A 1 64  ? -14.483 4.165   7.336   1.00 28.41 ? 59  HIS A CD2 1 
ATOM   515  C CE1 . HIS A 1 64  ? -16.654 4.393   7.115   1.00 27.34 ? 59  HIS A CE1 1 
ATOM   516  N NE2 . HIS A 1 64  ? -15.652 4.512   7.969   1.00 34.45 ? 59  HIS A NE2 1 
ATOM   517  N N   . PRO A 1 65  ? -16.011 0.758   5.142   1.00 34.97 ? 60  PRO A N   1 
ATOM   518  C CA  . PRO A 1 65  ? -17.232 0.085   4.662   1.00 25.32 ? 60  PRO A CA  1 
ATOM   519  C C   . PRO A 1 65  ? -18.235 1.002   3.972   1.00 35.18 ? 60  PRO A C   1 
ATOM   520  O O   . PRO A 1 65  ? -19.249 0.505   3.467   1.00 33.18 ? 60  PRO A O   1 
ATOM   521  C CB  . PRO A 1 65  ? -17.828 -0.518  5.941   1.00 35.75 ? 60  PRO A CB  1 
ATOM   522  C CG  . PRO A 1 65  ? -17.211 0.237   7.059   1.00 36.45 ? 60  PRO A CG  1 
ATOM   523  C CD  . PRO A 1 65  ? -15.844 0.639   6.601   1.00 33.61 ? 60  PRO A CD  1 
ATOM   524  N N   . THR A 1 66  ? -18.003 2.318   3.919   1.00 29.88 ? 61  THR A N   1 
ATOM   525  C CA  . THR A 1 66  ? -18.882 3.197   3.154   1.00 28.56 ? 61  THR A CA  1 
ATOM   526  C C   . THR A 1 66  ? -18.650 3.104   1.653   1.00 34.05 ? 61  THR A C   1 
ATOM   527  O O   . THR A 1 66  ? -19.411 3.704   0.889   1.00 35.76 ? 61  THR A O   1 
ATOM   528  C CB  . THR A 1 66  ? -18.707 4.651   3.599   1.00 26.74 ? 61  THR A CB  1 
ATOM   529  O OG1 . THR A 1 66  ? -17.309 4.981   3.650   1.00 26.78 ? 61  THR A OG1 1 
ATOM   530  C CG2 . THR A 1 66  ? -19.326 4.862   4.979   1.00 30.80 ? 61  THR A CG2 1 
ATOM   531  N N   . PHE A 1 67  ? -17.615 2.392   1.215   1.00 27.80 ? 62  PHE A N   1 
ATOM   532  C CA  . PHE A 1 67  ? -17.370 2.168   -0.203  1.00 32.71 ? 62  PHE A CA  1 
ATOM   533  C C   . PHE A 1 67  ? -18.055 0.888   -0.661  1.00 32.54 ? 62  PHE A C   1 
ATOM   534  O O   . PHE A 1 67  ? -18.142 -0.087  0.091   1.00 34.38 ? 62  PHE A O   1 
ATOM   535  C CB  . PHE A 1 67  ? -15.869 2.069   -0.486  1.00 28.75 ? 62  PHE A CB  1 
ATOM   536  C CG  . PHE A 1 67  ? -15.147 3.368   -0.340  1.00 25.78 ? 62  PHE A CG  1 
ATOM   537  C CD1 . PHE A 1 67  ? -15.034 4.231   -1.415  1.00 24.78 ? 62  PHE A CD1 1 
ATOM   538  C CD2 . PHE A 1 67  ? -14.601 3.737   0.878   1.00 23.46 ? 62  PHE A CD2 1 
ATOM   539  C CE1 . PHE A 1 67  ? -14.383 5.436   -1.279  1.00 23.64 ? 62  PHE A CE1 1 
ATOM   540  C CE2 . PHE A 1 67  ? -13.945 4.935   1.025   1.00 27.92 ? 62  PHE A CE2 1 
ATOM   541  C CZ  . PHE A 1 67  ? -13.837 5.793   -0.058  1.00 20.01 ? 62  PHE A CZ  1 
ATOM   542  N N   . ALA A 1 68  ? -18.540 0.902   -1.898  1.00 34.41 ? 63  ALA A N   1 
ATOM   543  C CA  . ALA A 1 68  ? -19.078 -0.307  -2.500  1.00 39.61 ? 63  ALA A CA  1 
ATOM   544  C C   . ALA A 1 68  ? -17.941 -1.266  -2.821  1.00 40.70 ? 63  ALA A C   1 
ATOM   545  O O   . ALA A 1 68  ? -16.862 -0.839  -3.244  1.00 31.77 ? 63  ALA A O   1 
ATOM   546  C CB  . ALA A 1 68  ? -19.854 0.027   -3.771  1.00 37.58 ? 63  ALA A CB  1 
ATOM   547  N N   . ASN A 1 69  ? -18.204 -2.565  -2.651  1.00 46.21 ? 64  ASN A N   1 
ATOM   548  C CA  A ASN A 1 69  ? -17.224 -3.637  -2.806  0.46 38.56 ? 64  ASN A CA  1 
ATOM   549  C CA  B ASN A 1 69  ? -17.225 -3.639  -2.803  0.54 38.56 ? 64  ASN A CA  1 
ATOM   550  C C   . ASN A 1 69  ? -15.867 -3.182  -2.257  1.00 28.03 ? 64  ASN A C   1 
ATOM   551  O O   . ASN A 1 69  ? -14.892 -3.087  -3.010  1.00 36.08 ? 64  ASN A O   1 
ATOM   552  C CB  A ASN A 1 69  ? -17.107 -4.094  -4.257  0.46 41.09 ? 64  ASN A CB  1 
ATOM   553  C CB  B ASN A 1 69  ? -17.113 -4.087  -4.256  0.54 41.09 ? 64  ASN A CB  1 
ATOM   554  C CG  A ASN A 1 69  ? -17.022 -2.937  -5.247  0.46 43.65 ? 64  ASN A CG  1 
ATOM   555  C CG  B ASN A 1 69  ? -18.343 -4.847  -4.727  0.54 47.61 ? 64  ASN A CG  1 
ATOM   556  O OD1 A ASN A 1 69  ? -15.936 -2.446  -5.555  0.46 36.19 ? 64  ASN A OD1 1 
ATOM   557  O OD1 B ASN A 1 69  ? -18.870 -5.702  -4.011  0.54 44.59 ? 64  ASN A OD1 1 
ATOM   558  N ND2 A ASN A 1 69  ? -18.171 -2.504  -5.755  0.46 44.61 ? 64  ASN A ND2 1 
ATOM   559  N ND2 B ASN A 1 69  ? -18.808 -4.536  -5.933  0.54 42.59 ? 64  ASN A ND2 1 
ATOM   560  N N   . PRO A 1 70  ? -15.774 -2.899  -0.954  1.00 26.49 ? 65  PRO A N   1 
ATOM   561  C CA  . PRO A 1 70  ? -14.615 -2.169  -0.417  1.00 26.82 ? 65  PRO A CA  1 
ATOM   562  C C   . PRO A 1 70  ? -13.301 -2.934  -0.425  1.00 23.35 ? 65  PRO A C   1 
ATOM   563  O O   . PRO A 1 70  ? -12.274 -2.366  -0.044  1.00 22.52 ? 65  PRO A O   1 
ATOM   564  C CB  . PRO A 1 70  ? -15.043 -1.858  1.020   1.00 21.90 ? 65  PRO A CB  1 
ATOM   565  C CG  . PRO A 1 70  ? -16.012 -2.944  1.370   1.00 26.84 ? 65  PRO A CG  1 
ATOM   566  C CD  . PRO A 1 70  ? -16.717 -3.318  0.102   1.00 26.68 ? 65  PRO A CD  1 
ATOM   567  N N   . ASN A 1 71  ? -13.284 -4.182  -0.847  1.00 19.92 ? 66  ASN A N   1 
ATOM   568  C CA  . ASN A 1 71  ? -12.044 -4.953  -0.941  1.00 22.27 ? 66  ASN A CA  1 
ATOM   569  C C   . ASN A 1 71  ? -11.621 -5.029  -2.400  1.00 23.76 ? 66  ASN A C   1 
ATOM   570  O O   . ASN A 1 71  ? -12.190 -5.787  -3.191  1.00 23.37 ? 66  ASN A O   1 
ATOM   571  C CB  . ASN A 1 71  ? -12.238 -6.315  -0.298  1.00 18.32 ? 66  ASN A CB  1 
ATOM   572  C CG  . ASN A 1 71  ? -12.675 -6.175  1.123   1.00 15.27 ? 66  ASN A CG  1 
ATOM   573  O OD1 . ASN A 1 71  ? -11.915 -5.703  1.959   1.00 25.51 ? 66  ASN A OD1 1 
ATOM   574  N ND2 . ASN A 1 71  ? -13.918 -6.541  1.411   1.00 24.24 ? 66  ASN A ND2 1 
ATOM   575  N N   . ARG A 1 72  ? -10.631 -4.211  -2.756  1.00 19.18 ? 67  ARG A N   1 
ATOM   576  C CA  . ARG A 1 72  ? -10.225 -4.002  -4.139  1.00 22.07 ? 67  ARG A CA  1 
ATOM   577  C C   . ARG A 1 72  ? -8.884  -4.687  -4.392  1.00 21.07 ? 67  ARG A C   1 
ATOM   578  O O   . ARG A 1 72  ? -7.879  -4.315  -3.779  1.00 18.19 ? 67  ARG A O   1 
ATOM   579  C CB  . ARG A 1 72  ? -10.122 -2.506  -4.434  1.00 20.14 ? 67  ARG A CB  1 
ATOM   580  C CG  . ARG A 1 72  ? -11.344 -1.705  -3.973  1.00 21.62 ? 67  ARG A CG  1 
ATOM   581  C CD  . ARG A 1 72  ? -12.499 -1.904  -4.935  1.00 28.30 ? 67  ARG A CD  1 
ATOM   582  N NE  . ARG A 1 72  ? -13.699 -1.199  -4.492  1.00 35.16 ? 67  ARG A NE  1 
ATOM   583  C CZ  . ARG A 1 72  ? -13.974 0.069   -4.788  1.00 33.44 ? 67  ARG A CZ  1 
ATOM   584  N NH1 . ARG A 1 72  ? -15.090 0.626   -4.337  1.00 35.60 ? 67  ARG A NH1 1 
ATOM   585  N NH2 . ARG A 1 72  ? -13.136 0.781   -5.532  1.00 25.20 ? 67  ARG A NH2 1 
ATOM   586  N N   . THR A 1 73  ? -8.869  -5.636  -5.328  1.00 16.35 ? 68  THR A N   1 
ATOM   587  C CA  . THR A 1 73  ? -7.695  -6.445  -5.650  1.00 18.29 ? 68  THR A CA  1 
ATOM   588  C C   . THR A 1 73  ? -6.977  -5.912  -6.884  1.00 17.81 ? 68  THR A C   1 
ATOM   589  O O   . THR A 1 73  ? -7.612  -5.575  -7.887  1.00 25.91 ? 68  THR A O   1 
ATOM   590  C CB  . THR A 1 73  ? -8.103  -7.901  -5.906  1.00 20.34 ? 68  THR A CB  1 
ATOM   591  O OG1 . THR A 1 73  ? -8.591  -8.494  -4.694  1.00 21.93 ? 68  THR A OG1 1 
ATOM   592  C CG2 . THR A 1 73  ? -6.925  -8.714  -6.437  1.00 17.73 ? 68  THR A CG2 1 
ATOM   593  N N   . PHE A 1 74  ? -5.646  -5.847  -6.813  1.00 14.49 ? 69  PHE A N   1 
ATOM   594  C CA  . PHE A 1 74  ? -4.800  -5.432  -7.921  1.00 14.52 ? 69  PHE A CA  1 
ATOM   595  C C   . PHE A 1 74  ? -3.631  -6.406  -8.032  1.00 17.21 ? 69  PHE A C   1 
ATOM   596  O O   . PHE A 1 74  ? -3.107  -6.879  -7.019  1.00 16.19 ? 69  PHE A O   1 
ATOM   597  C CB  . PHE A 1 74  ? -4.319  -3.981  -7.720  1.00 17.68 ? 69  PHE A CB  1 
ATOM   598  C CG  . PHE A 1 74  ? -5.454  -2.991  -7.709  1.00 18.45 ? 69  PHE A CG  1 
ATOM   599  C CD1 . PHE A 1 74  ? -5.939  -2.463  -8.898  1.00 23.78 ? 69  PHE A CD1 1 
ATOM   600  C CD2 . PHE A 1 74  ? -6.091  -2.662  -6.524  1.00 15.17 ? 69  PHE A CD2 1 
ATOM   601  C CE1 . PHE A 1 74  ? -7.013  -1.576  -8.901  1.00 22.30 ? 69  PHE A CE1 1 
ATOM   602  C CE2 . PHE A 1 74  ? -7.174  -1.771  -6.517  1.00 19.16 ? 69  PHE A CE2 1 
ATOM   603  C CZ  . PHE A 1 74  ? -7.628  -1.236  -7.708  1.00 18.78 ? 69  PHE A CZ  1 
ATOM   604  N N   . THR A 1 75  ? -3.237  -6.724  -9.257  1.00 15.22 ? 70  THR A N   1 
ATOM   605  C CA  . THR A 1 75  ? -2.258  -7.783  -9.471  1.00 16.29 ? 70  THR A CA  1 
ATOM   606  C C   . THR A 1 75  ? -0.968  -7.329  -10.132 1.00 19.90 ? 70  THR A C   1 
ATOM   607  O O   . THR A 1 75  ? -0.025  -8.127  -10.214 1.00 18.05 ? 70  THR A O   1 
ATOM   608  C CB  . THR A 1 75  ? -2.871  -8.910  -10.321 1.00 24.62 ? 70  THR A CB  1 
ATOM   609  O OG1 . THR A 1 75  ? -3.320  -8.367  -11.566 1.00 23.98 ? 70  THR A OG1 1 
ATOM   610  C CG2 . THR A 1 75  ? -4.044  -9.528  -9.606  1.00 22.66 ? 70  THR A CG2 1 
ATOM   611  N N   . ASP A 1 76  ? -0.885  -6.085  -10.594 1.00 19.73 ? 71  ASP A N   1 
ATOM   612  C CA  . ASP A 1 76  ? 0.277   -5.617  -11.336 1.00 20.59 ? 71  ASP A CA  1 
ATOM   613  C C   . ASP A 1 76  ? 0.829   -4.347  -10.699 1.00 17.22 ? 71  ASP A C   1 
ATOM   614  O O   . ASP A 1 76  ? 0.053   -3.419  -10.404 1.00 22.40 ? 71  ASP A O   1 
ATOM   615  C CB  . ASP A 1 76  ? -0.111  -5.376  -12.795 1.00 30.23 ? 71  ASP A CB  1 
ATOM   616  C CG  . ASP A 1 76  ? -0.570  -6.652  -13.486 1.00 33.95 ? 71  ASP A CG  1 
ATOM   617  O OD1 . ASP A 1 76  ? 0.298   -7.455  -13.873 1.00 39.40 ? 71  ASP A OD1 1 
ATOM   618  O OD2 . ASP A 1 76  ? -1.795  -6.863  -13.617 1.00 45.47 ? 71  ASP A OD2 1 
ATOM   619  N N   . PRO A 1 77  ? 2.139   -4.267  -10.460 1.00 17.05 ? 72  PRO A N   1 
ATOM   620  C CA  . PRO A 1 77  ? 2.739   -3.033  -9.944  1.00 19.37 ? 72  PRO A CA  1 
ATOM   621  C C   . PRO A 1 77  ? 2.382   -1.854  -10.834 1.00 24.81 ? 72  PRO A C   1 
ATOM   622  O O   . PRO A 1 77  ? 2.301   -2.005  -12.061 1.00 20.72 ? 72  PRO A O   1 
ATOM   623  C CB  . PRO A 1 77  ? 4.248   -3.325  -9.979  1.00 19.23 ? 72  PRO A CB  1 
ATOM   624  C CG  . PRO A 1 77  ? 4.350   -4.847  -9.967  1.00 22.10 ? 72  PRO A CG  1 
ATOM   625  C CD  . PRO A 1 77  ? 3.130   -5.342  -10.671 1.00 23.91 ? 72  PRO A CD  1 
ATOM   626  N N   . PRO A 1 78  ? 2.155   -0.662  -10.257 1.00 22.75 ? 73  PRO A N   1 
ATOM   627  C CA  . PRO A 1 78  ? 2.293   -0.361  -8.828  1.00 15.68 ? 73  PRO A CA  1 
ATOM   628  C C   . PRO A 1 78  ? 1.004   -0.503  -8.020  1.00 14.24 ? 73  PRO A C   1 
ATOM   629  O O   . PRO A 1 78  ? 0.851   0.224   -7.020  1.00 16.51 ? 73  PRO A O   1 
ATOM   630  C CB  . PRO A 1 78  ? 2.749   1.102   -8.835  1.00 18.69 ? 73  PRO A CB  1 
ATOM   631  C CG  . PRO A 1 78  ? 1.986   1.679   -10.023 1.00 17.32 ? 73  PRO A CG  1 
ATOM   632  C CD  . PRO A 1 78  ? 1.881   0.555   -11.044 1.00 20.81 ? 73  PRO A CD  1 
ATOM   633  N N   . PHE A 1 79  ? 0.097   -1.385  -8.447  1.00 13.83 ? 74  PHE A N   1 
ATOM   634  C CA  . PHE A 1 79  ? -1.121  -1.692  -7.694  1.00 13.76 ? 74  PHE A CA  1 
ATOM   635  C C   . PHE A 1 79  ? -1.940  -0.427  -7.419  1.00 20.85 ? 74  PHE A C   1 
ATOM   636  O O   . PHE A 1 79  ? -2.444  -0.214  -6.318  1.00 16.00 ? 74  PHE A O   1 
ATOM   637  C CB  . PHE A 1 79  ? -0.778  -2.418  -6.388  1.00 13.21 ? 74  PHE A CB  1 
ATOM   638  C CG  . PHE A 1 79  ? 0.177   -3.560  -6.582  1.00 14.38 ? 74  PHE A CG  1 
ATOM   639  C CD1 . PHE A 1 79  ? 1.526   -3.425  -6.273  1.00 15.25 ? 74  PHE A CD1 1 
ATOM   640  C CD2 . PHE A 1 79  ? -0.277  -4.762  -7.097  1.00 13.25 ? 74  PHE A CD2 1 
ATOM   641  C CE1 . PHE A 1 79  ? 2.426   -4.501  -6.468  1.00 14.37 ? 74  PHE A CE1 1 
ATOM   642  C CE2 . PHE A 1 79  ? 0.596   -5.838  -7.282  1.00 16.72 ? 74  PHE A CE2 1 
ATOM   643  C CZ  . PHE A 1 79  ? 1.952   -5.706  -6.969  1.00 12.00 ? 74  PHE A CZ  1 
ATOM   644  N N   . ARG A 1 80  ? -2.088  0.407   -8.441  1.00 14.88 ? 75  ARG A N   1 
ATOM   645  C CA  . ARG A 1 80  ? -2.724  1.706   -8.260  1.00 12.12 ? 75  ARG A CA  1 
ATOM   646  C C   . ARG A 1 80  ? -4.230  1.565   -8.076  1.00 16.37 ? 75  ARG A C   1 
ATOM   647  O O   . ARG A 1 80  ? -4.918  0.935   -8.885  1.00 20.09 ? 75  ARG A O   1 
ATOM   648  C CB  . ARG A 1 80  ? -2.417  2.605   -9.453  1.00 19.33 ? 75  ARG A CB  1 
ATOM   649  C CG  . ARG A 1 80  ? -3.115  3.966   -9.367  1.00 22.21 ? 75  ARG A CG  1 
ATOM   650  C CD  . ARG A 1 80  ? -2.968  4.700   -10.677 1.00 27.39 ? 75  ARG A CD  1 
ATOM   651  N NE  . ARG A 1 80  ? -3.758  5.932   -10.691 1.00 36.19 ? 75  ARG A NE  1 
ATOM   652  C CZ  . ARG A 1 80  ? -3.323  7.095   -10.218 1.00 39.41 ? 75  ARG A CZ  1 
ATOM   653  N NH1 . ARG A 1 80  ? -2.107  7.178   -9.696  1.00 28.92 ? 75  ARG A NH1 1 
ATOM   654  N NH2 . ARG A 1 80  ? -4.105  8.171   -10.270 1.00 37.70 ? 75  ARG A NH2 1 
ATOM   655  N N   . ILE A 1 81  ? -4.746  2.145   -7.002  1.00 16.34 ? 76  ILE A N   1 
ATOM   656  C CA  . ILE A 1 81  ? -6.182  2.246   -6.792  1.00 16.11 ? 76  ILE A CA  1 
ATOM   657  C C   . ILE A 1 81  ? -6.559  3.717   -6.893  1.00 17.14 ? 76  ILE A C   1 
ATOM   658  O O   . ILE A 1 81  ? -5.801  4.595   -6.457  1.00 14.53 ? 76  ILE A O   1 
ATOM   659  C CB  . ILE A 1 81  ? -6.632  1.655   -5.442  1.00 13.58 ? 76  ILE A CB  1 
ATOM   660  C CG1 . ILE A 1 81  ? -8.161  1.755   -5.291  1.00 15.08 ? 76  ILE A CG1 1 
ATOM   661  C CG2 . ILE A 1 81  ? -5.909  2.337   -4.282  1.00 14.14 ? 76  ILE A CG2 1 
ATOM   662  C CD1 . ILE A 1 81  ? -8.729  1.111   -4.032  1.00 17.52 ? 76  ILE A CD1 1 
ATOM   663  N N   . GLU A 1 82  ? -7.710  3.978   -7.503  1.00 20.77 ? 77  GLU A N   1 
ATOM   664  C CA  . GLU A 1 82  ? -8.294  5.312   -7.563  1.00 28.04 ? 77  GLU A CA  1 
ATOM   665  C C   . GLU A 1 82  ? -9.732  5.225   -7.091  1.00 21.51 ? 77  GLU A C   1 
ATOM   666  O O   . GLU A 1 82  ? -10.469 4.320   -7.497  1.00 20.85 ? 77  GLU A O   1 
ATOM   667  C CB  . GLU A 1 82  ? -8.251  5.893   -8.974  1.00 30.05 ? 77  GLU A CB  1 
ATOM   668  C CG  . GLU A 1 82  ? -6.886  5.914   -9.604  1.00 31.87 ? 77  GLU A CG  1 
ATOM   669  C CD  . GLU A 1 82  ? -6.898  6.627   -10.948 1.00 53.87 ? 77  GLU A CD  1 
ATOM   670  O OE1 . GLU A 1 82  ? -7.929  7.256   -11.276 1.00 61.49 ? 77  GLU A OE1 1 
ATOM   671  O OE2 . GLU A 1 82  ? -5.887  6.555   -11.674 1.00 52.91 ? 77  GLU A OE2 1 
ATOM   672  N N   . GLU A 1 83  ? -10.128 6.159   -6.233  1.00 19.75 ? 78  GLU A N   1 
ATOM   673  C CA  . GLU A 1 83  ? -11.472 6.192   -5.682  1.00 20.02 ? 78  GLU A CA  1 
ATOM   674  C C   . GLU A 1 83  ? -11.860 7.653   -5.480  1.00 21.48 ? 78  GLU A C   1 
ATOM   675  O O   . GLU A 1 83  ? -11.087 8.561   -5.788  1.00 19.67 ? 78  GLU A O   1 
ATOM   676  C CB  . GLU A 1 83  ? -11.556 5.409   -4.371  1.00 21.70 ? 78  GLU A CB  1 
ATOM   677  C CG  . GLU A 1 83  ? -12.229 4.056   -4.505  1.00 27.98 ? 78  GLU A CG  1 
ATOM   678  C CD  . GLU A 1 83  ? -13.670 4.149   -4.972  1.00 29.71 ? 78  GLU A CD  1 
ATOM   679  O OE1 . GLU A 1 83  ? -14.290 5.224   -4.853  1.00 23.97 ? 78  GLU A OE1 1 
ATOM   680  O OE2 . GLU A 1 83  ? -14.186 3.142   -5.480  1.00 30.80 ? 78  GLU A OE2 1 
ATOM   681  N N   . GLN A 1 84  ? -13.078 7.874   -4.985  1.00 23.77 ? 79  GLN A N   1 
ATOM   682  C CA  . GLN A 1 84  ? -13.543 9.206   -4.602  1.00 23.85 ? 79  GLN A CA  1 
ATOM   683  C C   . GLN A 1 84  ? -14.221 9.132   -3.244  1.00 22.08 ? 79  GLN A C   1 
ATOM   684  O O   . GLN A 1 84  ? -14.900 8.151   -2.935  1.00 21.43 ? 79  GLN A O   1 
ATOM   685  C CB  . GLN A 1 84  ? -14.579 9.801   -5.572  1.00 26.46 ? 79  GLN A CB  1 
ATOM   686  C CG  . GLN A 1 84  ? -14.371 9.613   -7.047  1.00 38.16 ? 79  GLN A CG  1 
ATOM   687  C CD  . GLN A 1 84  ? -15.542 10.180  -7.840  1.00 35.38 ? 79  GLN A CD  1 
ATOM   688  O OE1 . GLN A 1 84  ? -16.590 10.516  -7.274  1.00 34.53 ? 79  GLN A OE1 1 
ATOM   689  N NE2 . GLN A 1 84  ? -15.368 10.297  -9.148  1.00 45.56 ? 79  GLN A NE2 1 
ATOM   690  N N   . GLY A 1 85  ? -14.098 10.197  -2.459  1.00 20.78 ? 80  GLY A N   1 
ATOM   691  C CA  . GLY A 1 85  ? -14.807 10.228  -1.193  1.00 20.62 ? 80  GLY A CA  1 
ATOM   692  C C   . GLY A 1 85  ? -14.599 11.543  -0.478  1.00 18.24 ? 80  GLY A C   1 
ATOM   693  O O   . GLY A 1 85  ? -13.889 12.427  -0.952  1.00 19.81 ? 80  GLY A O   1 
ATOM   694  N N   . TRP A 1 86  ? -15.218 11.658  0.691   1.00 21.56 ? 81  TRP A N   1 
ATOM   695  C CA  . TRP A 1 86  ? -15.237 12.923  1.415   1.00 24.64 ? 81  TRP A CA  1 
ATOM   696  C C   . TRP A 1 86  ? -14.487 12.887  2.739   1.00 22.74 ? 81  TRP A C   1 
ATOM   697  O O   . TRP A 1 86  ? -14.376 13.936  3.382   1.00 23.34 ? 81  TRP A O   1 
ATOM   698  C CB  . TRP A 1 86  ? -16.688 13.359  1.661   1.00 26.35 ? 81  TRP A CB  1 
ATOM   699  C CG  . TRP A 1 86  ? -17.553 12.227  2.055   1.00 28.79 ? 81  TRP A CG  1 
ATOM   700  C CD1 . TRP A 1 86  ? -18.370 11.498  1.247   1.00 33.51 ? 81  TRP A CD1 1 
ATOM   701  C CD2 . TRP A 1 86  ? -17.672 11.667  3.363   1.00 37.72 ? 81  TRP A CD2 1 
ATOM   702  N NE1 . TRP A 1 86  ? -19.002 10.517  1.974   1.00 43.73 ? 81  TRP A NE1 1 
ATOM   703  C CE2 . TRP A 1 86  ? -18.589 10.600  3.278   1.00 44.10 ? 81  TRP A CE2 1 
ATOM   704  C CE3 . TRP A 1 86  ? -17.096 11.964  4.602   1.00 44.18 ? 81  TRP A CE3 1 
ATOM   705  C CZ2 . TRP A 1 86  ? -18.945 9.833   4.385   1.00 47.65 ? 81  TRP A CZ2 1 
ATOM   706  C CZ3 . TRP A 1 86  ? -17.448 11.200  5.698   1.00 46.16 ? 81  TRP A CZ3 1 
ATOM   707  C CH2 . TRP A 1 86  ? -18.364 10.148  5.583   1.00 45.72 ? 81  TRP A CH2 1 
ATOM   708  N N   . GLY A 1 87  ? -13.976 11.739  3.176   1.00 25.21 ? 82  GLY A N   1 
ATOM   709  C CA  . GLY A 1 87  ? -13.303 11.666  4.464   1.00 22.91 ? 82  GLY A CA  1 
ATOM   710  C C   . GLY A 1 87  ? -12.116 10.727  4.440   1.00 21.49 ? 82  GLY A C   1 
ATOM   711  O O   . GLY A 1 87  ? -12.118 9.711   3.753   1.00 25.43 ? 82  GLY A O   1 
ATOM   712  N N   . GLY A 1 88  ? -11.094 11.081  5.225   1.00 25.02 ? 83  GLY A N   1 
ATOM   713  C CA  . GLY A 1 88  ? -9.953  10.200  5.408   1.00 27.18 ? 83  GLY A CA  1 
ATOM   714  C C   . GLY A 1 88  ? -10.269 9.048   6.344   1.00 25.23 ? 83  GLY A C   1 
ATOM   715  O O   . GLY A 1 88  ? -11.243 9.078   7.093   1.00 25.30 ? 83  GLY A O   1 
ATOM   716  N N   . PHE A 1 89  ? -9.420  8.019   6.321   1.00 23.01 ? 84  PHE A N   1 
ATOM   717  C CA  . PHE A 1 89  ? -9.688  6.847   7.143   1.00 25.49 ? 84  PHE A CA  1 
ATOM   718  C C   . PHE A 1 89  ? -8.444  5.988   7.215   1.00 31.34 ? 84  PHE A C   1 
ATOM   719  O O   . PHE A 1 89  ? -7.633  5.988   6.279   1.00 21.59 ? 84  PHE A O   1 
ATOM   720  C CB  . PHE A 1 89  ? -10.869 6.032   6.591   1.00 20.64 ? 84  PHE A CB  1 
ATOM   721  C CG  . PHE A 1 89  ? -10.719 5.617   5.143   1.00 19.80 ? 84  PHE A CG  1 
ATOM   722  C CD1 . PHE A 1 89  ? -10.211 4.360   4.818   1.00 30.07 ? 84  PHE A CD1 1 
ATOM   723  C CD2 . PHE A 1 89  ? -11.138 6.450   4.114   1.00 27.29 ? 84  PHE A CD2 1 
ATOM   724  C CE1 . PHE A 1 89  ? -10.091 3.955   3.483   1.00 22.03 ? 84  PHE A CE1 1 
ATOM   725  C CE2 . PHE A 1 89  ? -11.029 6.055   2.781   1.00 25.89 ? 84  PHE A CE2 1 
ATOM   726  C CZ  . PHE A 1 89  ? -10.498 4.810   2.467   1.00 28.21 ? 84  PHE A CZ  1 
ATOM   727  N N   . PRO A 1 90  ? -8.248  5.268   8.315   1.00 27.23 ? 85  PRO A N   1 
ATOM   728  C CA  . PRO A 1 90  ? -7.211  4.239   8.332   1.00 33.43 ? 85  PRO A CA  1 
ATOM   729  C C   . PRO A 1 90  ? -7.676  3.063   7.496   1.00 31.77 ? 85  PRO A C   1 
ATOM   730  O O   . PRO A 1 90  ? -8.862  2.727   7.467   1.00 29.22 ? 85  PRO A O   1 
ATOM   731  C CB  . PRO A 1 90  ? -7.083  3.877   9.818   1.00 22.32 ? 85  PRO A CB  1 
ATOM   732  C CG  . PRO A 1 90  ? -8.429  4.220   10.404  1.00 34.75 ? 85  PRO A CG  1 
ATOM   733  C CD  . PRO A 1 90  ? -9.026  5.323   9.567   1.00 30.75 ? 85  PRO A CD  1 
ATOM   734  N N   . LEU A 1 91  ? -6.750  2.465   6.767   1.00 32.84 ? 86  LEU A N   1 
ATOM   735  C CA  . LEU A 1 91  ? -7.114  1.304   5.973   1.00 31.72 ? 86  LEU A CA  1 
ATOM   736  C C   . LEU A 1 91  ? -5.952  0.335   5.970   1.00 38.36 ? 86  LEU A C   1 
ATOM   737  O O   . LEU A 1 91  ? -4.786  0.743   5.970   1.00 42.27 ? 86  LEU A O   1 
ATOM   738  C CB  . LEU A 1 91  ? -7.514  1.670   4.529   1.00 34.72 ? 86  LEU A CB  1 
ATOM   739  C CG  . LEU A 1 91  ? -6.531  2.323   3.550   1.00 40.69 ? 86  LEU A CG  1 
ATOM   740  C CD1 . LEU A 1 91  ? -7.142  2.342   2.158   1.00 34.31 ? 86  LEU A CD1 1 
ATOM   741  C CD2 . LEU A 1 91  ? -6.153  3.739   3.966   1.00 41.07 ? 86  LEU A CD2 1 
ATOM   742  N N   . ASP A 1 92  ? -6.279  -0.949  6.001   1.00 35.71 ? 87  ASP A N   1 
ATOM   743  C CA  . ASP A 1 92  ? -5.270  -1.982  5.901   1.00 29.93 ? 87  ASP A CA  1 
ATOM   744  C C   . ASP A 1 92  ? -5.078  -2.314  4.433   1.00 16.51 ? 87  ASP A C   1 
ATOM   745  O O   . ASP A 1 92  ? -6.050  -2.485  3.692   1.00 22.54 ? 87  ASP A O   1 
ATOM   746  C CB  . ASP A 1 92  ? -5.670  -3.228  6.693   1.00 39.97 ? 87  ASP A CB  1 
ATOM   747  C CG  . ASP A 1 92  ? -5.543  -3.026  8.184   1.00 53.73 ? 87  ASP A CG  1 
ATOM   748  O OD1 . ASP A 1 92  ? -6.331  -2.225  8.733   1.00 57.96 ? 87  ASP A OD1 1 
ATOM   749  O OD2 . ASP A 1 92  ? -4.655  -3.654  8.802   1.00 40.66 ? 87  ASP A OD2 1 
ATOM   750  N N   . ILE A 1 93  ? -3.824  -2.387  4.020   1.00 18.08 ? 88  ILE A N   1 
ATOM   751  C CA  . ILE A 1 93  ? -3.453  -2.836  2.691   1.00 15.32 ? 88  ILE A CA  1 
ATOM   752  C C   . ILE A 1 93  ? -2.855  -4.222  2.857   1.00 17.00 ? 88  ILE A C   1 
ATOM   753  O O   . ILE A 1 93  ? -1.787  -4.359  3.455   1.00 19.91 ? 88  ILE A O   1 
ATOM   754  C CB  . ILE A 1 93  ? -2.434  -1.884  2.049   1.00 13.38 ? 88  ILE A CB  1 
ATOM   755  C CG1 . ILE A 1 93  ? -2.976  -0.456  2.043   1.00 17.85 ? 88  ILE A CG1 1 
ATOM   756  C CG2 . ILE A 1 93  ? -2.065  -2.373  0.637   1.00 14.69 ? 88  ILE A CG2 1 
ATOM   757  C CD1 . ILE A 1 93  ? -1.984  0.542   1.433   1.00 19.14 ? 88  ILE A CD1 1 
ATOM   758  N N   . SER A 1 94  ? -3.512  -5.247  2.323   1.00 12.27 ? 89  SER A N   1 
ATOM   759  C CA  . SER A 1 94  ? -2.922  -6.580  2.352   1.00 13.72 ? 89  SER A CA  1 
ATOM   760  C C   . SER A 1 94  ? -2.025  -6.739  1.132   1.00 13.88 ? 89  SER A C   1 
ATOM   761  O O   . SER A 1 94  ? -2.499  -6.623  0.002   1.00 13.66 ? 89  SER A O   1 
ATOM   762  C CB  . SER A 1 94  ? -4.001  -7.657  2.352   1.00 14.10 ? 89  SER A CB  1 
ATOM   763  O OG  . SER A 1 94  ? -4.632  -7.726  3.611   1.00 16.37 ? 89  SER A OG  1 
ATOM   764  N N   . VAL A 1 95  ? -0.749  -7.038  1.350   1.00 13.31 ? 90  VAL A N   1 
ATOM   765  C CA  . VAL A 1 95  ? 0.167   -7.347  0.256   1.00 7.15  ? 90  VAL A CA  1 
ATOM   766  C C   . VAL A 1 95  ? 0.512   -8.831  0.348   1.00 12.06 ? 90  VAL A C   1 
ATOM   767  O O   . VAL A 1 95  ? 0.769   -9.350  1.434   1.00 12.58 ? 90  VAL A O   1 
ATOM   768  C CB  . VAL A 1 95  ? 1.424   -6.454  0.268   1.00 12.92 ? 90  VAL A CB  1 
ATOM   769  C CG1 . VAL A 1 95  ? 1.024   -4.973  0.170   1.00 12.67 ? 90  VAL A CG1 1 
ATOM   770  C CG2 . VAL A 1 95  ? 2.277   -6.682  1.515   1.00 12.59 ? 90  VAL A CG2 1 
ATOM   771  N N   . PHE A 1 96  ? 0.477   -9.518  -0.787  1.00 10.59 ? 91  PHE A N   1 
ATOM   772  C CA  . PHE A 1 96  ? 0.649   -10.969 -0.825  1.00 11.94 ? 91  PHE A CA  1 
ATOM   773  C C   . PHE A 1 96  ? 1.965   -11.247 -1.529  1.00 10.92 ? 91  PHE A C   1 
ATOM   774  O O   . PHE A 1 96  ? 2.128   -10.898 -2.705  1.00 12.43 ? 91  PHE A O   1 
ATOM   775  C CB  . PHE A 1 96  ? -0.517  -11.660 -1.542  1.00 12.14 ? 91  PHE A CB  1 
ATOM   776  C CG  . PHE A 1 96  ? -1.788  -11.690 -0.733  1.00 13.07 ? 91  PHE A CG  1 
ATOM   777  C CD1 . PHE A 1 96  ? -2.077  -12.766 0.088   1.00 13.73 ? 91  PHE A CD1 1 
ATOM   778  C CD2 . PHE A 1 96  ? -2.689  -10.632 -0.784  1.00 14.67 ? 91  PHE A CD2 1 
ATOM   779  C CE1 . PHE A 1 96  ? -3.244  -12.789 0.858   1.00 16.55 ? 91  PHE A CE1 1 
ATOM   780  C CE2 . PHE A 1 96  ? -3.861  -10.652 -0.026  1.00 16.99 ? 91  PHE A CE2 1 
ATOM   781  C CZ  . PHE A 1 96  ? -4.131  -11.718 0.798   1.00 16.32 ? 91  PHE A CZ  1 
ATOM   782  N N   . LEU A 1 97  ? 2.908   -11.833 -0.797  1.00 12.08 ? 92  LEU A N   1 
ATOM   783  C CA  . LEU A 1 97  ? 4.219   -12.139 -1.353  1.00 9.82  ? 92  LEU A CA  1 
ATOM   784  C C   . LEU A 1 97  ? 4.122   -13.272 -2.366  1.00 11.41 ? 92  LEU A C   1 
ATOM   785  O O   . LEU A 1 97  ? 3.214   -14.103 -2.315  1.00 10.05 ? 92  LEU A O   1 
ATOM   786  C CB  . LEU A 1 97  ? 5.195   -12.537 -0.240  1.00 10.68 ? 92  LEU A CB  1 
ATOM   787  C CG  . LEU A 1 97  ? 5.574   -11.440 0.749   1.00 14.44 ? 92  LEU A CG  1 
ATOM   788  C CD1 . LEU A 1 97  ? 6.128   -12.099 2.030   1.00 16.18 ? 92  LEU A CD1 1 
ATOM   789  C CD2 . LEU A 1 97  ? 6.576   -10.467 0.119   1.00 9.43  ? 92  LEU A CD2 1 
ATOM   790  N N   . LEU A 1 98  ? 5.084   -13.298 -3.292  1.00 9.97  ? 93  LEU A N   1 
ATOM   791  C CA  . LEU A 1 98  ? 5.130   -14.326 -4.322  1.00 11.01 ? 93  LEU A CA  1 
ATOM   792  C C   . LEU A 1 98  ? 5.201   -15.708 -3.684  1.00 11.64 ? 93  LEU A C   1 
ATOM   793  O O   . LEU A 1 98  ? 5.618   -15.854 -2.541  1.00 13.16 ? 93  LEU A O   1 
ATOM   794  C CB  . LEU A 1 98  ? 6.366   -14.147 -5.209  1.00 10.57 ? 93  LEU A CB  1 
ATOM   795  C CG  . LEU A 1 98  ? 6.544   -12.919 -6.096  1.00 14.45 ? 93  LEU A CG  1 
ATOM   796  C CD1 . LEU A 1 98  ? 7.830   -13.072 -6.901  1.00 15.77 ? 93  LEU A CD1 1 
ATOM   797  C CD2 . LEU A 1 98  ? 5.347   -12.711 -7.021  1.00 18.65 ? 93  LEU A CD2 1 
ATOM   798  N N   . GLU A 1 99  ? 4.797   -16.729 -4.451  1.00 12.86 ? 94  GLU A N   1 
ATOM   799  C CA  . GLU A 1 99  ? 4.984   -18.134 -4.064  1.00 13.01 ? 94  GLU A CA  1 
ATOM   800  C C   . GLU A 1 99  ? 4.289   -18.460 -2.744  1.00 14.61 ? 94  GLU A C   1 
ATOM   801  O O   . GLU A 1 99  ? 4.785   -19.269 -1.954  1.00 14.38 ? 94  GLU A O   1 
ATOM   802  C CB  . GLU A 1 99  ? 6.474   -18.492 -3.984  1.00 13.74 ? 94  GLU A CB  1 
ATOM   803  C CG  . GLU A 1 99  ? 7.189   -18.441 -5.333  1.00 18.42 ? 94  GLU A CG  1 
ATOM   804  C CD  . GLU A 1 99  ? 6.640   -19.459 -6.309  1.00 23.10 ? 94  GLU A CD  1 
ATOM   805  O OE1 . GLU A 1 99  ? 7.230   -20.556 -6.406  1.00 16.20 ? 94  GLU A OE1 1 
ATOM   806  O OE2 . GLU A 1 99  ? 5.618   -19.162 -6.970  1.00 17.77 ? 94  GLU A OE2 1 
ATOM   807  N N   . LYS A 1 100 ? 3.148   -17.807 -2.486  1.00 12.93 ? 95  LYS A N   1 
ATOM   808  C CA  . LYS A 1 100 ? 2.365   -18.043 -1.278  1.00 16.74 ? 95  LYS A CA  1 
ATOM   809  C C   . LYS A 1 100 ? 3.197   -17.844 -0.018  1.00 15.72 ? 95  LYS A C   1 
ATOM   810  O O   . LYS A 1 100 ? 2.961   -18.499 1.007   1.00 14.72 ? 95  LYS A O   1 
ATOM   811  C CB  . LYS A 1 100 ? 1.744   -19.447 -1.296  1.00 16.87 ? 95  LYS A CB  1 
ATOM   812  C CG  . LYS A 1 100 ? 0.726   -19.629 -2.413  1.00 26.71 ? 95  LYS A CG  1 
ATOM   813  C CD  . LYS A 1 100 ? 0.455   -21.100 -2.718  1.00 36.00 ? 95  LYS A CD  1 
ATOM   814  C CE  . LYS A 1 100 ? -0.256  -21.789 -1.566  1.00 46.14 ? 95  LYS A CE  1 
ATOM   815  N NZ  . LYS A 1 100 ? -0.437  -23.255 -1.811  1.00 54.98 ? 95  LYS A NZ  1 
ATOM   816  N N   . ALA A 1 101 ? 4.192   -16.957 -0.090  1.00 12.48 ? 96  ALA A N   1 
ATOM   817  C CA  . ALA A 1 101 ? 5.096   -16.785 1.034   1.00 11.81 ? 96  ALA A CA  1 
ATOM   818  C C   . ALA A 1 101 ? 4.449   -16.063 2.201   1.00 13.20 ? 96  ALA A C   1 
ATOM   819  O O   . ALA A 1 101 ? 4.979   -16.128 3.316   1.00 15.02 ? 96  ALA A O   1 
ATOM   820  C CB  . ALA A 1 101 ? 6.357   -16.041 0.606   1.00 12.42 ? 96  ALA A CB  1 
ATOM   821  N N   . GLY A 1 102 ? 3.355   -15.357 1.982   1.00 13.89 ? 97  GLY A N   1 
ATOM   822  C CA  . GLY A 1 102 ? 2.628   -14.800 3.105   1.00 14.20 ? 97  GLY A CA  1 
ATOM   823  C C   . GLY A 1 102 ? 1.942   -13.476 2.816   1.00 14.22 ? 97  GLY A C   1 
ATOM   824  O O   . GLY A 1 102 ? 2.372   -12.677 1.988   1.00 13.81 ? 97  GLY A O   1 
ATOM   825  N N   . GLU A 1 103 ? 0.832   -13.262 3.512   1.00 10.10 ? 98  GLU A N   1 
ATOM   826  C CA  . GLU A 1 103 ? 0.169   -11.966 3.542   1.00 10.68 ? 98  GLU A CA  1 
ATOM   827  C C   . GLU A 1 103 ? 0.826   -11.065 4.580   1.00 15.39 ? 98  GLU A C   1 
ATOM   828  O O   . GLU A 1 103 ? 1.203   -11.512 5.666   1.00 15.94 ? 98  GLU A O   1 
ATOM   829  C CB  . GLU A 1 103 ? -1.315  -12.178 3.856   1.00 14.25 ? 98  GLU A CB  1 
ATOM   830  C CG  . GLU A 1 103 ? -2.147  -10.888 3.944   1.00 18.47 ? 98  GLU A CG  1 
ATOM   831  C CD  . GLU A 1 103 ? -3.583  -11.166 4.344   1.00 24.63 ? 98  GLU A CD  1 
ATOM   832  O OE1 . GLU A 1 103 ? -3.881  -12.308 4.759   1.00 22.53 ? 98  GLU A OE1 1 
ATOM   833  O OE2 . GLU A 1 103 ? -4.417  -10.247 4.249   1.00 17.88 ? 98  GLU A OE2 1 
ATOM   834  N N   . ARG A 1 104 ? 1.020   -9.798  4.226   1.00 13.33 ? 99  ARG A N   1 
ATOM   835  C CA  . ARG A 1 104 ? 1.415   -8.774  5.184   1.00 12.31 ? 99  ARG A CA  1 
ATOM   836  C C   . ARG A 1 104 ? 0.336   -7.707  5.186   1.00 19.49 ? 99  ARG A C   1 
ATOM   837  O O   . ARG A 1 104 ? -0.119  -7.287  4.122   1.00 15.63 ? 99  ARG A O   1 
ATOM   838  C CB  . ARG A 1 104 ? 2.770   -8.163  4.833   1.00 12.42 ? 99  ARG A CB  1 
ATOM   839  C CG  . ARG A 1 104 ? 3.925   -9.159  4.778   1.00 19.87 ? 99  ARG A CG  1 
ATOM   840  C CD  . ARG A 1 104 ? 4.341   -9.601  6.188   1.00 19.39 ? 99  ARG A CD  1 
ATOM   841  N NE  . ARG A 1 104 ? 5.422   -10.586 6.164   1.00 17.54 ? 99  ARG A NE  1 
ATOM   842  C CZ  . ARG A 1 104 ? 5.221   -11.896 6.099   1.00 19.54 ? 99  ARG A CZ  1 
ATOM   843  N NH1 . ARG A 1 104 ? 3.980   -12.386 6.028   1.00 16.77 ? 99  ARG A NH1 1 
ATOM   844  N NH2 . ARG A 1 104 ? 6.251   -12.729 6.092   1.00 22.34 ? 99  ARG A NH2 1 
ATOM   845  N N   . LYS A 1 105 ? -0.098  -7.293  6.365   1.00 21.67 ? 100 LYS A N   1 
ATOM   846  C CA  . LYS A 1 105 ? -1.075  -6.217  6.482   1.00 24.54 ? 100 LYS A CA  1 
ATOM   847  C C   . LYS A 1 105 ? -0.312  -4.934  6.788   1.00 31.96 ? 100 LYS A C   1 
ATOM   848  O O   . LYS A 1 105 ? 0.288   -4.799  7.856   1.00 28.55 ? 100 LYS A O   1 
ATOM   849  C CB  . LYS A 1 105 ? -2.120  -6.531  7.549   1.00 26.49 ? 100 LYS A CB  1 
ATOM   850  C CG  . LYS A 1 105 ? -3.140  -7.572  7.114   1.00 27.95 ? 100 LYS A CG  1 
ATOM   851  C CD  . LYS A 1 105 ? -3.740  -8.300  8.314   1.00 47.18 ? 100 LYS A CD  1 
ATOM   852  C CE  . LYS A 1 105 ? -5.087  -8.921  7.991   1.00 44.95 ? 100 LYS A CE  1 
ATOM   853  N NZ  . LYS A 1 105 ? -6.184  -7.920  7.987   1.00 52.71 ? 100 LYS A NZ  1 
ATOM   854  N N   . ILE A 1 106 ? -0.300  -4.013  5.835   1.00 30.28 ? 101 ILE A N   1 
ATOM   855  C CA  . ILE A 1 106 ? 0.412   -2.748  5.966   1.00 25.95 ? 101 ILE A CA  1 
ATOM   856  C C   . ILE A 1 106 ? -0.600  -1.687  6.387   1.00 30.70 ? 101 ILE A C   1 
ATOM   857  O O   . ILE A 1 106 ? -1.577  -1.450  5.651   1.00 24.13 ? 101 ILE A O   1 
ATOM   858  C CB  . ILE A 1 106 ? 1.128   -2.355  4.666   1.00 26.63 ? 101 ILE A CB  1 
ATOM   859  C CG1 . ILE A 1 106 ? 2.158   -3.423  4.299   1.00 25.61 ? 101 ILE A CG1 1 
ATOM   860  C CG2 . ILE A 1 106 ? 1.819   -1.013  4.834   1.00 28.41 ? 101 ILE A CG2 1 
ATOM   861  C CD1 . ILE A 1 106 ? 2.890   -3.166  2.993   1.00 40.50 ? 101 ILE A CD1 1 
ATOM   862  N N   . PRO A 1 107 ? -0.442  -1.069  7.560   1.00 35.59 ? 102 PRO A N   1 
ATOM   863  C CA  . PRO A 1 107 ? -1.397  -0.044  8.002   1.00 30.31 ? 102 PRO A CA  1 
ATOM   864  C C   . PRO A 1 107 ? -1.129  1.254   7.259   1.00 29.59 ? 102 PRO A C   1 
ATOM   865  O O   . PRO A 1 107 ? -0.013  1.774   7.270   1.00 37.84 ? 102 PRO A O   1 
ATOM   866  C CB  . PRO A 1 107 ? -1.102  0.090   9.501   1.00 38.63 ? 102 PRO A CB  1 
ATOM   867  C CG  . PRO A 1 107 ? 0.353   -0.254  9.623   1.00 32.35 ? 102 PRO A CG  1 
ATOM   868  C CD  . PRO A 1 107 ? 0.662   -1.254  8.525   1.00 36.09 ? 102 PRO A CD  1 
ATOM   869  N N   . HIS A 1 108 ? -2.138  1.748   6.579   1.00 20.89 ? 103 HIS A N   1 
ATOM   870  C CA  . HIS A 1 108 ? -2.060  3.028   5.897   1.00 28.09 ? 103 HIS A CA  1 
ATOM   871  C C   . HIS A 1 108 ? -3.111  3.957   6.478   1.00 26.49 ? 103 HIS A C   1 
ATOM   872  O O   . HIS A 1 108 ? -4.068  3.510   7.113   1.00 25.44 ? 103 HIS A O   1 
ATOM   873  C CB  . HIS A 1 108 ? -2.290  2.875   4.391   1.00 25.61 ? 103 HIS A CB  1 
ATOM   874  C CG  . HIS A 1 108 ? -1.989  4.111   3.605   1.00 20.17 ? 103 HIS A CG  1 
ATOM   875  N ND1 . HIS A 1 108 ? -0.850  4.858   3.803   1.00 17.98 ? 103 HIS A ND1 1 
ATOM   876  C CD2 . HIS A 1 108 ? -2.677  4.727   2.613   1.00 21.64 ? 103 HIS A CD2 1 
ATOM   877  C CE1 . HIS A 1 108 ? -0.843  5.878   2.963   1.00 21.11 ? 103 HIS A CE1 1 
ATOM   878  N NE2 . HIS A 1 108 ? -1.937  5.819   2.228   1.00 16.51 ? 103 HIS A NE2 1 
ATOM   879  N N   . ASP A 1 109 ? -2.928  5.258   6.248   1.00 28.12 ? 104 ASP A N   1 
ATOM   880  C CA  . ASP A 1 109 ? -3.956  6.246   6.545   1.00 25.34 ? 104 ASP A CA  1 
ATOM   881  C C   . ASP A 1 109 ? -4.169  7.114   5.313   1.00 17.14 ? 104 ASP A C   1 
ATOM   882  O O   . ASP A 1 109 ? -3.237  7.772   4.841   1.00 20.14 ? 104 ASP A O   1 
ATOM   883  C CB  . ASP A 1 109 ? -3.593  7.115   7.743   1.00 24.67 ? 104 ASP A CB  1 
ATOM   884  C CG  . ASP A 1 109 ? -4.777  7.900   8.238   1.00 33.39 ? 104 ASP A CG  1 
ATOM   885  O OD1 . ASP A 1 109 ? -5.510  7.364   9.090   1.00 27.71 ? 104 ASP A OD1 1 
ATOM   886  O OD2 . ASP A 1 109 ? -4.999  9.036   7.748   1.00 29.24 ? 104 ASP A OD2 1 
ATOM   887  N N   . LEU A 1 110 ? -5.367  7.061   4.772   1.00 21.81 ? 105 LEU A N   1 
ATOM   888  C CA  . LEU A 1 110 ? -5.735  7.863   3.617   1.00 21.35 ? 105 LEU A CA  1 
ATOM   889  C C   . LEU A 1 110 ? -6.281  9.179   4.157   1.00 19.60 ? 105 LEU A C   1 
ATOM   890  O O   . LEU A 1 110 ? -7.301  9.182   4.849   1.00 23.69 ? 105 LEU A O   1 
ATOM   891  C CB  . LEU A 1 110 ? -6.768  7.105   2.778   1.00 23.95 ? 105 LEU A CB  1 
ATOM   892  C CG  . LEU A 1 110 ? -7.369  7.639   1.476   1.00 23.92 ? 105 LEU A CG  1 
ATOM   893  C CD1 . LEU A 1 110 ? -8.409  8.733   1.733   1.00 22.12 ? 105 LEU A CD1 1 
ATOM   894  C CD2 . LEU A 1 110 ? -6.280  8.137   0.589   1.00 15.52 ? 105 LEU A CD2 1 
ATOM   895  N N   . ASN A 1 111 ? -5.586  10.288  3.900   1.00 20.09 ? 106 ASN A N   1 
ATOM   896  C CA  . ASN A 1 111 ? -6.071  11.557  4.427   1.00 21.70 ? 106 ASN A CA  1 
ATOM   897  C C   . ASN A 1 111 ? -5.790  12.686  3.446   1.00 22.68 ? 106 ASN A C   1 
ATOM   898  O O   . ASN A 1 111 ? -5.106  12.518  2.435   1.00 24.11 ? 106 ASN A O   1 
ATOM   899  C CB  . ASN A 1 111 ? -5.463  11.879  5.791   1.00 21.88 ? 106 ASN A CB  1 
ATOM   900  C CG  . ASN A 1 111 ? -3.960  12.004  5.739   1.00 21.15 ? 106 ASN A CG  1 
ATOM   901  O OD1 . ASN A 1 111 ? -3.423  12.969  5.201   1.00 26.76 ? 106 ASN A OD1 1 
ATOM   902  N ND2 . ASN A 1 111 ? -3.268  11.014  6.297   1.00 27.45 ? 106 ASN A ND2 1 
ATOM   903  N N   . PHE A 1 112 ? -6.341  13.851  3.762   1.00 20.32 ? 107 PHE A N   1 
ATOM   904  C CA  . PHE A 1 112 ? -6.291  14.998  2.865   1.00 22.19 ? 107 PHE A CA  1 
ATOM   905  C C   . PHE A 1 112 ? -5.368  16.091  3.392   1.00 32.28 ? 107 PHE A C   1 
ATOM   906  O O   . PHE A 1 112 ? -5.504  17.256  3.008   1.00 24.85 ? 107 PHE A O   1 
ATOM   907  C CB  . PHE A 1 112 ? -7.705  15.529  2.634   1.00 16.24 ? 107 PHE A CB  1 
ATOM   908  C CG  . PHE A 1 112 ? -8.714  14.459  2.306   1.00 19.09 ? 107 PHE A CG  1 
ATOM   909  C CD1 . PHE A 1 112 ? -8.392  13.417  1.435   1.00 17.02 ? 107 PHE A CD1 1 
ATOM   910  C CD2 . PHE A 1 112 ? -9.985  14.495  2.852   1.00 18.03 ? 107 PHE A CD2 1 
ATOM   911  C CE1 . PHE A 1 112 ? -9.322  12.431  1.117   1.00 16.56 ? 107 PHE A CE1 1 
ATOM   912  C CE2 . PHE A 1 112 ? -10.936 13.516  2.540   1.00 19.76 ? 107 PHE A CE2 1 
ATOM   913  C CZ  . PHE A 1 112 ? -10.602 12.476  1.666   1.00 22.87 ? 107 PHE A CZ  1 
ATOM   914  N N   . LEU A 1 113 ? -4.418  15.726  4.252   1.00 26.99 ? 108 LEU A N   1 
ATOM   915  C CA  . LEU A 1 113 ? -3.531  16.711  4.863   1.00 29.92 ? 108 LEU A CA  1 
ATOM   916  C C   . LEU A 1 113 ? -2.560  17.322  3.857   1.00 32.73 ? 108 LEU A C   1 
ATOM   917  O O   . LEU A 1 113 ? -2.120  18.460  4.044   1.00 34.88 ? 108 LEU A O   1 
ATOM   918  C CB  . LEU A 1 113 ? -2.773  16.061  6.016   1.00 30.24 ? 108 LEU A CB  1 
ATOM   919  C CG  . LEU A 1 113 ? -3.679  15.578  7.153   1.00 32.74 ? 108 LEU A CG  1 
ATOM   920  C CD1 . LEU A 1 113 ? -2.917  14.663  8.121   1.00 29.21 ? 108 LEU A CD1 1 
ATOM   921  C CD2 . LEU A 1 113 ? -4.295  16.773  7.890   1.00 32.23 ? 108 LEU A CD2 1 
ATOM   922  N N   . GLN A 1 114 ? -2.203  16.589  2.804   1.00 26.80 ? 109 GLN A N   1 
ATOM   923  C CA  . GLN A 1 114 ? -1.368  17.106  1.722   1.00 32.75 ? 109 GLN A CA  1 
ATOM   924  C C   . GLN A 1 114 ? -1.959  16.661  0.389   1.00 33.47 ? 109 GLN A C   1 
ATOM   925  O O   . GLN A 1 114 ? -2.677  15.659  0.332   1.00 27.77 ? 109 GLN A O   1 
ATOM   926  C CB  . GLN A 1 114 ? 0.077   16.609  1.840   1.00 34.96 ? 109 GLN A CB  1 
ATOM   927  C CG  . GLN A 1 114 ? 0.690   16.717  3.221   1.00 32.79 ? 109 GLN A CG  1 
ATOM   928  C CD  . GLN A 1 114 ? 2.152   16.327  3.214   1.00 49.18 ? 109 GLN A CD  1 
ATOM   929  O OE1 . GLN A 1 114 ? 2.888   16.652  2.278   1.00 48.85 ? 109 GLN A OE1 1 
ATOM   930  N NE2 . GLN A 1 114 ? 2.583   15.624  4.255   1.00 50.53 ? 109 GLN A NE2 1 
ATOM   931  N N   . GLU A 1 115 ? -1.584  17.345  -0.683  1.00 26.17 ? 110 GLU A N   1 
ATOM   932  C CA  . GLU A 1 115 ? -2.025  16.963  -2.012  1.00 26.35 ? 110 GLU A CA  1 
ATOM   933  C C   . GLU A 1 115 ? -1.442  15.578  -2.358  1.00 22.48 ? 110 GLU A C   1 
ATOM   934  O O   . GLU A 1 115 ? -2.069  14.803  -3.059  1.00 20.23 ? 110 GLU A O   1 
ATOM   935  C CB  . GLU A 1 115 ? -1.590  18.001  -3.045  1.00 34.48 ? 110 GLU A CB  1 
ATOM   936  C CG  . GLU A 1 115 ? -1.247  17.409  -4.398  1.00 53.70 ? 110 GLU A CG  1 
ATOM   937  C CD  . GLU A 1 115 ? -1.263  18.430  -5.525  1.00 69.52 ? 110 GLU A CD  1 
ATOM   938  O OE1 . GLU A 1 115 ? -0.837  19.580  -5.300  1.00 73.40 ? 110 GLU A OE1 1 
ATOM   939  O OE2 . GLU A 1 115 ? -1.690  18.075  -6.643  1.00 73.34 ? 110 GLU A OE2 1 
ATOM   940  N N   . SER A 1 116 ? -0.237  15.304  -1.867  1.00 26.61 ? 111 SER A N   1 
ATOM   941  C CA  . SER A 1 116 ? 0.427   14.024  -2.060  1.00 20.49 ? 111 SER A CA  1 
ATOM   942  C C   . SER A 1 116 ? 1.395   13.804  -0.913  1.00 27.91 ? 111 SER A C   1 
ATOM   943  O O   . SER A 1 116 ? 1.988   14.753  -0.388  1.00 25.98 ? 111 SER A O   1 
ATOM   944  C CB  . SER A 1 116 ? 1.170   13.967  -3.394  1.00 24.19 ? 111 SER A CB  1 
ATOM   945  O OG  . SER A 1 116 ? 2.108   15.013  -3.450  1.00 27.93 ? 111 SER A OG  1 
ATOM   946  N N   . TYR A 1 117 ? 1.556   12.541  -0.530  1.00 18.62 ? 112 TYR A N   1 
ATOM   947  C CA  . TYR A 1 117 ? 2.403   12.219  0.603   1.00 15.91 ? 112 TYR A CA  1 
ATOM   948  C C   . TYR A 1 117 ? 2.770   10.752  0.492   1.00 19.76 ? 112 TYR A C   1 
ATOM   949  O O   . TYR A 1 117 ? 2.019   9.959   -0.084  1.00 18.36 ? 112 TYR A O   1 
ATOM   950  C CB  . TYR A 1 117 ? 1.708   12.513  1.945   1.00 14.25 ? 112 TYR A CB  1 
ATOM   951  C CG  . TYR A 1 117 ? 0.427   11.734  2.193   1.00 22.61 ? 112 TYR A CG  1 
ATOM   952  C CD1 . TYR A 1 117 ? 0.452   10.526  2.884   1.00 19.25 ? 112 TYR A CD1 1 
ATOM   953  C CD2 . TYR A 1 117 ? -0.806  12.214  1.753   1.00 17.88 ? 112 TYR A CD2 1 
ATOM   954  C CE1 . TYR A 1 117 ? -0.713  9.801   3.119   1.00 19.18 ? 112 TYR A CE1 1 
ATOM   955  C CE2 . TYR A 1 117 ? -1.978  11.505  1.978   1.00 19.92 ? 112 TYR A CE2 1 
ATOM   956  C CZ  . TYR A 1 117 ? -1.922  10.292  2.670   1.00 16.55 ? 112 TYR A CZ  1 
ATOM   957  O OH  . TYR A 1 117 ? -3.060  9.570   2.906   1.00 17.11 ? 112 TYR A OH  1 
ATOM   958  N N   . GLU A 1 118 ? 3.930   10.412  1.038   1.00 21.41 ? 113 GLU A N   1 
ATOM   959  C CA  . GLU A 1 118 ? 4.509   9.081   0.926   1.00 20.01 ? 113 GLU A CA  1 
ATOM   960  C C   . GLU A 1 118 ? 4.849   8.578   2.317   1.00 26.29 ? 113 GLU A C   1 
ATOM   961  O O   . GLU A 1 118 ? 5.330   9.347   3.154   1.00 26.02 ? 113 GLU A O   1 
ATOM   962  C CB  . GLU A 1 118 ? 5.765   9.111   0.049   1.00 24.60 ? 113 GLU A CB  1 
ATOM   963  C CG  . GLU A 1 118 ? 5.509   9.570   -1.375  1.00 26.90 ? 113 GLU A CG  1 
ATOM   964  C CD  . GLU A 1 118 ? 5.416   11.085  -1.494  1.00 38.76 ? 113 GLU A CD  1 
ATOM   965  O OE1 . GLU A 1 118 ? 6.284   11.774  -0.919  1.00 42.34 ? 113 GLU A OE1 1 
ATOM   966  O OE2 . GLU A 1 118 ? 4.477   11.587  -2.148  1.00 30.16 ? 113 GLU A OE2 1 
ATOM   967  N N   . VAL A 1 119 ? 4.604   7.291   2.567   1.00 18.60 ? 114 VAL A N   1 
ATOM   968  C CA  . VAL A 1 119 ? 4.892   6.685   3.863   1.00 19.77 ? 114 VAL A CA  1 
ATOM   969  C C   . VAL A 1 119 ? 5.673   5.404   3.614   1.00 22.30 ? 114 VAL A C   1 
ATOM   970  O O   . VAL A 1 119 ? 5.324   4.635   2.721   1.00 18.64 ? 114 VAL A O   1 
ATOM   971  C CB  . VAL A 1 119 ? 3.608   6.386   4.659   1.00 21.84 ? 114 VAL A CB  1 
ATOM   972  C CG1 . VAL A 1 119 ? 3.955   5.914   6.061   1.00 27.43 ? 114 VAL A CG1 1 
ATOM   973  C CG2 . VAL A 1 119 ? 2.700   7.625   4.711   1.00 23.47 ? 114 VAL A CG2 1 
ATOM   974  N N   . GLU A 1 120 ? 6.732   5.184   4.374   1.00 19.76 ? 115 GLU A N   1 
ATOM   975  C CA  A GLU A 1 120 ? 7.531   3.975   4.237   0.54 22.83 ? 115 GLU A CA  1 
ATOM   976  C CA  B GLU A 1 120 ? 7.538   3.977   4.242   0.46 22.84 ? 115 GLU A CA  1 
ATOM   977  C C   . GLU A 1 120 ? 7.185   2.993   5.351   1.00 23.63 ? 115 GLU A C   1 
ATOM   978  O O   . GLU A 1 120 ? 6.892   3.394   6.482   1.00 20.53 ? 115 GLU A O   1 
ATOM   979  C CB  A GLU A 1 120 ? 9.020   4.319   4.243   0.54 22.36 ? 115 GLU A CB  1 
ATOM   980  C CB  B GLU A 1 120 ? 9.028   4.316   4.279   0.46 22.34 ? 115 GLU A CB  1 
ATOM   981  C CG  A GLU A 1 120 ? 9.429   5.166   3.038   0.54 22.93 ? 115 GLU A CG  1 
ATOM   982  C CG  B GLU A 1 120 ? 9.511   5.078   3.051   0.46 22.86 ? 115 GLU A CG  1 
ATOM   983  C CD  A GLU A 1 120 ? 10.849  5.701   3.121   0.54 24.96 ? 115 GLU A CD  1 
ATOM   984  C CD  B GLU A 1 120 ? 9.187   6.556   3.122   0.46 24.77 ? 115 GLU A CD  1 
ATOM   985  O OE1 A GLU A 1 120 ? 11.188  6.587   2.308   0.54 28.72 ? 115 GLU A OE1 1 
ATOM   986  O OE1 B GLU A 1 120 ? 8.970   7.063   4.247   0.46 25.41 ? 115 GLU A OE1 1 
ATOM   987  O OE2 A GLU A 1 120 ? 11.626  5.234   3.982   0.54 24.74 ? 115 GLU A OE2 1 
ATOM   988  O OE2 B GLU A 1 120 ? 9.130   7.206   2.055   0.46 27.91 ? 115 GLU A OE2 1 
ATOM   989  N N   . HIS A 1 121 ? 7.194   1.700   5.015   1.00 19.80 ? 116 HIS A N   1 
ATOM   990  C CA  . HIS A 1 121 ? 6.897   0.630   5.957   1.00 17.54 ? 116 HIS A CA  1 
ATOM   991  C C   . HIS A 1 121 ? 7.889   -0.493  5.721   1.00 21.46 ? 116 HIS A C   1 
ATOM   992  O O   . HIS A 1 121 ? 8.159   -0.830  4.572   1.00 16.01 ? 116 HIS A O   1 
ATOM   993  C CB  . HIS A 1 121 ? 5.482   0.068   5.779   1.00 25.25 ? 116 HIS A CB  1 
ATOM   994  C CG  . HIS A 1 121 ? 4.398   1.042   6.096   1.00 30.30 ? 116 HIS A CG  1 
ATOM   995  N ND1 . HIS A 1 121 ? 3.791   1.096   7.330   1.00 27.65 ? 116 HIS A ND1 1 
ATOM   996  C CD2 . HIS A 1 121 ? 3.793   1.984   5.335   1.00 26.66 ? 116 HIS A CD2 1 
ATOM   997  C CE1 . HIS A 1 121 ? 2.865   2.039   7.321   1.00 32.43 ? 116 HIS A CE1 1 
ATOM   998  N NE2 . HIS A 1 121 ? 2.847   2.594   6.122   1.00 33.35 ? 116 HIS A NE2 1 
ATOM   999  N N   . VAL A 1 122 ? 8.428   -1.068  6.794   1.00 20.51 ? 117 VAL A N   1 
ATOM   1000 C CA  . VAL A 1 122 ? 9.374   -2.176  6.696   1.00 17.69 ? 117 VAL A CA  1 
ATOM   1001 C C   . VAL A 1 122 ? 8.605   -3.481  6.856   1.00 18.47 ? 117 VAL A C   1 
ATOM   1002 O O   . VAL A 1 122 ? 7.804   -3.626  7.787   1.00 19.56 ? 117 VAL A O   1 
ATOM   1003 C CB  . VAL A 1 122 ? 10.489  -2.062  7.753   1.00 20.84 ? 117 VAL A CB  1 
ATOM   1004 C CG1 . VAL A 1 122 ? 11.477  -3.206  7.601   1.00 27.29 ? 117 VAL A CG1 1 
ATOM   1005 C CG2 . VAL A 1 122 ? 11.215  -0.741  7.620   1.00 23.92 ? 117 VAL A CG2 1 
ATOM   1006 N N   . ILE A 1 123 ? 8.823   -4.425  5.941   1.00 16.59 ? 118 ILE A N   1 
ATOM   1007 C CA  . ILE A 1 123 ? 8.233   -5.747  6.084   1.00 15.50 ? 118 ILE A CA  1 
ATOM   1008 C C   . ILE A 1 123 ? 9.352   -6.787  6.115   1.00 16.50 ? 118 ILE A C   1 
ATOM   1009 O O   . ILE A 1 123 ? 10.432  -6.588  5.548   1.00 16.73 ? 118 ILE A O   1 
ATOM   1010 C CB  . ILE A 1 123 ? 7.215   -6.090  4.970   1.00 14.47 ? 118 ILE A CB  1 
ATOM   1011 C CG1 . ILE A 1 123 ? 7.874   -6.041  3.595   1.00 18.68 ? 118 ILE A CG1 1 
ATOM   1012 C CG2 . ILE A 1 123 ? 5.952   -5.188  5.053   1.00 21.21 ? 118 ILE A CG2 1 
ATOM   1013 C CD1 . ILE A 1 123 ? 7.001   -6.658  2.505   1.00 17.22 ? 118 ILE A CD1 1 
ATOM   1014 N N   . GLN A 1 124 ? 9.068   -7.909  6.773   1.00 15.36 ? 119 GLN A N   1 
ATOM   1015 C CA  . GLN A 1 124 ? 9.990   -9.033  6.872   1.00 17.19 ? 119 GLN A CA  1 
ATOM   1016 C C   . GLN A 1 124 ? 9.514   -10.120 5.922   1.00 16.61 ? 119 GLN A C   1 
ATOM   1017 O O   . GLN A 1 124 ? 8.332   -10.465 5.932   1.00 16.85 ? 119 GLN A O   1 
ATOM   1018 C CB  . GLN A 1 124 ? 10.049  -9.582  8.296   1.00 24.53 ? 119 GLN A CB  1 
ATOM   1019 C CG  . GLN A 1 124 ? 11.068  -8.915  9.196   1.00 34.81 ? 119 GLN A CG  1 
ATOM   1020 C CD  . GLN A 1 124 ? 11.172  -9.606  10.544  1.00 55.30 ? 119 GLN A CD  1 
ATOM   1021 O OE1 . GLN A 1 124 ? 10.363  -10.479 10.869  1.00 60.46 ? 119 GLN A OE1 1 
ATOM   1022 N NE2 . GLN A 1 124 ? 12.173  -9.226  11.332  1.00 58.73 ? 119 GLN A NE2 1 
ATOM   1023 N N   . ILE A 1 125 ? 10.428  -10.634 5.106   1.00 16.92 ? 120 ILE A N   1 
ATOM   1024 C CA  . ILE A 1 125 ? 10.105  -11.525 3.994   1.00 16.59 ? 120 ILE A CA  1 
ATOM   1025 C C   . ILE A 1 125 ? 10.927  -12.802 4.125   1.00 14.99 ? 120 ILE A C   1 
ATOM   1026 O O   . ILE A 1 125 ? 12.160  -12.735 4.289   1.00 16.30 ? 120 ILE A O   1 
ATOM   1027 C CB  . ILE A 1 125 ? 10.374  -10.849 2.638   1.00 16.43 ? 120 ILE A CB  1 
ATOM   1028 C CG1 . ILE A 1 125 ? 9.592   -9.534  2.524   1.00 18.72 ? 120 ILE A CG1 1 
ATOM   1029 C CG2 . ILE A 1 125 ? 9.992   -11.775 1.488   1.00 12.78 ? 120 ILE A CG2 1 
ATOM   1030 C CD1 . ILE A 1 125 ? 10.030  -8.687  1.345   1.00 17.59 ? 120 ILE A CD1 1 
ATOM   1031 N N   . PRO A 1 126 ? 10.308  -13.970 4.032   1.00 13.92 ? 121 PRO A N   1 
ATOM   1032 C CA  . PRO A 1 126 ? 11.076  -15.219 4.146   1.00 18.55 ? 121 PRO A CA  1 
ATOM   1033 C C   . PRO A 1 126 ? 12.002  -15.443 2.959   1.00 18.06 ? 121 PRO A C   1 
ATOM   1034 O O   . PRO A 1 126 ? 11.847  -14.868 1.877   1.00 18.01 ? 121 PRO A O   1 
ATOM   1035 C CB  . PRO A 1 126 ? 10.000  -16.299 4.212   1.00 20.25 ? 121 PRO A CB  1 
ATOM   1036 C CG  . PRO A 1 126 ? 8.779   -15.667 3.612   1.00 22.05 ? 121 PRO A CG  1 
ATOM   1037 C CD  . PRO A 1 126 ? 8.857   -14.209 3.923   1.00 13.84 ? 121 PRO A CD  1 
ATOM   1038 N N   . LEU A 1 127 ? 12.983  -16.321 3.182   1.00 15.60 ? 122 LEU A N   1 
ATOM   1039 C CA  . LEU A 1 127 ? 13.997  -16.634 2.190   1.00 13.43 ? 122 LEU A CA  1 
ATOM   1040 C C   . LEU A 1 127 ? 13.919  -18.087 1.733   1.00 18.54 ? 122 LEU A C   1 
ATOM   1041 O O   . LEU A 1 127 ? 14.925  -18.669 1.329   1.00 20.10 ? 122 LEU A O   1 
ATOM   1042 C CB  . LEU A 1 127 ? 15.381  -16.322 2.759   1.00 17.77 ? 122 LEU A CB  1 
ATOM   1043 C CG  . LEU A 1 127 ? 15.628  -14.846 3.054   1.00 19.86 ? 122 LEU A CG  1 
ATOM   1044 C CD1 . LEU A 1 127 ? 16.876  -14.669 3.913   1.00 21.26 ? 122 LEU A CD1 1 
ATOM   1045 C CD2 . LEU A 1 127 ? 15.755  -14.056 1.750   1.00 22.81 ? 122 LEU A CD2 1 
ATOM   1046 N N   . ASN A 1 128 ? 12.735  -18.697 1.794   1.00 16.10 ? 123 ASN A N   1 
ATOM   1047 C CA  . ASN A 1 128 ? 12.632  -20.123 1.533   1.00 20.14 ? 123 ASN A CA  1 
ATOM   1048 C C   . ASN A 1 128 ? 11.840  -20.451 0.279   1.00 21.16 ? 123 ASN A C   1 
ATOM   1049 O O   . ASN A 1 128 ? 11.505  -21.618 0.071   1.00 17.87 ? 123 ASN A O   1 
ATOM   1050 C CB  . ASN A 1 128 ? 12.007  -20.828 2.728   1.00 23.32 ? 123 ASN A CB  1 
ATOM   1051 C CG  . ASN A 1 128 ? 10.626  -20.319 3.040   1.00 29.32 ? 123 ASN A CG  1 
ATOM   1052 O OD1 . ASN A 1 128 ? 10.193  -19.271 2.535   1.00 22.30 ? 123 ASN A OD1 1 
ATOM   1053 N ND2 . ASN A 1 128 ? 9.920   -21.052 3.879   1.00 28.97 ? 123 ASN A ND2 1 
ATOM   1054 N N   . LYS A 1 129 ? 11.521  -19.459 -0.550  1.00 16.54 ? 124 LYS A N   1 
ATOM   1055 C CA  . LYS A 1 129 ? 10.800  -19.676 -1.807  1.00 12.08 ? 124 LYS A CA  1 
ATOM   1056 C C   . LYS A 1 129 ? 11.680  -19.207 -2.954  1.00 14.46 ? 124 LYS A C   1 
ATOM   1057 O O   . LYS A 1 129 ? 11.806  -17.990 -3.181  1.00 14.98 ? 124 LYS A O   1 
ATOM   1058 C CB  . LYS A 1 129 ? 9.465   -18.926 -1.814  1.00 17.57 ? 124 LYS A CB  1 
ATOM   1059 C CG  . LYS A 1 129 ? 8.483   -19.401 -0.758  1.00 16.84 ? 124 LYS A CG  1 
ATOM   1060 C CD  . LYS A 1 129 ? 8.098   -20.872 -0.998  1.00 17.86 ? 124 LYS A CD  1 
ATOM   1061 C CE  . LYS A 1 129 ? 6.846   -21.249 -0.206  1.00 25.90 ? 124 LYS A CE  1 
ATOM   1062 N NZ  . LYS A 1 129 ? 7.089   -21.147 1.250   1.00 31.00 ? 124 LYS A NZ  1 
ATOM   1063 N N   . PRO A 1 130 ? 12.321  -20.130 -3.691  1.00 15.80 ? 125 PRO A N   1 
ATOM   1064 C CA  . PRO A 1 130 ? 13.319  -19.748 -4.700  1.00 14.73 ? 125 PRO A CA  1 
ATOM   1065 C C   . PRO A 1 130 ? 12.931  -18.570 -5.588  1.00 14.83 ? 125 PRO A C   1 
ATOM   1066 O O   . PRO A 1 130 ? 13.728  -17.641 -5.746  1.00 14.17 ? 125 PRO A O   1 
ATOM   1067 C CB  . PRO A 1 130 ? 13.472  -21.039 -5.514  1.00 16.66 ? 125 PRO A CB  1 
ATOM   1068 C CG  . PRO A 1 130 ? 13.318  -22.121 -4.455  1.00 16.23 ? 125 PRO A CG  1 
ATOM   1069 C CD  . PRO A 1 130 ? 12.262  -21.593 -3.493  1.00 19.77 ? 125 PRO A CD  1 
ATOM   1070 N N   . LEU A 1 131 ? 11.714  -18.569 -6.140  1.00 14.95 ? 126 LEU A N   1 
ATOM   1071 C CA  . LEU A 1 131 ? 11.335  -17.488 -7.054  1.00 16.82 ? 126 LEU A CA  1 
ATOM   1072 C C   . LEU A 1 131 ? 11.260  -16.147 -6.326  1.00 15.56 ? 126 LEU A C   1 
ATOM   1073 O O   . LEU A 1 131 ? 11.652  -15.102 -6.871  1.00 13.10 ? 126 LEU A O   1 
ATOM   1074 C CB  . LEU A 1 131 ? 10.003  -17.810 -7.726  1.00 19.54 ? 126 LEU A CB  1 
ATOM   1075 C CG  . LEU A 1 131 ? 10.014  -18.929 -8.770  1.00 17.87 ? 126 LEU A CG  1 
ATOM   1076 C CD1 . LEU A 1 131 ? 8.677   -18.944 -9.507  1.00 17.20 ? 126 LEU A CD1 1 
ATOM   1077 C CD2 . LEU A 1 131 ? 11.180  -18.770 -9.739  1.00 24.77 ? 126 LEU A CD2 1 
ATOM   1078 N N   . LEU A 1 132 ? 10.790  -16.163 -5.079  1.00 11.32 ? 127 LEU A N   1 
ATOM   1079 C CA  . LEU A 1 132 ? 10.753  -14.926 -4.307  1.00 12.49 ? 127 LEU A CA  1 
ATOM   1080 C C   . LEU A 1 132 ? 12.165  -14.454 -3.964  1.00 11.82 ? 127 LEU A C   1 
ATOM   1081 O O   . LEU A 1 132 ? 12.474  -13.264 -4.069  1.00 11.64 ? 127 LEU A O   1 
ATOM   1082 C CB  . LEU A 1 132 ? 9.905   -15.134 -3.048  1.00 12.30 ? 127 LEU A CB  1 
ATOM   1083 C CG  . LEU A 1 132 ? 9.815   -13.961 -2.071  1.00 14.46 ? 127 LEU A CG  1 
ATOM   1084 C CD1 . LEU A 1 132 ? 9.328   -12.650 -2.730  1.00 13.71 ? 127 LEU A CD1 1 
ATOM   1085 C CD2 . LEU A 1 132 ? 8.931   -14.356 -0.903  1.00 14.63 ? 127 LEU A CD2 1 
ATOM   1086 N N   . THR A 1 133 ? 13.055  -15.381 -3.612  1.00 16.40 ? 128 THR A N   1 
ATOM   1087 C CA  . THR A 1 133 ? 14.429  -15.002 -3.274  1.00 16.51 ? 128 THR A CA  1 
ATOM   1088 C C   . THR A 1 133 ? 15.141  -14.365 -4.467  1.00 14.81 ? 128 THR A C   1 
ATOM   1089 O O   . THR A 1 133 ? 15.829  -13.340 -4.329  1.00 16.22 ? 128 THR A O   1 
ATOM   1090 C CB  . THR A 1 133 ? 15.166  -16.242 -2.779  1.00 15.63 ? 128 THR A CB  1 
ATOM   1091 O OG1 . THR A 1 133 ? 14.414  -16.817 -1.706  1.00 17.31 ? 128 THR A OG1 1 
ATOM   1092 C CG2 . THR A 1 133 ? 16.581  -15.892 -2.298  1.00 20.61 ? 128 THR A CG2 1 
ATOM   1093 N N   . GLU A 1 134 ? 14.954  -14.944 -5.661  1.00 15.15 ? 129 GLU A N   1 
ATOM   1094 C CA  . GLU A 1 134 ? 15.529  -14.346 -6.860  1.00 15.84 ? 129 GLU A CA  1 
ATOM   1095 C C   . GLU A 1 134 ? 14.955  -12.966 -7.115  1.00 21.21 ? 129 GLU A C   1 
ATOM   1096 O O   . GLU A 1 134 ? 15.679  -12.047 -7.513  1.00 22.50 ? 129 GLU A O   1 
ATOM   1097 C CB  . GLU A 1 134 ? 15.282  -15.255 -8.064  1.00 17.63 ? 129 GLU A CB  1 
ATOM   1098 C CG  . GLU A 1 134 ? 16.070  -16.553 -7.948  1.00 21.89 ? 129 GLU A CG  1 
ATOM   1099 C CD  . GLU A 1 134 ? 16.161  -17.289 -9.263  1.00 39.46 ? 129 GLU A CD  1 
ATOM   1100 O OE1 . GLU A 1 134 ? 15.621  -16.769 -10.262 1.00 31.20 ? 129 GLU A OE1 1 
ATOM   1101 O OE2 . GLU A 1 134 ? 16.779  -18.378 -9.294  1.00 35.38 ? 129 GLU A OE2 1 
ATOM   1102 N N   . GLU A 1 135 ? 13.646  -12.805 -6.921  1.00 16.21 ? 130 GLU A N   1 
ATOM   1103 C CA  . GLU A 1 135 ? 13.057  -11.479 -7.082  1.00 17.32 ? 130 GLU A CA  1 
ATOM   1104 C C   . GLU A 1 135 ? 13.619  -10.488 -6.061  1.00 19.48 ? 130 GLU A C   1 
ATOM   1105 O O   . GLU A 1 135 ? 13.899  -9.328  -6.391  1.00 20.59 ? 130 GLU A O   1 
ATOM   1106 C CB  . GLU A 1 135 ? 11.535  -11.616 -6.985  1.00 17.05 ? 130 GLU A CB  1 
ATOM   1107 C CG  . GLU A 1 135 ? 10.758  -10.597 -7.762  1.00 25.32 ? 130 GLU A CG  1 
ATOM   1108 C CD  . GLU A 1 135 ? 11.035  -10.642 -9.256  1.00 21.95 ? 130 GLU A CD  1 
ATOM   1109 O OE1 . GLU A 1 135 ? 11.347  -11.716 -9.802  1.00 26.97 ? 130 GLU A OE1 1 
ATOM   1110 O OE2 . GLU A 1 135 ? 10.930  -9.577  -9.879  1.00 25.87 ? 130 GLU A OE2 1 
ATOM   1111 N N   . LEU A 1 136 ? 13.839  -10.941 -4.826  1.00 13.77 ? 131 LEU A N   1 
ATOM   1112 C CA  . LEU A 1 136 ? 14.330  -10.066 -3.766  1.00 18.65 ? 131 LEU A CA  1 
ATOM   1113 C C   . LEU A 1 136 ? 15.720  -9.542  -4.073  1.00 20.77 ? 131 LEU A C   1 
ATOM   1114 O O   . LEU A 1 136 ? 16.091  -8.451  -3.618  1.00 19.92 ? 131 LEU A O   1 
ATOM   1115 C CB  . LEU A 1 136 ? 14.359  -10.811 -2.432  1.00 17.03 ? 131 LEU A CB  1 
ATOM   1116 C CG  . LEU A 1 136 ? 13.040  -10.940 -1.683  1.00 23.16 ? 131 LEU A CG  1 
ATOM   1117 C CD1 . LEU A 1 136 ? 13.181  -12.008 -0.627  1.00 17.91 ? 131 LEU A CD1 1 
ATOM   1118 C CD2 . LEU A 1 136 ? 12.649  -9.608  -1.067  1.00 17.25 ? 131 LEU A CD2 1 
ATOM   1119 N N   . ALA A 1 137 ? 16.505  -10.302 -4.834  1.00 20.13 ? 132 ALA A N   1 
ATOM   1120 C CA  . ALA A 1 137 ? 17.847  -9.813  -5.163  1.00 22.29 ? 132 ALA A CA  1 
ATOM   1121 C C   . ALA A 1 137 ? 17.834  -8.485  -5.919  1.00 27.06 ? 132 ALA A C   1 
ATOM   1122 O O   . ALA A 1 137 ? 18.830  -7.754  -5.865  1.00 27.74 ? 132 ALA A O   1 
ATOM   1123 C CB  . ALA A 1 137 ? 18.605  -10.860 -5.975  1.00 25.06 ? 132 ALA A CB  1 
ATOM   1124 N N   . LYS A 1 138 ? 16.739  -8.144  -6.608  1.00 29.03 ? 133 LYS A N   1 
ATOM   1125 C CA  . LYS A 1 138 ? 16.678  -6.890  -7.362  1.00 24.52 ? 133 LYS A CA  1 
ATOM   1126 C C   . LYS A 1 138 ? 16.666  -5.662  -6.465  1.00 35.38 ? 133 LYS A C   1 
ATOM   1127 O O   . LYS A 1 138 ? 16.990  -4.563  -6.930  1.00 35.00 ? 133 LYS A O   1 
ATOM   1128 C CB  . LYS A 1 138 ? 15.432  -6.846  -8.250  1.00 26.87 ? 133 LYS A CB  1 
ATOM   1129 C CG  . LYS A 1 138 ? 15.278  -7.996  -9.245  1.00 27.01 ? 133 LYS A CG  1 
ATOM   1130 C CD  . LYS A 1 138 ? 14.083  -7.716  -10.163 1.00 31.62 ? 133 LYS A CD  1 
ATOM   1131 C CE  . LYS A 1 138 ? 13.770  -8.881  -11.077 1.00 33.00 ? 133 LYS A CE  1 
ATOM   1132 N NZ  . LYS A 1 138 ? 12.495  -8.614  -11.806 1.00 42.31 ? 133 LYS A NZ  1 
ATOM   1133 N N   . SER A 1 139 ? 16.277  -5.806  -5.204  1.00 21.57 ? 134 SER A N   1 
ATOM   1134 C CA  . SER A 1 139 ? 16.118  -4.657  -4.333  1.00 24.30 ? 134 SER A CA  1 
ATOM   1135 C C   . SER A 1 139 ? 17.159  -4.600  -3.228  1.00 26.03 ? 134 SER A C   1 
ATOM   1136 O O   . SER A 1 139 ? 17.098  -3.698  -2.388  1.00 29.80 ? 134 SER A O   1 
ATOM   1137 C CB  . SER A 1 139 ? 14.708  -4.640  -3.725  1.00 24.29 ? 134 SER A CB  1 
ATOM   1138 O OG  . SER A 1 139 ? 14.330  -5.924  -3.240  1.00 21.77 ? 134 SER A OG  1 
ATOM   1139 N N   . GLY A 1 140 ? 18.109  -5.520  -3.197  1.00 26.27 ? 135 GLY A N   1 
ATOM   1140 C CA  . GLY A 1 140 ? 19.185  -5.427  -2.238  1.00 27.18 ? 135 GLY A CA  1 
ATOM   1141 C C   . GLY A 1 140 ? 19.720  -6.792  -1.862  1.00 26.80 ? 135 GLY A C   1 
ATOM   1142 O O   . GLY A 1 140 ? 19.468  -7.790  -2.529  1.00 22.78 ? 135 GLY A O   1 
ATOM   1143 N N   . SER A 1 141 ? 20.474  -6.803  -0.770  1.00 28.05 ? 136 SER A N   1 
ATOM   1144 C CA  . SER A 1 141 ? 21.109  -8.030  -0.324  1.00 30.30 ? 136 SER A CA  1 
ATOM   1145 C C   . SER A 1 141 ? 20.071  -8.990  0.241   1.00 29.81 ? 136 SER A C   1 
ATOM   1146 O O   . SER A 1 141 ? 19.043  -8.581  0.792   1.00 30.03 ? 136 SER A O   1 
ATOM   1147 C CB  . SER A 1 141 ? 22.177  -7.736  0.730   1.00 37.95 ? 136 SER A CB  1 
ATOM   1148 O OG  . SER A 1 141 ? 21.617  -7.133  1.883   1.00 34.27 ? 136 SER A OG  1 
ATOM   1149 N N   . THR A 1 142 ? 20.361  -10.276 0.103   1.00 22.18 ? 137 THR A N   1 
ATOM   1150 C CA  . THR A 1 142 ? 19.482  -11.331 0.577   1.00 24.73 ? 137 THR A CA  1 
ATOM   1151 C C   . THR A 1 142 ? 20.247  -12.306 1.458   1.00 30.78 ? 137 THR A C   1 
ATOM   1152 O O   . THR A 1 142 ? 21.478  -12.358 1.414   1.00 27.77 ? 137 THR A O   1 
ATOM   1153 C CB  . THR A 1 142 ? 18.862  -12.100 -0.584  1.00 30.49 ? 137 THR A CB  1 
ATOM   1154 O OG1 . THR A 1 142 ? 19.907  -12.514 -1.471  1.00 28.38 ? 137 THR A OG1 1 
ATOM   1155 C CG2 . THR A 1 142 ? 17.872  -11.217 -1.343  1.00 24.27 ? 137 THR A CG2 1 
ATOM   1156 O OXT . THR A 1 142 ? 19.648  -13.063 2.217   1.00 32.69 ? 137 THR A OXT 1 
HETATM 1157 C C   . ACE B 2 1   ? -10.237 19.265  4.801   1.00 25.74 ? 4   ACE B C   1 
HETATM 1158 O O   . ACE B 2 1   ? -10.452 18.055  4.717   1.00 22.24 ? 4   ACE B O   1 
HETATM 1159 C CH3 . ACE B 2 1   ? -11.325 20.309  4.839   1.00 24.15 ? 4   ACE B CH3 1 
ATOM   1160 N N   . GLN B 2 2   ? -9.010  19.728  4.902   1.00 26.66 ? 5   GLN B N   1 
ATOM   1161 C CA  . GLN B 2 2   ? -7.880  18.839  4.852   1.00 30.38 ? 5   GLN B CA  1 
ATOM   1162 C C   . GLN B 2 2   ? -7.820  17.823  6.011   1.00 26.30 ? 5   GLN B C   1 
ATOM   1163 O O   . GLN B 2 2   ? -7.146  16.776  5.875   1.00 27.92 ? 5   GLN B O   1 
ATOM   1164 C CB  . GLN B 2 2   ? -6.585  19.663  4.775   1.00 32.36 ? 5   GLN B CB  1 
ATOM   1165 C CG  . GLN B 2 2   ? -6.386  20.226  3.381   1.00 30.72 ? 5   GLN B CG  1 
ATOM   1166 C CD  . GLN B 2 2   ? -5.421  21.414  3.353   1.00 43.00 ? 5   GLN B CD  1 
ATOM   1167 O OE1 . GLN B 2 2   ? -4.582  21.507  2.466   1.00 40.42 ? 5   GLN B OE1 1 
ATOM   1168 N NE2 . GLN B 2 2   ? -5.566  22.343  4.306   1.00 53.47 ? 5   GLN B NE2 1 
ATOM   1169 N N   . THR B 2 3   ? -8.512  18.114  7.117   1.00 28.91 ? 6   THR B N   1 
ATOM   1170 C CA  . THR B 2 3   ? -8.571  17.202  8.255   1.00 26.69 ? 6   THR B CA  1 
ATOM   1171 C C   . THR B 2 3   ? -9.847  16.367  8.295   1.00 32.07 ? 6   THR B C   1 
ATOM   1172 O O   . THR B 2 3   ? -10.119 15.725  9.314   1.00 31.67 ? 6   THR B O   1 
ATOM   1173 C CB  . THR B 2 3   ? -8.417  17.971  9.573   1.00 32.38 ? 6   THR B CB  1 
ATOM   1174 O OG1 . THR B 2 3   ? -9.641  18.661  9.890   1.00 36.05 ? 6   THR B OG1 1 
ATOM   1175 C CG2 . THR B 2 3   ? -7.259  18.978  9.498   1.00 29.80 ? 6   THR B CG2 1 
ATOM   1176 N N   . ALA B 2 4   ? -10.667 16.412  7.244   1.00 23.48 ? 7   ALA B N   1 
ATOM   1177 C CA  . ALA B 2 4   ? -11.895 15.628  7.204   1.00 19.06 ? 7   ALA B CA  1 
ATOM   1178 C C   . ALA B 2 4   ? -11.590 14.143  7.357   1.00 25.25 ? 7   ALA B C   1 
ATOM   1179 O O   . ALA B 2 4   ? -10.689 13.611  6.704   1.00 22.71 ? 7   ALA B O   1 
ATOM   1180 C CB  . ALA B 2 4   ? -12.625 15.873  5.890   1.00 21.70 ? 7   ALA B CB  1 
ATOM   1181 N N   . ARG B 2 5   ? -12.357 13.472  8.208   1.00 28.94 ? 8   ARG B N   1 
ATOM   1182 C CA  . ARG B 2 5   ? -12.158 12.046  8.459   1.00 30.60 ? 8   ARG B CA  1 
ATOM   1183 C C   . ARG B 2 5   ? -13.507 11.364  8.617   1.00 34.58 ? 8   ARG B C   1 
ATOM   1184 O O   . ARG B 2 5   ? -14.475 11.998  9.033   1.00 29.24 ? 8   ARG B O   1 
ATOM   1185 C CB  . ARG B 2 5   ? -11.288 11.834  9.704   1.00 27.09 ? 8   ARG B CB  1 
ATOM   1186 C CG  . ARG B 2 5   ? -9.865  12.378  9.554   1.00 29.65 ? 8   ARG B CG  1 
ATOM   1187 C CD  . ARG B 2 5   ? -8.943  11.883  10.647  1.00 42.26 ? 8   ARG B CD  1 
ATOM   1188 N NE  . ARG B 2 5   ? -8.772  10.433  10.592  1.00 41.07 ? 8   ARG B NE  1 
ATOM   1189 C CZ  . ARG B 2 5   ? -7.953  9.805   9.752   1.00 37.47 ? 8   ARG B CZ  1 
ATOM   1190 N NH1 . ARG B 2 5   ? -7.209  10.500  8.895   1.00 27.69 ? 8   ARG B NH1 1 
ATOM   1191 N NH2 . ARG B 2 5   ? -7.866  8.479   9.782   1.00 30.83 ? 8   ARG B NH2 1 
HETATM 1192 C C   . PRK B 2 6   ? -15.046 8.896   9.825   1.00 62.87 ? 9   PRK B C   1 
HETATM 1193 N N   . PRK B 2 6   ? -13.568 10.079  8.271   1.00 27.63 ? 9   PRK B N   1 
HETATM 1194 O O   . PRK B 2 6   ? -14.358 9.252   10.787  1.00 67.47 ? 9   PRK B O   1 
HETATM 1195 C CA  . PRK B 2 6   ? -14.782 9.294   8.380   1.00 37.14 ? 9   PRK B CA  1 
HETATM 1196 C CB  . PRK B 2 6   ? -14.784 7.976   7.581   1.00 34.48 ? 9   PRK B CB  1 
HETATM 1197 C CD  . PRK B 2 6   ? -15.460 7.544   5.245   1.00 33.88 ? 9   PRK B CD  1 
HETATM 1198 C CE  . PRK B 2 6   ? -14.963 7.480   3.804   1.00 27.13 ? 9   PRK B CE  1 
HETATM 1199 C CG  . PRK B 2 6   ? -14.393 8.141   6.132   1.00 26.93 ? 9   PRK B CG  1 
HETATM 1200 N NZ  . PRK B 2 6   ? -16.004 7.274   2.835   1.00 23.85 ? 9   PRK B NZ  1 
HETATM 1201 C CAA . PRK B 2 6   ? -17.436 6.407   0.471   1.00 33.07 ? 9   PRK B CAA 1 
HETATM 1202 O OAD . PRK B 2 6   ? -15.309 9.066   1.636   1.00 27.82 ? 9   PRK B OAD 1 
HETATM 1203 C CAF . PRK B 2 6   ? -17.236 7.869   0.756   1.00 35.68 ? 9   PRK B CAF 1 
HETATM 1204 C CAL . PRK B 2 6   ? -16.117 8.121   1.754   1.00 32.90 ? 9   PRK B CAL 1 
ATOM   1205 N N   . SER B 2 7   ? -16.102 8.100   9.972   1.00 67.56 ? 10  SER B N   1 
ATOM   1206 C CA  . SER B 2 7   ? -16.458 7.508   11.259  1.00 71.82 ? 10  SER B CA  1 
ATOM   1207 C C   . SER B 2 7   ? -16.171 6.010   11.252  1.00 69.59 ? 10  SER B C   1 
ATOM   1208 O O   . SER B 2 7   ? -15.037 5.587   11.031  1.00 66.26 ? 10  SER B O   1 
ATOM   1209 C CB  . SER B 2 7   ? -17.932 7.760   11.582  1.00 79.35 ? 10  SER B CB  1 
ATOM   1210 O OG  . SER B 2 7   ? -18.118 9.032   12.176  1.00 81.14 ? 10  SER B OG  1 
HETATM 1211 O O   . HOH C 3 .   ? 7.629   7.364   6.124   1.00 31.76 ? 201 HOH A O   1 
HETATM 1212 O O   . HOH C 3 .   ? -26.325 13.203  8.019   1.00 28.76 ? 202 HOH A O   1 
HETATM 1213 O O   . HOH C 3 .   ? -4.532  6.252   10.967  1.00 37.31 ? 203 HOH A O   1 
HETATM 1214 O O   . HOH C 3 .   ? 13.137  -7.046  -5.036  1.00 22.44 ? 204 HOH A O   1 
HETATM 1215 O O   . HOH C 3 .   ? 2.742   -7.124  -13.936 1.00 42.66 ? 205 HOH A O   1 
HETATM 1216 O O   . HOH C 3 .   ? 13.534  1.760   5.765   1.00 34.06 ? 206 HOH A O   1 
HETATM 1217 O O   . HOH C 3 .   ? -11.341 2.464   7.590   1.00 32.97 ? 207 HOH A O   1 
HETATM 1218 O O   . HOH C 3 .   ? 2.610   10.524  -3.423  1.00 25.56 ? 208 HOH A O   1 
HETATM 1219 O O   . HOH C 3 .   ? 7.718   -18.894 2.483   1.00 27.39 ? 209 HOH A O   1 
HETATM 1220 O O   . HOH C 3 .   ? 0.021   -1.549  -13.026 1.00 30.71 ? 210 HOH A O   1 
HETATM 1221 O O   . HOH C 3 .   ? 14.156  -2.040  0.730   1.00 20.30 ? 211 HOH A O   1 
HETATM 1222 O O   . HOH C 3 .   ? -4.902  -9.631  -13.092 1.00 31.06 ? 212 HOH A O   1 
HETATM 1223 O O   . HOH C 3 .   ? 4.233   4.821   -8.058  1.00 34.74 ? 213 HOH A O   1 
HETATM 1224 O O   . HOH C 3 .   ? 0.095   4.202   -12.152 1.00 37.78 ? 214 HOH A O   1 
HETATM 1225 O O   . HOH C 3 .   ? 1.025   4.462   5.483   1.00 37.80 ? 215 HOH A O   1 
HETATM 1226 O O   . HOH C 3 .   ? 16.968  -0.008  -11.093 1.00 57.61 ? 216 HOH A O   1 
HETATM 1227 O O   . HOH C 3 .   ? 1.605   -15.768 -4.023  1.00 17.22 ? 217 HOH A O   1 
HETATM 1228 O O   . HOH C 3 .   ? 3.987   -21.124 -6.792  1.00 32.09 ? 218 HOH A O   1 
HETATM 1229 O O   . HOH C 3 .   ? 14.472  7.194   -1.021  1.00 38.94 ? 219 HOH A O   1 
HETATM 1230 O O   . HOH C 3 .   ? 19.991  1.967   -6.555  1.00 45.34 ? 220 HOH A O   1 
HETATM 1231 O O   . HOH C 3 .   ? 22.189  -13.728 -1.421  1.00 22.41 ? 221 HOH A O   1 
HETATM 1232 O O   . HOH C 3 .   ? 4.682   14.163  -2.054  1.00 32.19 ? 222 HOH A O   1 
HETATM 1233 O O   . HOH C 3 .   ? -14.339 -5.783  -4.630  1.00 54.18 ? 223 HOH A O   1 
HETATM 1234 O O   . HOH C 3 .   ? 5.715   -15.267 5.976   1.00 27.83 ? 224 HOH A O   1 
HETATM 1235 O O   . HOH C 3 .   ? 23.629  -10.880 1.299   1.00 29.61 ? 225 HOH A O   1 
HETATM 1236 O O   . HOH C 3 .   ? -14.115 16.323  2.332   1.00 26.28 ? 226 HOH A O   1 
HETATM 1237 O O   . HOH C 3 .   ? -7.758  -6.047  7.028   1.00 38.09 ? 227 HOH A O   1 
HETATM 1238 O O   . HOH C 3 .   ? 13.325  -15.821 -11.130 1.00 31.41 ? 228 HOH A O   1 
HETATM 1239 O O   . HOH C 3 .   ? 12.803  -18.507 5.444   1.00 19.94 ? 229 HOH A O   1 
HETATM 1240 O O   . HOH C 3 .   ? 8.030   9.512   4.509   1.00 38.62 ? 230 HOH A O   1 
HETATM 1241 O O   . HOH C 3 .   ? 11.211  -23.983 -1.061  1.00 30.16 ? 231 HOH A O   1 
HETATM 1242 O O   . HOH C 3 .   ? -11.234 -8.078  -4.108  1.00 31.68 ? 232 HOH A O   1 
HETATM 1243 O O   . HOH C 3 .   ? 5.468   -1.020  -7.686  1.00 21.28 ? 233 HOH A O   1 
HETATM 1244 O O   . HOH C 3 .   ? 6.115   -18.295 4.337   1.00 23.61 ? 234 HOH A O   1 
HETATM 1245 O O   . HOH C 3 .   ? 16.140  -18.550 18.028  1.00 34.60 ? 235 HOH A O   1 
HETATM 1246 O O   . HOH C 3 .   ? 21.390  -8.313  -5.335  1.00 43.23 ? 236 HOH A O   1 
HETATM 1247 O O   . HOH C 3 .   ? 9.800   -20.715 -5.684  1.00 16.42 ? 237 HOH A O   1 
HETATM 1248 O O   . HOH C 3 .   ? 11.473  -14.609 -9.498  1.00 22.03 ? 238 HOH A O   1 
HETATM 1249 O O   . HOH C 3 .   ? 11.323  -6.191  -7.235  1.00 30.32 ? 239 HOH A O   1 
HETATM 1250 O O   . HOH C 3 .   ? -19.545 -1.699  1.723   1.00 43.05 ? 240 HOH A O   1 
HETATM 1251 O O   . HOH C 3 .   ? -0.401  -11.595 -10.087 1.00 31.50 ? 241 HOH A O   1 
HETATM 1252 O O   . HOH C 3 .   ? -16.743 18.194  -4.413  1.00 17.04 ? 242 HOH A O   1 
HETATM 1253 O O   . HOH C 3 .   ? -24.156 19.162  -2.308  1.00 36.03 ? 243 HOH A O   1 
HETATM 1254 O O   . HOH C 3 .   ? 6.404   -22.431 -4.645  1.00 33.02 ? 244 HOH A O   1 
HETATM 1255 O O   . HOH C 3 .   ? 1.091   7.673   1.161   1.00 18.11 ? 245 HOH A O   1 
HETATM 1256 O O   . HOH C 3 .   ? 4.792   -16.620 -7.440  1.00 30.69 ? 246 HOH A O   1 
HETATM 1257 O O   . HOH C 3 .   ? -2.639  -3.560  -10.718 1.00 30.99 ? 247 HOH A O   1 
HETATM 1258 O O   . HOH C 3 .   ? -9.827  -4.312  -8.862  1.00 36.94 ? 248 HOH A O   1 
HETATM 1259 O O   . HOH C 3 .   ? 1.526   -20.035 2.751   1.00 35.60 ? 249 HOH A O   1 
HETATM 1260 O O   . HOH C 3 .   ? 2.475   -8.836  -9.340  1.00 23.78 ? 250 HOH A O   1 
HETATM 1261 O O   . HOH C 3 .   ? 14.983  -19.480 -1.429  1.00 26.57 ? 251 HOH A O   1 
HETATM 1262 O O   . HOH C 3 .   ? 6.224   -10.499 -9.848  1.00 22.98 ? 252 HOH A O   1 
HETATM 1263 O O   . HOH C 3 .   ? -12.674 17.521  -11.689 1.00 31.92 ? 253 HOH A O   1 
HETATM 1264 O O   . HOH C 3 .   ? 8.460   4.615   -9.039  1.00 30.86 ? 254 HOH A O   1 
HETATM 1265 O O   . HOH C 3 .   ? 13.498  7.520   -3.934  1.00 29.66 ? 255 HOH A O   1 
HETATM 1266 O O   . HOH C 3 .   ? 20.941  -10.411 -2.919  1.00 29.99 ? 256 HOH A O   1 
HETATM 1267 O O   . HOH C 3 .   ? 4.842   -0.690  9.146   1.00 34.54 ? 257 HOH A O   1 
HETATM 1268 O O   . HOH C 3 .   ? -11.128 -0.080  -7.219  1.00 28.26 ? 258 HOH A O   1 
HETATM 1269 O O   . HOH C 3 .   ? -21.783 17.108  9.095   1.00 54.08 ? 259 HOH A O   1 
HETATM 1270 O O   . HOH C 3 .   ? -4.057  -0.541  -11.055 1.00 34.12 ? 260 HOH A O   1 
HETATM 1271 O O   . HOH C 3 .   ? -20.830 20.045  -7.757  1.00 28.97 ? 261 HOH A O   1 
HETATM 1272 O O   . HOH C 3 .   ? -1.925  -9.030  -15.333 1.00 35.66 ? 262 HOH A O   1 
HETATM 1273 O O   . HOH C 3 .   ? -0.661  13.101  5.054   1.00 30.55 ? 263 HOH A O   1 
HETATM 1274 O O   . HOH C 3 .   ? 16.629  -3.297  0.350   1.00 29.88 ? 264 HOH A O   1 
HETATM 1275 O O   . HOH C 3 .   ? 14.075  -2.299  5.037   1.00 30.15 ? 265 HOH A O   1 
HETATM 1276 O O   . HOH C 3 .   ? 0.968   14.379  6.148   1.00 40.67 ? 266 HOH A O   1 
HETATM 1277 O O   . HOH C 3 .   ? 1.429   -14.824 -0.300  1.00 13.59 ? 267 HOH A O   1 
HETATM 1278 O O   . HOH C 3 .   ? 3.112   -3.890  -13.951 1.00 37.00 ? 268 HOH A O   1 
HETATM 1279 O O   . HOH C 3 .   ? -6.899  -14.061 -7.425  1.00 52.71 ? 269 HOH A O   1 
HETATM 1280 O O   . HOH C 3 .   ? -6.832  1.944   -10.653 1.00 38.26 ? 270 HOH A O   1 
HETATM 1281 O O   . HOH C 3 .   ? -3.477  -12.390 7.525   1.00 41.42 ? 271 HOH A O   1 
HETATM 1282 O O   . HOH C 3 .   ? -22.106 13.851  -3.949  1.00 25.74 ? 272 HOH A O   1 
HETATM 1283 O O   . HOH C 3 .   ? 14.656  -9.924  9.082   1.00 29.73 ? 273 HOH A O   1 
HETATM 1284 O O   . HOH C 3 .   ? 17.262  -7.512  6.458   1.00 26.58 ? 274 HOH A O   1 
HETATM 1285 O O   . HOH C 3 .   ? 11.870  -16.512 -0.492  1.00 15.75 ? 275 HOH A O   1 
HETATM 1286 O O   . HOH C 3 .   ? -5.203  18.566  -3.414  1.00 28.47 ? 276 HOH A O   1 
HETATM 1287 O O   . HOH C 3 .   ? -1.064  7.601   -5.750  1.00 24.09 ? 277 HOH A O   1 
HETATM 1288 O O   . HOH C 3 .   ? -12.738 -3.673  3.762   1.00 27.57 ? 278 HOH A O   1 
HETATM 1289 O O   . HOH C 3 .   ? -4.466  -5.292  -11.382 1.00 30.22 ? 279 HOH A O   1 
HETATM 1290 O O   . HOH C 3 .   ? -8.641  -11.350 -4.619  1.00 31.72 ? 280 HOH A O   1 
HETATM 1291 O O   . HOH C 3 .   ? 5.391   12.659  2.037   1.00 27.92 ? 281 HOH A O   1 
HETATM 1292 O O   . HOH C 3 .   ? -23.107 14.051  10.151  1.00 43.99 ? 282 HOH A O   1 
HETATM 1293 O O   . HOH C 3 .   ? 16.647  -3.265  -9.472  1.00 43.75 ? 283 HOH A O   1 
HETATM 1294 O O   . HOH C 3 .   ? 23.839  -6.580  3.631   1.00 36.71 ? 284 HOH A O   1 
HETATM 1295 O O   . HOH C 3 .   ? -0.427  11.057  6.806   1.00 33.93 ? 285 HOH A O   1 
HETATM 1296 O O   . HOH C 3 .   ? 2.492   10.093  -5.757  1.00 38.95 ? 286 HOH A O   1 
HETATM 1297 O O   . HOH C 3 .   ? 11.577  -4.478  -9.605  1.00 33.44 ? 287 HOH A O   1 
HETATM 1298 O O   . HOH C 3 .   ? 4.436   -22.031 -2.792  1.00 29.30 ? 288 HOH A O   1 
HETATM 1299 O O   . HOH C 3 .   ? -18.543 3.476   -3.257  1.00 36.47 ? 289 HOH A O   1 
HETATM 1300 O O   . HOH C 3 .   ? -1.489  -0.241  -11.221 1.00 26.54 ? 290 HOH A O   1 
HETATM 1301 O O   . HOH C 3 .   ? 13.711  6.734   -6.872  1.00 37.68 ? 291 HOH A O   1 
HETATM 1302 O O   . HOH C 3 .   ? -9.247  2.247   -9.297  1.00 28.74 ? 292 HOH A O   1 
HETATM 1303 O O   . HOH C 3 .   ? 7.780   0.306   9.304   1.00 29.80 ? 293 HOH A O   1 
HETATM 1304 O O   . HOH C 3 .   ? 18.048  -11.890 -9.241  1.00 34.86 ? 294 HOH A O   1 
HETATM 1305 O O   . HOH C 3 .   ? -24.735 15.740  -1.567  1.00 38.05 ? 295 HOH A O   1 
HETATM 1306 O O   . HOH C 3 .   ? 6.594   -8.041  8.389   1.00 21.49 ? 296 HOH A O   1 
HETATM 1307 O O   . HOH C 3 .   ? 8.084   13.868  -1.986  1.00 50.13 ? 297 HOH A O   1 
HETATM 1308 O O   . HOH C 3 .   ? -4.895  -14.395 -2.444  1.00 36.31 ? 298 HOH A O   1 
HETATM 1309 O O   . HOH C 3 .   ? 9.334   2.904   8.127   1.00 37.36 ? 299 HOH A O   1 
HETATM 1310 O O   . HOH C 3 .   ? -17.466 20.693  -5.221  1.00 23.47 ? 300 HOH A O   1 
HETATM 1311 O O   . HOH C 3 .   ? -20.314 -3.527  -0.768  1.00 50.16 ? 301 HOH A O   1 
HETATM 1312 O O   . HOH C 3 .   ? -7.045  -10.502 5.678   1.00 36.28 ? 302 HOH A O   1 
HETATM 1313 O O   . HOH C 3 .   ? 7.711   9.435   -3.754  1.00 44.55 ? 303 HOH A O   1 
HETATM 1314 O O   . HOH C 3 .   ? -0.093  19.840  0.149   1.00 53.64 ? 304 HOH A O   1 
HETATM 1315 O O   . HOH C 3 .   ? -3.221  4.010   9.973   1.00 36.61 ? 305 HOH A O   1 
HETATM 1316 O O   . HOH C 3 .   ? -6.723  -9.762  2.188   1.00 20.65 ? 306 HOH A O   1 
HETATM 1317 O O   . HOH C 3 .   ? -15.910 -0.834  -8.149  1.00 48.89 ? 307 HOH A O   1 
HETATM 1318 O O   . HOH C 3 .   ? -15.144 -5.651  4.083   1.00 26.46 ? 308 HOH A O   1 
HETATM 1319 O O   . HOH C 3 .   ? 8.838   10.100  -1.264  1.00 39.97 ? 309 HOH A O   1 
HETATM 1320 O O   . HOH C 3 .   ? 18.880  -5.637  2.112   1.00 39.99 ? 310 HOH A O   1 
HETATM 1321 O O   . HOH C 3 .   ? -17.163 12.998  -11.788 1.00 40.90 ? 311 HOH A O   1 
HETATM 1322 O O   . HOH C 3 .   ? 15.808  0.704   1.788   1.00 34.22 ? 312 HOH A O   1 
HETATM 1323 O O   . HOH C 3 .   ? -0.185  6.841   -12.382 1.00 42.30 ? 313 HOH A O   1 
HETATM 1324 O O   . HOH C 3 .   ? 2.002   17.753  -1.239  1.00 39.43 ? 314 HOH A O   1 
HETATM 1325 O O   . HOH C 3 .   ? 1.468   -8.563  8.764   1.00 31.13 ? 315 HOH A O   1 
HETATM 1326 O O   . HOH C 3 .   ? -18.487 10.173  -4.784  1.00 44.26 ? 316 HOH A O   1 
HETATM 1327 O O   . HOH C 3 .   ? 1.544   -23.098 0.642   1.00 41.16 ? 317 HOH A O   1 
HETATM 1328 O O   . HOH C 3 .   ? 16.279  -3.079  4.292   1.00 45.53 ? 318 HOH A O   1 
HETATM 1329 O O   . HOH C 3 .   ? -23.192 22.425  -0.289  1.00 40.54 ? 319 HOH A O   1 
HETATM 1330 O O   . HOH C 3 .   ? 11.456  -5.668  -12.323 1.00 48.40 ? 320 HOH A O   1 
HETATM 1331 O O   . HOH C 3 .   ? -15.115 -2.840  5.041   1.00 41.03 ? 321 HOH A O   1 
HETATM 1332 O O   . HOH C 3 .   ? 7.975   -19.779 6.049   1.00 35.27 ? 322 HOH A O   1 
HETATM 1333 O O   . HOH C 3 .   ? -1.920  -14.021 -3.676  1.00 33.37 ? 323 HOH A O   1 
HETATM 1334 O O   . HOH C 3 .   ? 4.764   -2.537  7.614   1.00 33.13 ? 324 HOH A O   1 
HETATM 1335 O O   . HOH C 3 .   ? 3.501   -4.550  8.326   1.00 39.72 ? 325 HOH A O   1 
HETATM 1336 O O   . HOH C 3 .   ? -15.786 -6.765  -1.265  1.00 40.29 ? 326 HOH A O   1 
HETATM 1337 O O   . HOH C 3 .   ? 9.126   1.985   -9.370  1.00 31.13 ? 327 HOH A O   1 
HETATM 1338 O O   . HOH C 3 .   ? 11.414  3.638   6.899   1.00 47.43 ? 328 HOH A O   1 
HETATM 1339 O O   . HOH C 3 .   ? 6.302   -18.374 12.452  1.00 32.78 ? 329 HOH A O   1 
HETATM 1340 O O   . HOH C 3 .   ? -9.829  14.716  -11.971 1.00 45.59 ? 330 HOH A O   1 
HETATM 1341 O O   . HOH C 3 .   ? -0.171  21.402  -2.409  1.00 72.33 ? 331 HOH A O   1 
HETATM 1342 O O   . HOH C 3 .   ? 6.198   -10.821 9.584   1.00 41.89 ? 332 HOH A O   1 
HETATM 1343 O O   . HOH C 3 .   ? 8.080   -12.748 9.417   1.00 41.62 ? 333 HOH A O   1 
HETATM 1344 O O   . HOH C 3 .   ? -7.869  18.374  -11.227 1.00 49.41 ? 334 HOH A O   1 
HETATM 1345 O O   . HOH C 3 .   ? -0.835  4.568   9.331   1.00 34.40 ? 335 HOH A O   1 
HETATM 1346 O O   . HOH C 3 .   ? 10.301  -18.890 6.719   1.00 27.59 ? 336 HOH A O   1 
HETATM 1347 O O   . HOH C 3 .   ? 0.427   6.028   7.418   1.00 36.29 ? 337 HOH A O   1 
HETATM 1348 O O   . HOH C 3 .   ? 5.744   -2.165  -13.244 1.00 39.71 ? 338 HOH A O   1 
HETATM 1349 O O   . HOH C 3 .   ? -19.256 10.137  -1.734  1.00 48.76 ? 339 HOH A O   1 
HETATM 1350 O O   . HOH C 3 .   ? -2.659  -14.815 -5.888  1.00 35.36 ? 340 HOH A O   1 
HETATM 1351 O O   . HOH C 3 .   ? -3.570  11.104  10.542  1.00 45.19 ? 341 HOH A O   1 
HETATM 1352 O O   . HOH C 3 .   ? 17.693  -10.303 9.743   1.00 41.73 ? 342 HOH A O   1 
HETATM 1353 O O   . HOH C 3 .   ? 11.049  8.712   -8.018  1.00 46.35 ? 343 HOH A O   1 
HETATM 1354 O O   . HOH C 3 .   ? 6.323   0.691   -9.791  1.00 22.95 ? 344 HOH A O   1 
HETATM 1355 O O   . HOH C 3 .   ? 3.271   -11.356 -10.019 1.00 32.07 ? 345 HOH A O   1 
HETATM 1356 O O   . HOH C 3 .   ? -19.942 13.491  5.577   1.00 45.96 ? 346 HOH A O   1 
HETATM 1357 O O   . HOH C 3 .   ? -0.514  -15.735 -2.312  1.00 19.41 ? 347 HOH A O   1 
HETATM 1358 O O   . HOH C 3 .   ? -9.435  -4.456  7.199   1.00 32.51 ? 348 HOH A O   1 
HETATM 1359 O O   . HOH C 3 .   ? -17.596 -5.760  3.099   1.00 33.95 ? 349 HOH A O   1 
HETATM 1360 O O   . HOH C 3 .   ? 5.907   0.053   -12.348 1.00 29.87 ? 350 HOH A O   1 
HETATM 1361 O O   . HOH C 3 .   ? -24.545 14.140  -3.311  1.00 36.88 ? 351 HOH A O   1 
HETATM 1362 O O   . HOH C 3 .   ? 3.651   -23.074 -0.585  1.00 38.58 ? 352 HOH A O   1 
HETATM 1363 O O   . HOH C 3 .   ? 4.848   -8.288  -10.876 1.00 38.27 ? 353 HOH A O   1 
HETATM 1364 O O   . HOH C 3 .   ? 1.269   -18.905 -6.287  1.00 36.75 ? 354 HOH A O   1 
HETATM 1365 O O   . HOH C 3 .   ? -1.313  2.240   -12.764 1.00 30.92 ? 355 HOH A O   1 
HETATM 1366 O O   . HOH C 3 .   ? 4.087   -7.063  8.429   1.00 43.95 ? 356 HOH A O   1 
HETATM 1367 O O   . HOH C 3 .   ? 4.162   0.178   11.624  1.00 50.16 ? 357 HOH A O   1 
HETATM 1368 O O   . HOH C 3 .   ? 14.912  -1.766  7.643   1.00 36.10 ? 358 HOH A O   1 
HETATM 1369 O O   . HOH C 3 .   ? -12.316 -4.066  6.557   1.00 39.40 ? 359 HOH A O   1 
HETATM 1370 O O   . HOH C 3 .   ? -4.021  2.038   -13.229 1.00 36.85 ? 360 HOH A O   1 
HETATM 1371 O O   . HOH C 3 .   ? 14.064  -3.400  -10.350 1.00 41.41 ? 361 HOH A O   1 
HETATM 1372 O O   . HOH C 3 .   ? 5.636   3.260   -9.883  1.00 26.43 ? 362 HOH A O   1 
HETATM 1373 O O   . HOH C 3 .   ? -3.963  2.470   11.771  1.00 38.72 ? 363 HOH A O   1 
HETATM 1374 O O   . HOH C 3 .   ? -20.714 11.507  -3.064  1.00 42.06 ? 364 HOH A O   1 
HETATM 1375 O O   . HOH C 3 .   ? 4.901   2.384   -12.913 1.00 38.33 ? 365 HOH A O   1 
HETATM 1376 O O   . HOH C 3 .   ? -14.004 -0.300  10.194  1.00 54.32 ? 366 HOH A O   1 
HETATM 1377 O O   . HOH D 3 .   ? -10.401 9.687   12.332  1.00 43.29 ? 101 HOH B O   1 
HETATM 1378 O O   . HOH D 3 .   ? -13.053 9.702   12.899  1.00 51.10 ? 102 HOH B O   1 
HETATM 1379 O O   . HOH D 3 .   ? -12.129 17.805  2.710   1.00 23.09 ? 103 HOH B O   1 
HETATM 1380 O O   . HOH D 3 .   ? -9.886  20.661  8.059   1.00 26.40 ? 104 HOH B O   1 
HETATM 1381 O O   . HOH D 3 .   ? -3.761  19.087  1.524   1.00 39.09 ? 105 HOH B O   1 
HETATM 1382 O O   . HOH D 3 .   ? -8.035  14.144  6.211   1.00 26.48 ? 106 HOH B O   1 
HETATM 1383 O O   . HOH D 3 .   ? -8.154  22.510  5.270   1.00 28.32 ? 107 HOH B O   1 
HETATM 1384 O O   . HOH D 3 .   ? -8.880  7.361   12.134  1.00 38.62 ? 108 HOH B O   1 
HETATM 1385 O O   . HOH D 3 .   ? -11.963 7.904   10.230  1.00 49.45 ? 109 HOH B O   1 
HETATM 1386 O O   . HOH D 3 .   ? -12.521 8.867   1.049   1.00 23.48 ? 110 HOH B O   1 
HETATM 1387 O O   . HOH D 3 .   ? -7.533  14.890  10.660  1.00 41.20 ? 111 HOH B O   1 
HETATM 1388 O O   . HOH D 3 .   ? -13.755 15.069  10.403  1.00 36.91 ? 112 HOH B O   1 
HETATM 1389 O O   . HOH D 3 .   ? -6.601  13.450  8.335   1.00 24.86 ? 113 HOH B O   1 
HETATM 1390 O O   . HOH D 3 .   ? -16.211 3.063   13.422  1.00 52.13 ? 114 HOH B O   1 
# 
loop_
_pdbx_poly_seq_scheme.asym_id 
_pdbx_poly_seq_scheme.entity_id 
_pdbx_poly_seq_scheme.seq_id 
_pdbx_poly_seq_scheme.mon_id 
_pdbx_poly_seq_scheme.ndb_seq_num 
_pdbx_poly_seq_scheme.pdb_seq_num 
_pdbx_poly_seq_scheme.auth_seq_num 
_pdbx_poly_seq_scheme.pdb_mon_id 
_pdbx_poly_seq_scheme.auth_mon_id 
_pdbx_poly_seq_scheme.pdb_strand_id 
_pdbx_poly_seq_scheme.pdb_ins_code 
_pdbx_poly_seq_scheme.hetero 
A 1 1   GLY 1   -4  -4  GLY GLY A . n 
A 1 2   PRO 2   -3  -3  PRO PRO A . n 
A 1 3   LEU 3   -2  -2  LEU LEU A . n 
A 1 4   GLY 4   -1  -1  GLY GLY A . n 
A 1 5   SER 5   0   0   SER SER A . n 
A 1 6   MET 6   1   1   MET MET A . n 
A 1 7   VAL 7   2   2   VAL VAL A . n 
A 1 8   ALA 8   3   3   ALA ALA A . n 
A 1 9   THR 9   4   4   THR THR A . n 
A 1 10  VAL 10  5   5   VAL VAL A . n 
A 1 11  LYS 11  6   6   LYS LYS A . n 
A 1 12  ARG 12  7   7   ARG ARG A . n 
A 1 13  THR 13  8   8   THR THR A . n 
A 1 14  ILE 14  9   9   ILE ILE A . n 
A 1 15  ARG 15  10  10  ARG ARG A . n 
A 1 16  ILE 16  11  11  ILE ILE A . n 
A 1 17  LYS 17  12  12  LYS LYS A . n 
A 1 18  THR 18  13  13  THR THR A . n 
A 1 19  GLN 19  14  14  GLN GLN A . n 
A 1 20  GLN 20  15  15  GLN GLN A . n 
A 1 21  HIS 21  16  16  HIS HIS A . n 
A 1 22  ILE 22  17  17  ILE ILE A . n 
A 1 23  LEU 23  18  18  LEU LEU A . n 
A 1 24  PRO 24  19  19  PRO PRO A . n 
A 1 25  GLU 25  20  20  GLU GLU A . n 
A 1 26  VAL 26  21  21  VAL VAL A . n 
A 1 27  PRO 27  22  22  PRO PRO A . n 
A 1 28  PRO 28  23  23  PRO PRO A . n 
A 1 29  VAL 29  24  24  VAL VAL A . n 
A 1 30  GLU 30  25  25  GLU GLU A . n 
A 1 31  ASN 31  26  26  ASN ASN A . n 
A 1 32  PHE 32  27  27  PHE PHE A . n 
A 1 33  PRO 33  28  28  PRO PRO A . n 
A 1 34  VAL 34  29  29  VAL VAL A . n 
A 1 35  ARG 35  30  30  ARG ARG A . n 
A 1 36  GLN 36  31  31  GLN GLN A . n 
A 1 37  TRP 37  32  32  TRP TRP A . n 
A 1 38  SER 38  33  33  SER SER A . n 
A 1 39  ILE 39  34  34  ILE ILE A . n 
A 1 40  GLU 40  35  35  GLU GLU A . n 
A 1 41  ILE 41  36  36  ILE ILE A . n 
A 1 42  VAL 42  37  37  VAL VAL A . n 
A 1 43  LEU 43  38  38  LEU LEU A . n 
A 1 44  LEU 44  39  39  LEU LEU A . n 
A 1 45  ASP 45  40  40  ASP ASP A . n 
A 1 46  ASP 46  41  41  ASP ASP A . n 
A 1 47  GLU 47  42  42  GLU GLU A . n 
A 1 48  GLY 48  43  43  GLY GLY A . n 
A 1 49  LYS 49  44  44  LYS LYS A . n 
A 1 50  GLU 50  45  45  GLU GLU A . n 
A 1 51  ILE 51  46  46  ILE ILE A . n 
A 1 52  PRO 52  47  47  PRO PRO A . n 
A 1 53  ALA 53  48  48  ALA ALA A . n 
A 1 54  THR 54  49  49  THR THR A . n 
A 1 55  ILE 55  50  50  ILE ILE A . n 
A 1 56  PHE 56  51  51  PHE PHE A . n 
A 1 57  ASP 57  52  52  ASP ASP A . n 
A 1 58  LYS 58  53  53  LYS LYS A . n 
A 1 59  VAL 59  54  54  VAL VAL A . n 
A 1 60  ILE 60  55  55  ILE ILE A . n 
A 1 61  TYR 61  56  56  TYR TYR A . n 
A 1 62  HIS 62  57  57  HIS HIS A . n 
A 1 63  LEU 63  58  58  LEU LEU A . n 
A 1 64  HIS 64  59  59  HIS HIS A . n 
A 1 65  PRO 65  60  60  PRO PRO A . n 
A 1 66  THR 66  61  61  THR THR A . n 
A 1 67  PHE 67  62  62  PHE PHE A . n 
A 1 68  ALA 68  63  63  ALA ALA A . n 
A 1 69  ASN 69  64  64  ASN ASN A . n 
A 1 70  PRO 70  65  65  PRO PRO A . n 
A 1 71  ASN 71  66  66  ASN ASN A . n 
A 1 72  ARG 72  67  67  ARG ARG A . n 
A 1 73  THR 73  68  68  THR THR A . n 
A 1 74  PHE 74  69  69  PHE PHE A . n 
A 1 75  THR 75  70  70  THR THR A . n 
A 1 76  ASP 76  71  71  ASP ASP A . n 
A 1 77  PRO 77  72  72  PRO PRO A . n 
A 1 78  PRO 78  73  73  PRO PRO A . n 
A 1 79  PHE 79  74  74  PHE PHE A . n 
A 1 80  ARG 80  75  75  ARG ARG A . n 
A 1 81  ILE 81  76  76  ILE ILE A . n 
A 1 82  GLU 82  77  77  GLU GLU A . n 
A 1 83  GLU 83  78  78  GLU GLU A . n 
A 1 84  GLN 84  79  79  GLN GLN A . n 
A 1 85  GLY 85  80  80  GLY GLY A . n 
A 1 86  TRP 86  81  81  TRP TRP A . n 
A 1 87  GLY 87  82  82  GLY GLY A . n 
A 1 88  GLY 88  83  83  GLY GLY A . n 
A 1 89  PHE 89  84  84  PHE PHE A . n 
A 1 90  PRO 90  85  85  PRO PRO A . n 
A 1 91  LEU 91  86  86  LEU LEU A . n 
A 1 92  ASP 92  87  87  ASP ASP A . n 
A 1 93  ILE 93  88  88  ILE ILE A . n 
A 1 94  SER 94  89  89  SER SER A . n 
A 1 95  VAL 95  90  90  VAL VAL A . n 
A 1 96  PHE 96  91  91  PHE PHE A . n 
A 1 97  LEU 97  92  92  LEU LEU A . n 
A 1 98  LEU 98  93  93  LEU LEU A . n 
A 1 99  GLU 99  94  94  GLU GLU A . n 
A 1 100 LYS 100 95  95  LYS LYS A . n 
A 1 101 ALA 101 96  96  ALA ALA A . n 
A 1 102 GLY 102 97  97  GLY GLY A . n 
A 1 103 GLU 103 98  98  GLU GLU A . n 
A 1 104 ARG 104 99  99  ARG ARG A . n 
A 1 105 LYS 105 100 100 LYS LYS A . n 
A 1 106 ILE 106 101 101 ILE ILE A . n 
A 1 107 PRO 107 102 102 PRO PRO A . n 
A 1 108 HIS 108 103 103 HIS HIS A . n 
A 1 109 ASP 109 104 104 ASP ASP A . n 
A 1 110 LEU 110 105 105 LEU LEU A . n 
A 1 111 ASN 111 106 106 ASN ASN A . n 
A 1 112 PHE 112 107 107 PHE PHE A . n 
A 1 113 LEU 113 108 108 LEU LEU A . n 
A 1 114 GLN 114 109 109 GLN GLN A . n 
A 1 115 GLU 115 110 110 GLU GLU A . n 
A 1 116 SER 116 111 111 SER SER A . n 
A 1 117 TYR 117 112 112 TYR TYR A . n 
A 1 118 GLU 118 113 113 GLU GLU A . n 
A 1 119 VAL 119 114 114 VAL VAL A . n 
A 1 120 GLU 120 115 115 GLU GLU A . n 
A 1 121 HIS 121 116 116 HIS HIS A . n 
A 1 122 VAL 122 117 117 VAL VAL A . n 
A 1 123 ILE 123 118 118 ILE ILE A . n 
A 1 124 GLN 124 119 119 GLN GLN A . n 
A 1 125 ILE 125 120 120 ILE ILE A . n 
A 1 126 PRO 126 121 121 PRO PRO A . n 
A 1 127 LEU 127 122 122 LEU LEU A . n 
A 1 128 ASN 128 123 123 ASN ASN A . n 
A 1 129 LYS 129 124 124 LYS LYS A . n 
A 1 130 PRO 130 125 125 PRO PRO A . n 
A 1 131 LEU 131 126 126 LEU LEU A . n 
A 1 132 LEU 132 127 127 LEU LEU A . n 
A 1 133 THR 133 128 128 THR THR A . n 
A 1 134 GLU 134 129 129 GLU GLU A . n 
A 1 135 GLU 135 130 130 GLU GLU A . n 
A 1 136 LEU 136 131 131 LEU LEU A . n 
A 1 137 ALA 137 132 132 ALA ALA A . n 
A 1 138 LYS 138 133 133 LYS LYS A . n 
A 1 139 SER 139 134 134 SER SER A . n 
A 1 140 GLY 140 135 135 GLY GLY A . n 
A 1 141 SER 141 136 136 SER SER A . n 
A 1 142 THR 142 137 137 THR THR A . n 
B 2 1   ACE 1   4   4   ACE ACE B . n 
B 2 2   GLN 2   5   5   GLN GLN B . n 
B 2 3   THR 3   6   6   THR THR B . n 
B 2 4   ALA 4   7   7   ALA ALA B . n 
B 2 5   ARG 5   8   8   ARG ARG B . n 
B 2 6   PRK 6   9   9   PRK PRK B . n 
B 2 7   SER 7   10  10  SER SER B . n 
B 2 8   THR 8   11  ?   ?   ?   B . n 
# 
loop_
_pdbx_nonpoly_scheme.asym_id 
_pdbx_nonpoly_scheme.entity_id 
_pdbx_nonpoly_scheme.mon_id 
_pdbx_nonpoly_scheme.ndb_seq_num 
_pdbx_nonpoly_scheme.pdb_seq_num 
_pdbx_nonpoly_scheme.auth_seq_num 
_pdbx_nonpoly_scheme.pdb_mon_id 
_pdbx_nonpoly_scheme.auth_mon_id 
_pdbx_nonpoly_scheme.pdb_strand_id 
_pdbx_nonpoly_scheme.pdb_ins_code 
C 3 HOH 1   201 73  HOH HOH A . 
C 3 HOH 2   202 36  HOH HOH A . 
C 3 HOH 3   203 85  HOH HOH A . 
C 3 HOH 4   204 15  HOH HOH A . 
C 3 HOH 5   205 178 HOH HOH A . 
C 3 HOH 6   206 127 HOH HOH A . 
C 3 HOH 7   207 138 HOH HOH A . 
C 3 HOH 8   208 20  HOH HOH A . 
C 3 HOH 9   209 52  HOH HOH A . 
C 3 HOH 10  210 58  HOH HOH A . 
C 3 HOH 11  211 23  HOH HOH A . 
C 3 HOH 12  212 86  HOH HOH A . 
C 3 HOH 13  213 105 HOH HOH A . 
C 3 HOH 14  214 62  HOH HOH A . 
C 3 HOH 15  215 43  HOH HOH A . 
C 3 HOH 16  216 165 HOH HOH A . 
C 3 HOH 17  217 2   HOH HOH A . 
C 3 HOH 18  218 91  HOH HOH A . 
C 3 HOH 19  219 168 HOH HOH A . 
C 3 HOH 20  220 162 HOH HOH A . 
C 3 HOH 21  221 14  HOH HOH A . 
C 3 HOH 22  222 61  HOH HOH A . 
C 3 HOH 23  223 161 HOH HOH A . 
C 3 HOH 24  224 41  HOH HOH A . 
C 3 HOH 25  225 116 HOH HOH A . 
C 3 HOH 26  226 27  HOH HOH A . 
C 3 HOH 27  227 106 HOH HOH A . 
C 3 HOH 28  228 65  HOH HOH A . 
C 3 HOH 29  229 6   HOH HOH A . 
C 3 HOH 30  230 131 HOH HOH A . 
C 3 HOH 31  231 102 HOH HOH A . 
C 3 HOH 32  232 46  HOH HOH A . 
C 3 HOH 33  233 5   HOH HOH A . 
C 3 HOH 34  234 19  HOH HOH A . 
C 3 HOH 35  235 67  HOH HOH A . 
C 3 HOH 36  236 134 HOH HOH A . 
C 3 HOH 37  237 4   HOH HOH A . 
C 3 HOH 38  238 8   HOH HOH A . 
C 3 HOH 39  239 63  HOH HOH A . 
C 3 HOH 40  240 151 HOH HOH A . 
C 3 HOH 41  241 29  HOH HOH A . 
C 3 HOH 42  242 9   HOH HOH A . 
C 3 HOH 43  243 122 HOH HOH A . 
C 3 HOH 44  244 78  HOH HOH A . 
C 3 HOH 45  245 7   HOH HOH A . 
C 3 HOH 46  246 142 HOH HOH A . 
C 3 HOH 47  247 30  HOH HOH A . 
C 3 HOH 48  248 136 HOH HOH A . 
C 3 HOH 49  249 126 HOH HOH A . 
C 3 HOH 50  250 10  HOH HOH A . 
C 3 HOH 51  251 51  HOH HOH A . 
C 3 HOH 52  252 34  HOH HOH A . 
C 3 HOH 53  253 84  HOH HOH A . 
C 3 HOH 54  254 39  HOH HOH A . 
C 3 HOH 55  255 68  HOH HOH A . 
C 3 HOH 56  256 79  HOH HOH A . 
C 3 HOH 57  257 114 HOH HOH A . 
C 3 HOH 58  258 64  HOH HOH A . 
C 3 HOH 59  259 135 HOH HOH A . 
C 3 HOH 60  260 109 HOH HOH A . 
C 3 HOH 61  261 50  HOH HOH A . 
C 3 HOH 62  262 115 HOH HOH A . 
C 3 HOH 63  263 103 HOH HOH A . 
C 3 HOH 64  264 35  HOH HOH A . 
C 3 HOH 65  265 93  HOH HOH A . 
C 3 HOH 66  266 145 HOH HOH A . 
C 3 HOH 67  267 1   HOH HOH A . 
C 3 HOH 68  268 90  HOH HOH A . 
C 3 HOH 69  269 141 HOH HOH A . 
C 3 HOH 70  270 104 HOH HOH A . 
C 3 HOH 71  271 60  HOH HOH A . 
C 3 HOH 72  272 17  HOH HOH A . 
C 3 HOH 73  273 88  HOH HOH A . 
C 3 HOH 74  274 37  HOH HOH A . 
C 3 HOH 75  275 3   HOH HOH A . 
C 3 HOH 76  276 54  HOH HOH A . 
C 3 HOH 77  277 33  HOH HOH A . 
C 3 HOH 78  278 28  HOH HOH A . 
C 3 HOH 79  279 18  HOH HOH A . 
C 3 HOH 80  280 40  HOH HOH A . 
C 3 HOH 81  281 71  HOH HOH A . 
C 3 HOH 82  282 124 HOH HOH A . 
C 3 HOH 83  283 119 HOH HOH A . 
C 3 HOH 84  284 96  HOH HOH A . 
C 3 HOH 85  285 42  HOH HOH A . 
C 3 HOH 86  286 66  HOH HOH A . 
C 3 HOH 87  287 81  HOH HOH A . 
C 3 HOH 88  288 48  HOH HOH A . 
C 3 HOH 89  289 130 HOH HOH A . 
C 3 HOH 90  290 32  HOH HOH A . 
C 3 HOH 91  291 72  HOH HOH A . 
C 3 HOH 92  292 156 HOH HOH A . 
C 3 HOH 93  293 21  HOH HOH A . 
C 3 HOH 94  294 31  HOH HOH A . 
C 3 HOH 95  295 133 HOH HOH A . 
C 3 HOH 96  296 13  HOH HOH A . 
C 3 HOH 97  297 154 HOH HOH A . 
C 3 HOH 98  298 45  HOH HOH A . 
C 3 HOH 99  299 112 HOH HOH A . 
C 3 HOH 100 300 24  HOH HOH A . 
C 3 HOH 101 301 164 HOH HOH A . 
C 3 HOH 102 302 38  HOH HOH A . 
C 3 HOH 103 303 174 HOH HOH A . 
C 3 HOH 104 304 75  HOH HOH A . 
C 3 HOH 105 305 101 HOH HOH A . 
C 3 HOH 106 306 11  HOH HOH A . 
C 3 HOH 107 307 171 HOH HOH A . 
C 3 HOH 108 308 47  HOH HOH A . 
C 3 HOH 109 309 175 HOH HOH A . 
C 3 HOH 110 310 170 HOH HOH A . 
C 3 HOH 111 311 121 HOH HOH A . 
C 3 HOH 112 312 169 HOH HOH A . 
C 3 HOH 113 313 120 HOH HOH A . 
C 3 HOH 114 314 139 HOH HOH A . 
C 3 HOH 115 315 49  HOH HOH A . 
C 3 HOH 116 316 113 HOH HOH A . 
C 3 HOH 117 317 70  HOH HOH A . 
C 3 HOH 118 318 166 HOH HOH A . 
C 3 HOH 119 319 149 HOH HOH A . 
C 3 HOH 120 320 177 HOH HOH A . 
C 3 HOH 121 321 129 HOH HOH A . 
C 3 HOH 122 322 123 HOH HOH A . 
C 3 HOH 123 323 147 HOH HOH A . 
C 3 HOH 124 324 87  HOH HOH A . 
C 3 HOH 125 325 57  HOH HOH A . 
C 3 HOH 126 326 144 HOH HOH A . 
C 3 HOH 127 327 53  HOH HOH A . 
C 3 HOH 128 328 152 HOH HOH A . 
C 3 HOH 129 329 74  HOH HOH A . 
C 3 HOH 130 330 172 HOH HOH A . 
C 3 HOH 131 331 92  HOH HOH A . 
C 3 HOH 132 332 158 HOH HOH A . 
C 3 HOH 133 333 155 HOH HOH A . 
C 3 HOH 134 334 137 HOH HOH A . 
C 3 HOH 135 335 59  HOH HOH A . 
C 3 HOH 136 336 100 HOH HOH A . 
C 3 HOH 137 337 94  HOH HOH A . 
C 3 HOH 138 338 160 HOH HOH A . 
C 3 HOH 139 339 140 HOH HOH A . 
C 3 HOH 140 340 159 HOH HOH A . 
C 3 HOH 141 341 110 HOH HOH A . 
C 3 HOH 142 342 117 HOH HOH A . 
C 3 HOH 143 343 176 HOH HOH A . 
C 3 HOH 144 344 26  HOH HOH A . 
C 3 HOH 145 345 108 HOH HOH A . 
C 3 HOH 146 346 173 HOH HOH A . 
C 3 HOH 147 347 12  HOH HOH A . 
C 3 HOH 148 348 76  HOH HOH A . 
C 3 HOH 149 349 56  HOH HOH A . 
C 3 HOH 150 350 99  HOH HOH A . 
C 3 HOH 151 351 107 HOH HOH A . 
C 3 HOH 152 352 80  HOH HOH A . 
C 3 HOH 153 353 118 HOH HOH A . 
C 3 HOH 154 354 167 HOH HOH A . 
C 3 HOH 155 355 97  HOH HOH A . 
C 3 HOH 156 356 125 HOH HOH A . 
C 3 HOH 157 357 153 HOH HOH A . 
C 3 HOH 158 358 150 HOH HOH A . 
C 3 HOH 159 359 77  HOH HOH A . 
C 3 HOH 160 360 82  HOH HOH A . 
C 3 HOH 161 361 132 HOH HOH A . 
C 3 HOH 162 362 44  HOH HOH A . 
C 3 HOH 163 363 111 HOH HOH A . 
C 3 HOH 164 364 128 HOH HOH A . 
C 3 HOH 165 365 146 HOH HOH A . 
C 3 HOH 166 366 180 HOH HOH A . 
D 3 HOH 1   101 83  HOH HOH B . 
D 3 HOH 2   102 89  HOH HOH B . 
D 3 HOH 3   103 16  HOH HOH B . 
D 3 HOH 4   104 22  HOH HOH B . 
D 3 HOH 5   105 143 HOH HOH B . 
D 3 HOH 6   106 25  HOH HOH B . 
D 3 HOH 7   107 69  HOH HOH B . 
D 3 HOH 8   108 95  HOH HOH B . 
D 3 HOH 9   109 163 HOH HOH B . 
D 3 HOH 10  110 98  HOH HOH B . 
D 3 HOH 11  111 148 HOH HOH B . 
D 3 HOH 12  112 157 HOH HOH B . 
D 3 HOH 13  113 55  HOH HOH B . 
D 3 HOH 14  114 179 HOH HOH B . 
# 
_pdbx_struct_assembly.id                   1 
_pdbx_struct_assembly.details              author_and_software_defined_assembly 
_pdbx_struct_assembly.method_details       PISA 
_pdbx_struct_assembly.oligomeric_details   dimeric 
_pdbx_struct_assembly.oligomeric_count     2 
# 
_pdbx_struct_assembly_gen.assembly_id       1 
_pdbx_struct_assembly_gen.oper_expression   1 
_pdbx_struct_assembly_gen.asym_id_list      A,B,C,D 
# 
loop_
_pdbx_struct_assembly_prop.biol_id 
_pdbx_struct_assembly_prop.type 
_pdbx_struct_assembly_prop.value 
_pdbx_struct_assembly_prop.details 
1 'ABSA (A^2)' 1150 ? 
1 MORE         -1   ? 
1 'SSA (A^2)'  8350 ? 
# 
_pdbx_struct_oper_list.id                   1 
_pdbx_struct_oper_list.type                 'identity operation' 
_pdbx_struct_oper_list.name                 1_555 
_pdbx_struct_oper_list.symmetry_operation   x,y,z 
_pdbx_struct_oper_list.matrix[1][1]         1.0000000000 
_pdbx_struct_oper_list.matrix[1][2]         0.0000000000 
_pdbx_struct_oper_list.matrix[1][3]         0.0000000000 
_pdbx_struct_oper_list.vector[1]            0.0000000000 
_pdbx_struct_oper_list.matrix[2][1]         0.0000000000 
_pdbx_struct_oper_list.matrix[2][2]         1.0000000000 
_pdbx_struct_oper_list.matrix[2][3]         0.0000000000 
_pdbx_struct_oper_list.vector[2]            0.0000000000 
_pdbx_struct_oper_list.matrix[3][1]         0.0000000000 
_pdbx_struct_oper_list.matrix[3][2]         0.0000000000 
_pdbx_struct_oper_list.matrix[3][3]         1.0000000000 
_pdbx_struct_oper_list.vector[3]            0.0000000000 
# 
loop_
_pdbx_audit_revision_history.ordinal 
_pdbx_audit_revision_history.data_content_type 
_pdbx_audit_revision_history.major_revision 
_pdbx_audit_revision_history.minor_revision 
_pdbx_audit_revision_history.revision_date 
1 'Structure model' 1 0 2018-11-14 
2 'Structure model' 1 1 2023-10-11 
# 
_pdbx_audit_revision_details.ordinal             1 
_pdbx_audit_revision_details.revision_ordinal    1 
_pdbx_audit_revision_details.data_content_type   'Structure model' 
_pdbx_audit_revision_details.provider            repository 
_pdbx_audit_revision_details.type                'Initial release' 
_pdbx_audit_revision_details.description         ? 
_pdbx_audit_revision_details.details             ? 
# 
loop_
_pdbx_audit_revision_group.ordinal 
_pdbx_audit_revision_group.revision_ordinal 
_pdbx_audit_revision_group.data_content_type 
_pdbx_audit_revision_group.group 
1 2 'Structure model' 'Data collection'        
2 2 'Structure model' 'Database references'    
3 2 'Structure model' 'Refinement description' 
# 
loop_
_pdbx_audit_revision_category.ordinal 
_pdbx_audit_revision_category.revision_ordinal 
_pdbx_audit_revision_category.data_content_type 
_pdbx_audit_revision_category.category 
1 2 'Structure model' chem_comp_atom                
2 2 'Structure model' chem_comp_bond                
3 2 'Structure model' database_2                    
4 2 'Structure model' pdbx_initial_refinement_model 
# 
loop_
_pdbx_audit_revision_item.ordinal 
_pdbx_audit_revision_item.revision_ordinal 
_pdbx_audit_revision_item.data_content_type 
_pdbx_audit_revision_item.item 
1 2 'Structure model' '_database_2.pdbx_DOI'                
2 2 'Structure model' '_database_2.pdbx_database_accession' 
# 
loop_
_software.citation_id 
_software.classification 
_software.compiler_name 
_software.compiler_version 
_software.contact_author 
_software.contact_author_email 
_software.date 
_software.description 
_software.dependencies 
_software.hardware 
_software.language 
_software.location 
_software.mods 
_software.name 
_software.os 
_software.os_version 
_software.type 
_software.version 
_software.pdbx_ordinal 
? refinement       ? ? ? ? ? ? ? ? ? ? ? PHENIX   ? ? ? '(1.11.1_2575)' 1 
? 'data reduction' ? ? ? ? ? ? ? ? ? ? ? HKL-3000 ? ? ? .               2 
? 'data scaling'   ? ? ? ? ? ? ? ? ? ? ? HKL-3000 ? ? ? .               3 
? phasing          ? ? ? ? ? ? ? ? ? ? ? PHASER   ? ? ? .               4 
# 
loop_
_pdbx_validate_torsion.id 
_pdbx_validate_torsion.PDB_model_num 
_pdbx_validate_torsion.auth_comp_id 
_pdbx_validate_torsion.auth_asym_id 
_pdbx_validate_torsion.auth_seq_id 
_pdbx_validate_torsion.PDB_ins_code 
_pdbx_validate_torsion.label_alt_id 
_pdbx_validate_torsion.phi 
_pdbx_validate_torsion.psi 
1 1 ASN A 64 ? ? 38.06 63.34 
2 1 ASN A 64 ? ? 37.82 63.56 
# 
_pdbx_unobs_or_zero_occ_residues.id               1 
_pdbx_unobs_or_zero_occ_residues.PDB_model_num    1 
_pdbx_unobs_or_zero_occ_residues.polymer_flag     Y 
_pdbx_unobs_or_zero_occ_residues.occupancy_flag   1 
_pdbx_unobs_or_zero_occ_residues.auth_asym_id     B 
_pdbx_unobs_or_zero_occ_residues.auth_comp_id     THR 
_pdbx_unobs_or_zero_occ_residues.auth_seq_id      11 
_pdbx_unobs_or_zero_occ_residues.PDB_ins_code     ? 
_pdbx_unobs_or_zero_occ_residues.label_asym_id    B 
_pdbx_unobs_or_zero_occ_residues.label_comp_id    THR 
_pdbx_unobs_or_zero_occ_residues.label_seq_id     8 
# 
loop_
_chem_comp_atom.comp_id 
_chem_comp_atom.atom_id 
_chem_comp_atom.type_symbol 
_chem_comp_atom.pdbx_aromatic_flag 
_chem_comp_atom.pdbx_stereo_config 
_chem_comp_atom.pdbx_ordinal 
ACE C    C N N 1   
ACE O    O N N 2   
ACE CH3  C N N 3   
ACE H    H N N 4   
ACE H1   H N N 5   
ACE H2   H N N 6   
ACE H3   H N N 7   
ALA N    N N N 8   
ALA CA   C N S 9   
ALA C    C N N 10  
ALA O    O N N 11  
ALA CB   C N N 12  
ALA OXT  O N N 13  
ALA H    H N N 14  
ALA H2   H N N 15  
ALA HA   H N N 16  
ALA HB1  H N N 17  
ALA HB2  H N N 18  
ALA HB3  H N N 19  
ALA HXT  H N N 20  
ARG N    N N N 21  
ARG CA   C N S 22  
ARG C    C N N 23  
ARG O    O N N 24  
ARG CB   C N N 25  
ARG CG   C N N 26  
ARG CD   C N N 27  
ARG NE   N N N 28  
ARG CZ   C N N 29  
ARG NH1  N N N 30  
ARG NH2  N N N 31  
ARG OXT  O N N 32  
ARG H    H N N 33  
ARG H2   H N N 34  
ARG HA   H N N 35  
ARG HB2  H N N 36  
ARG HB3  H N N 37  
ARG HG2  H N N 38  
ARG HG3  H N N 39  
ARG HD2  H N N 40  
ARG HD3  H N N 41  
ARG HE   H N N 42  
ARG HH11 H N N 43  
ARG HH12 H N N 44  
ARG HH21 H N N 45  
ARG HH22 H N N 46  
ARG HXT  H N N 47  
ASN N    N N N 48  
ASN CA   C N S 49  
ASN C    C N N 50  
ASN O    O N N 51  
ASN CB   C N N 52  
ASN CG   C N N 53  
ASN OD1  O N N 54  
ASN ND2  N N N 55  
ASN OXT  O N N 56  
ASN H    H N N 57  
ASN H2   H N N 58  
ASN HA   H N N 59  
ASN HB2  H N N 60  
ASN HB3  H N N 61  
ASN HD21 H N N 62  
ASN HD22 H N N 63  
ASN HXT  H N N 64  
ASP N    N N N 65  
ASP CA   C N S 66  
ASP C    C N N 67  
ASP O    O N N 68  
ASP CB   C N N 69  
ASP CG   C N N 70  
ASP OD1  O N N 71  
ASP OD2  O N N 72  
ASP OXT  O N N 73  
ASP H    H N N 74  
ASP H2   H N N 75  
ASP HA   H N N 76  
ASP HB2  H N N 77  
ASP HB3  H N N 78  
ASP HD2  H N N 79  
ASP HXT  H N N 80  
GLN N    N N N 81  
GLN CA   C N S 82  
GLN C    C N N 83  
GLN O    O N N 84  
GLN CB   C N N 85  
GLN CG   C N N 86  
GLN CD   C N N 87  
GLN OE1  O N N 88  
GLN NE2  N N N 89  
GLN OXT  O N N 90  
GLN H    H N N 91  
GLN H2   H N N 92  
GLN HA   H N N 93  
GLN HB2  H N N 94  
GLN HB3  H N N 95  
GLN HG2  H N N 96  
GLN HG3  H N N 97  
GLN HE21 H N N 98  
GLN HE22 H N N 99  
GLN HXT  H N N 100 
GLU N    N N N 101 
GLU CA   C N S 102 
GLU C    C N N 103 
GLU O    O N N 104 
GLU CB   C N N 105 
GLU CG   C N N 106 
GLU CD   C N N 107 
GLU OE1  O N N 108 
GLU OE2  O N N 109 
GLU OXT  O N N 110 
GLU H    H N N 111 
GLU H2   H N N 112 
GLU HA   H N N 113 
GLU HB2  H N N 114 
GLU HB3  H N N 115 
GLU HG2  H N N 116 
GLU HG3  H N N 117 
GLU HE2  H N N 118 
GLU HXT  H N N 119 
GLY N    N N N 120 
GLY CA   C N N 121 
GLY C    C N N 122 
GLY O    O N N 123 
GLY OXT  O N N 124 
GLY H    H N N 125 
GLY H2   H N N 126 
GLY HA2  H N N 127 
GLY HA3  H N N 128 
GLY HXT  H N N 129 
HIS N    N N N 130 
HIS CA   C N S 131 
HIS C    C N N 132 
HIS O    O N N 133 
HIS CB   C N N 134 
HIS CG   C Y N 135 
HIS ND1  N Y N 136 
HIS CD2  C Y N 137 
HIS CE1  C Y N 138 
HIS NE2  N Y N 139 
HIS OXT  O N N 140 
HIS H    H N N 141 
HIS H2   H N N 142 
HIS HA   H N N 143 
HIS HB2  H N N 144 
HIS HB3  H N N 145 
HIS HD1  H N N 146 
HIS HD2  H N N 147 
HIS HE1  H N N 148 
HIS HE2  H N N 149 
HIS HXT  H N N 150 
HOH O    O N N 151 
HOH H1   H N N 152 
HOH H2   H N N 153 
ILE N    N N N 154 
ILE CA   C N S 155 
ILE C    C N N 156 
ILE O    O N N 157 
ILE CB   C N S 158 
ILE CG1  C N N 159 
ILE CG2  C N N 160 
ILE CD1  C N N 161 
ILE OXT  O N N 162 
ILE H    H N N 163 
ILE H2   H N N 164 
ILE HA   H N N 165 
ILE HB   H N N 166 
ILE HG12 H N N 167 
ILE HG13 H N N 168 
ILE HG21 H N N 169 
ILE HG22 H N N 170 
ILE HG23 H N N 171 
ILE HD11 H N N 172 
ILE HD12 H N N 173 
ILE HD13 H N N 174 
ILE HXT  H N N 175 
LEU N    N N N 176 
LEU CA   C N S 177 
LEU C    C N N 178 
LEU O    O N N 179 
LEU CB   C N N 180 
LEU CG   C N N 181 
LEU CD1  C N N 182 
LEU CD2  C N N 183 
LEU OXT  O N N 184 
LEU H    H N N 185 
LEU H2   H N N 186 
LEU HA   H N N 187 
LEU HB2  H N N 188 
LEU HB3  H N N 189 
LEU HG   H N N 190 
LEU HD11 H N N 191 
LEU HD12 H N N 192 
LEU HD13 H N N 193 
LEU HD21 H N N 194 
LEU HD22 H N N 195 
LEU HD23 H N N 196 
LEU HXT  H N N 197 
LYS N    N N N 198 
LYS CA   C N S 199 
LYS C    C N N 200 
LYS O    O N N 201 
LYS CB   C N N 202 
LYS CG   C N N 203 
LYS CD   C N N 204 
LYS CE   C N N 205 
LYS NZ   N N N 206 
LYS OXT  O N N 207 
LYS H    H N N 208 
LYS H2   H N N 209 
LYS HA   H N N 210 
LYS HB2  H N N 211 
LYS HB3  H N N 212 
LYS HG2  H N N 213 
LYS HG3  H N N 214 
LYS HD2  H N N 215 
LYS HD3  H N N 216 
LYS HE2  H N N 217 
LYS HE3  H N N 218 
LYS HZ1  H N N 219 
LYS HZ2  H N N 220 
LYS HZ3  H N N 221 
LYS HXT  H N N 222 
MET N    N N N 223 
MET CA   C N S 224 
MET C    C N N 225 
MET O    O N N 226 
MET CB   C N N 227 
MET CG   C N N 228 
MET SD   S N N 229 
MET CE   C N N 230 
MET OXT  O N N 231 
MET H    H N N 232 
MET H2   H N N 233 
MET HA   H N N 234 
MET HB2  H N N 235 
MET HB3  H N N 236 
MET HG2  H N N 237 
MET HG3  H N N 238 
MET HE1  H N N 239 
MET HE2  H N N 240 
MET HE3  H N N 241 
MET HXT  H N N 242 
PHE N    N N N 243 
PHE CA   C N S 244 
PHE C    C N N 245 
PHE O    O N N 246 
PHE CB   C N N 247 
PHE CG   C Y N 248 
PHE CD1  C Y N 249 
PHE CD2  C Y N 250 
PHE CE1  C Y N 251 
PHE CE2  C Y N 252 
PHE CZ   C Y N 253 
PHE OXT  O N N 254 
PHE H    H N N 255 
PHE H2   H N N 256 
PHE HA   H N N 257 
PHE HB2  H N N 258 
PHE HB3  H N N 259 
PHE HD1  H N N 260 
PHE HD2  H N N 261 
PHE HE1  H N N 262 
PHE HE2  H N N 263 
PHE HZ   H N N 264 
PHE HXT  H N N 265 
PRK C    C N N 266 
PRK N    N N N 267 
PRK O    O N N 268 
PRK CA   C N S 269 
PRK CB   C N N 270 
PRK CD   C N N 271 
PRK CE   C N N 272 
PRK CG   C N N 273 
PRK NZ   N N N 274 
PRK CAA  C N N 275 
PRK OAD  O N N 276 
PRK CAF  C N N 277 
PRK CAL  C N N 278 
PRK OXT  O N N 279 
PRK H    H N N 280 
PRK H2   H N N 281 
PRK HA   H N N 282 
PRK HB2  H N N 283 
PRK HB3  H N N 284 
PRK HD2  H N N 285 
PRK HD3  H N N 286 
PRK HE2  H N N 287 
PRK HE3  H N N 288 
PRK HG2  H N N 289 
PRK HG3  H N N 290 
PRK HZ   H N N 291 
PRK HAA  H N N 292 
PRK HAAA H N N 293 
PRK HAAB H N N 294 
PRK HAF  H N N 295 
PRK HAFA H N N 296 
PRK HXT  H N N 297 
PRO N    N N N 298 
PRO CA   C N S 299 
PRO C    C N N 300 
PRO O    O N N 301 
PRO CB   C N N 302 
PRO CG   C N N 303 
PRO CD   C N N 304 
PRO OXT  O N N 305 
PRO H    H N N 306 
PRO HA   H N N 307 
PRO HB2  H N N 308 
PRO HB3  H N N 309 
PRO HG2  H N N 310 
PRO HG3  H N N 311 
PRO HD2  H N N 312 
PRO HD3  H N N 313 
PRO HXT  H N N 314 
SER N    N N N 315 
SER CA   C N S 316 
SER C    C N N 317 
SER O    O N N 318 
SER CB   C N N 319 
SER OG   O N N 320 
SER OXT  O N N 321 
SER H    H N N 322 
SER H2   H N N 323 
SER HA   H N N 324 
SER HB2  H N N 325 
SER HB3  H N N 326 
SER HG   H N N 327 
SER HXT  H N N 328 
THR N    N N N 329 
THR CA   C N S 330 
THR C    C N N 331 
THR O    O N N 332 
THR CB   C N R 333 
THR OG1  O N N 334 
THR CG2  C N N 335 
THR OXT  O N N 336 
THR H    H N N 337 
THR H2   H N N 338 
THR HA   H N N 339 
THR HB   H N N 340 
THR HG1  H N N 341 
THR HG21 H N N 342 
THR HG22 H N N 343 
THR HG23 H N N 344 
THR HXT  H N N 345 
TRP N    N N N 346 
TRP CA   C N S 347 
TRP C    C N N 348 
TRP O    O N N 349 
TRP CB   C N N 350 
TRP CG   C Y N 351 
TRP CD1  C Y N 352 
TRP CD2  C Y N 353 
TRP NE1  N Y N 354 
TRP CE2  C Y N 355 
TRP CE3  C Y N 356 
TRP CZ2  C Y N 357 
TRP CZ3  C Y N 358 
TRP CH2  C Y N 359 
TRP OXT  O N N 360 
TRP H    H N N 361 
TRP H2   H N N 362 
TRP HA   H N N 363 
TRP HB2  H N N 364 
TRP HB3  H N N 365 
TRP HD1  H N N 366 
TRP HE1  H N N 367 
TRP HE3  H N N 368 
TRP HZ2  H N N 369 
TRP HZ3  H N N 370 
TRP HH2  H N N 371 
TRP HXT  H N N 372 
TYR N    N N N 373 
TYR CA   C N S 374 
TYR C    C N N 375 
TYR O    O N N 376 
TYR CB   C N N 377 
TYR CG   C Y N 378 
TYR CD1  C Y N 379 
TYR CD2  C Y N 380 
TYR CE1  C Y N 381 
TYR CE2  C Y N 382 
TYR CZ   C Y N 383 
TYR OH   O N N 384 
TYR OXT  O N N 385 
TYR H    H N N 386 
TYR H2   H N N 387 
TYR HA   H N N 388 
TYR HB2  H N N 389 
TYR HB3  H N N 390 
TYR HD1  H N N 391 
TYR HD2  H N N 392 
TYR HE1  H N N 393 
TYR HE2  H N N 394 
TYR HH   H N N 395 
TYR HXT  H N N 396 
VAL N    N N N 397 
VAL CA   C N S 398 
VAL C    C N N 399 
VAL O    O N N 400 
VAL CB   C N N 401 
VAL CG1  C N N 402 
VAL CG2  C N N 403 
VAL OXT  O N N 404 
VAL H    H N N 405 
VAL H2   H N N 406 
VAL HA   H N N 407 
VAL HB   H N N 408 
VAL HG11 H N N 409 
VAL HG12 H N N 410 
VAL HG13 H N N 411 
VAL HG21 H N N 412 
VAL HG22 H N N 413 
VAL HG23 H N N 414 
VAL HXT  H N N 415 
# 
loop_
_chem_comp_bond.comp_id 
_chem_comp_bond.atom_id_1 
_chem_comp_bond.atom_id_2 
_chem_comp_bond.value_order 
_chem_comp_bond.pdbx_aromatic_flag 
_chem_comp_bond.pdbx_stereo_config 
_chem_comp_bond.pdbx_ordinal 
ACE C   O    doub N N 1   
ACE C   CH3  sing N N 2   
ACE C   H    sing N N 3   
ACE CH3 H1   sing N N 4   
ACE CH3 H2   sing N N 5   
ACE CH3 H3   sing N N 6   
ALA N   CA   sing N N 7   
ALA N   H    sing N N 8   
ALA N   H2   sing N N 9   
ALA CA  C    sing N N 10  
ALA CA  CB   sing N N 11  
ALA CA  HA   sing N N 12  
ALA C   O    doub N N 13  
ALA C   OXT  sing N N 14  
ALA CB  HB1  sing N N 15  
ALA CB  HB2  sing N N 16  
ALA CB  HB3  sing N N 17  
ALA OXT HXT  sing N N 18  
ARG N   CA   sing N N 19  
ARG N   H    sing N N 20  
ARG N   H2   sing N N 21  
ARG CA  C    sing N N 22  
ARG CA  CB   sing N N 23  
ARG CA  HA   sing N N 24  
ARG C   O    doub N N 25  
ARG C   OXT  sing N N 26  
ARG CB  CG   sing N N 27  
ARG CB  HB2  sing N N 28  
ARG CB  HB3  sing N N 29  
ARG CG  CD   sing N N 30  
ARG CG  HG2  sing N N 31  
ARG CG  HG3  sing N N 32  
ARG CD  NE   sing N N 33  
ARG CD  HD2  sing N N 34  
ARG CD  HD3  sing N N 35  
ARG NE  CZ   sing N N 36  
ARG NE  HE   sing N N 37  
ARG CZ  NH1  sing N N 38  
ARG CZ  NH2  doub N N 39  
ARG NH1 HH11 sing N N 40  
ARG NH1 HH12 sing N N 41  
ARG NH2 HH21 sing N N 42  
ARG NH2 HH22 sing N N 43  
ARG OXT HXT  sing N N 44  
ASN N   CA   sing N N 45  
ASN N   H    sing N N 46  
ASN N   H2   sing N N 47  
ASN CA  C    sing N N 48  
ASN CA  CB   sing N N 49  
ASN CA  HA   sing N N 50  
ASN C   O    doub N N 51  
ASN C   OXT  sing N N 52  
ASN CB  CG   sing N N 53  
ASN CB  HB2  sing N N 54  
ASN CB  HB3  sing N N 55  
ASN CG  OD1  doub N N 56  
ASN CG  ND2  sing N N 57  
ASN ND2 HD21 sing N N 58  
ASN ND2 HD22 sing N N 59  
ASN OXT HXT  sing N N 60  
ASP N   CA   sing N N 61  
ASP N   H    sing N N 62  
ASP N   H2   sing N N 63  
ASP CA  C    sing N N 64  
ASP CA  CB   sing N N 65  
ASP CA  HA   sing N N 66  
ASP C   O    doub N N 67  
ASP C   OXT  sing N N 68  
ASP CB  CG   sing N N 69  
ASP CB  HB2  sing N N 70  
ASP CB  HB3  sing N N 71  
ASP CG  OD1  doub N N 72  
ASP CG  OD2  sing N N 73  
ASP OD2 HD2  sing N N 74  
ASP OXT HXT  sing N N 75  
GLN N   CA   sing N N 76  
GLN N   H    sing N N 77  
GLN N   H2   sing N N 78  
GLN CA  C    sing N N 79  
GLN CA  CB   sing N N 80  
GLN CA  HA   sing N N 81  
GLN C   O    doub N N 82  
GLN C   OXT  sing N N 83  
GLN CB  CG   sing N N 84  
GLN CB  HB2  sing N N 85  
GLN CB  HB3  sing N N 86  
GLN CG  CD   sing N N 87  
GLN CG  HG2  sing N N 88  
GLN CG  HG3  sing N N 89  
GLN CD  OE1  doub N N 90  
GLN CD  NE2  sing N N 91  
GLN NE2 HE21 sing N N 92  
GLN NE2 HE22 sing N N 93  
GLN OXT HXT  sing N N 94  
GLU N   CA   sing N N 95  
GLU N   H    sing N N 96  
GLU N   H2   sing N N 97  
GLU CA  C    sing N N 98  
GLU CA  CB   sing N N 99  
GLU CA  HA   sing N N 100 
GLU C   O    doub N N 101 
GLU C   OXT  sing N N 102 
GLU CB  CG   sing N N 103 
GLU CB  HB2  sing N N 104 
GLU CB  HB3  sing N N 105 
GLU CG  CD   sing N N 106 
GLU CG  HG2  sing N N 107 
GLU CG  HG3  sing N N 108 
GLU CD  OE1  doub N N 109 
GLU CD  OE2  sing N N 110 
GLU OE2 HE2  sing N N 111 
GLU OXT HXT  sing N N 112 
GLY N   CA   sing N N 113 
GLY N   H    sing N N 114 
GLY N   H2   sing N N 115 
GLY CA  C    sing N N 116 
GLY CA  HA2  sing N N 117 
GLY CA  HA3  sing N N 118 
GLY C   O    doub N N 119 
GLY C   OXT  sing N N 120 
GLY OXT HXT  sing N N 121 
HIS N   CA   sing N N 122 
HIS N   H    sing N N 123 
HIS N   H2   sing N N 124 
HIS CA  C    sing N N 125 
HIS CA  CB   sing N N 126 
HIS CA  HA   sing N N 127 
HIS C   O    doub N N 128 
HIS C   OXT  sing N N 129 
HIS CB  CG   sing N N 130 
HIS CB  HB2  sing N N 131 
HIS CB  HB3  sing N N 132 
HIS CG  ND1  sing Y N 133 
HIS CG  CD2  doub Y N 134 
HIS ND1 CE1  doub Y N 135 
HIS ND1 HD1  sing N N 136 
HIS CD2 NE2  sing Y N 137 
HIS CD2 HD2  sing N N 138 
HIS CE1 NE2  sing Y N 139 
HIS CE1 HE1  sing N N 140 
HIS NE2 HE2  sing N N 141 
HIS OXT HXT  sing N N 142 
HOH O   H1   sing N N 143 
HOH O   H2   sing N N 144 
ILE N   CA   sing N N 145 
ILE N   H    sing N N 146 
ILE N   H2   sing N N 147 
ILE CA  C    sing N N 148 
ILE CA  CB   sing N N 149 
ILE CA  HA   sing N N 150 
ILE C   O    doub N N 151 
ILE C   OXT  sing N N 152 
ILE CB  CG1  sing N N 153 
ILE CB  CG2  sing N N 154 
ILE CB  HB   sing N N 155 
ILE CG1 CD1  sing N N 156 
ILE CG1 HG12 sing N N 157 
ILE CG1 HG13 sing N N 158 
ILE CG2 HG21 sing N N 159 
ILE CG2 HG22 sing N N 160 
ILE CG2 HG23 sing N N 161 
ILE CD1 HD11 sing N N 162 
ILE CD1 HD12 sing N N 163 
ILE CD1 HD13 sing N N 164 
ILE OXT HXT  sing N N 165 
LEU N   CA   sing N N 166 
LEU N   H    sing N N 167 
LEU N   H2   sing N N 168 
LEU CA  C    sing N N 169 
LEU CA  CB   sing N N 170 
LEU CA  HA   sing N N 171 
LEU C   O    doub N N 172 
LEU C   OXT  sing N N 173 
LEU CB  CG   sing N N 174 
LEU CB  HB2  sing N N 175 
LEU CB  HB3  sing N N 176 
LEU CG  CD1  sing N N 177 
LEU CG  CD2  sing N N 178 
LEU CG  HG   sing N N 179 
LEU CD1 HD11 sing N N 180 
LEU CD1 HD12 sing N N 181 
LEU CD1 HD13 sing N N 182 
LEU CD2 HD21 sing N N 183 
LEU CD2 HD22 sing N N 184 
LEU CD2 HD23 sing N N 185 
LEU OXT HXT  sing N N 186 
LYS N   CA   sing N N 187 
LYS N   H    sing N N 188 
LYS N   H2   sing N N 189 
LYS CA  C    sing N N 190 
LYS CA  CB   sing N N 191 
LYS CA  HA   sing N N 192 
LYS C   O    doub N N 193 
LYS C   OXT  sing N N 194 
LYS CB  CG   sing N N 195 
LYS CB  HB2  sing N N 196 
LYS CB  HB3  sing N N 197 
LYS CG  CD   sing N N 198 
LYS CG  HG2  sing N N 199 
LYS CG  HG3  sing N N 200 
LYS CD  CE   sing N N 201 
LYS CD  HD2  sing N N 202 
LYS CD  HD3  sing N N 203 
LYS CE  NZ   sing N N 204 
LYS CE  HE2  sing N N 205 
LYS CE  HE3  sing N N 206 
LYS NZ  HZ1  sing N N 207 
LYS NZ  HZ2  sing N N 208 
LYS NZ  HZ3  sing N N 209 
LYS OXT HXT  sing N N 210 
MET N   CA   sing N N 211 
MET N   H    sing N N 212 
MET N   H2   sing N N 213 
MET CA  C    sing N N 214 
MET CA  CB   sing N N 215 
MET CA  HA   sing N N 216 
MET C   O    doub N N 217 
MET C   OXT  sing N N 218 
MET CB  CG   sing N N 219 
MET CB  HB2  sing N N 220 
MET CB  HB3  sing N N 221 
MET CG  SD   sing N N 222 
MET CG  HG2  sing N N 223 
MET CG  HG3  sing N N 224 
MET SD  CE   sing N N 225 
MET CE  HE1  sing N N 226 
MET CE  HE2  sing N N 227 
MET CE  HE3  sing N N 228 
MET OXT HXT  sing N N 229 
PHE N   CA   sing N N 230 
PHE N   H    sing N N 231 
PHE N   H2   sing N N 232 
PHE CA  C    sing N N 233 
PHE CA  CB   sing N N 234 
PHE CA  HA   sing N N 235 
PHE C   O    doub N N 236 
PHE C   OXT  sing N N 237 
PHE CB  CG   sing N N 238 
PHE CB  HB2  sing N N 239 
PHE CB  HB3  sing N N 240 
PHE CG  CD1  doub Y N 241 
PHE CG  CD2  sing Y N 242 
PHE CD1 CE1  sing Y N 243 
PHE CD1 HD1  sing N N 244 
PHE CD2 CE2  doub Y N 245 
PHE CD2 HD2  sing N N 246 
PHE CE1 CZ   doub Y N 247 
PHE CE1 HE1  sing N N 248 
PHE CE2 CZ   sing Y N 249 
PHE CE2 HE2  sing N N 250 
PHE CZ  HZ   sing N N 251 
PHE OXT HXT  sing N N 252 
PRK C   O    doub N N 253 
PRK C   CA   sing N N 254 
PRK C   OXT  sing N N 255 
PRK N   CA   sing N N 256 
PRK CA  CB   sing N N 257 
PRK CB  CG   sing N N 258 
PRK CD  CE   sing N N 259 
PRK CD  CG   sing N N 260 
PRK CE  NZ   sing N N 261 
PRK NZ  CAL  sing N N 262 
PRK CAA CAF  sing N N 263 
PRK OAD CAL  doub N N 264 
PRK CAF CAL  sing N N 265 
PRK N   H    sing N N 266 
PRK N   H2   sing N N 267 
PRK CA  HA   sing N N 268 
PRK CB  HB2  sing N N 269 
PRK CB  HB3  sing N N 270 
PRK CD  HD2  sing N N 271 
PRK CD  HD3  sing N N 272 
PRK CE  HE2  sing N N 273 
PRK CE  HE3  sing N N 274 
PRK CG  HG2  sing N N 275 
PRK CG  HG3  sing N N 276 
PRK NZ  HZ   sing N N 277 
PRK CAA HAA  sing N N 278 
PRK CAA HAAA sing N N 279 
PRK CAA HAAB sing N N 280 
PRK CAF HAF  sing N N 281 
PRK CAF HAFA sing N N 282 
PRK OXT HXT  sing N N 283 
PRO N   CA   sing N N 284 
PRO N   CD   sing N N 285 
PRO N   H    sing N N 286 
PRO CA  C    sing N N 287 
PRO CA  CB   sing N N 288 
PRO CA  HA   sing N N 289 
PRO C   O    doub N N 290 
PRO C   OXT  sing N N 291 
PRO CB  CG   sing N N 292 
PRO CB  HB2  sing N N 293 
PRO CB  HB3  sing N N 294 
PRO CG  CD   sing N N 295 
PRO CG  HG2  sing N N 296 
PRO CG  HG3  sing N N 297 
PRO CD  HD2  sing N N 298 
PRO CD  HD3  sing N N 299 
PRO OXT HXT  sing N N 300 
SER N   CA   sing N N 301 
SER N   H    sing N N 302 
SER N   H2   sing N N 303 
SER CA  C    sing N N 304 
SER CA  CB   sing N N 305 
SER CA  HA   sing N N 306 
SER C   O    doub N N 307 
SER C   OXT  sing N N 308 
SER CB  OG   sing N N 309 
SER CB  HB2  sing N N 310 
SER CB  HB3  sing N N 311 
SER OG  HG   sing N N 312 
SER OXT HXT  sing N N 313 
THR N   CA   sing N N 314 
THR N   H    sing N N 315 
THR N   H2   sing N N 316 
THR CA  C    sing N N 317 
THR CA  CB   sing N N 318 
THR CA  HA   sing N N 319 
THR C   O    doub N N 320 
THR C   OXT  sing N N 321 
THR CB  OG1  sing N N 322 
THR CB  CG2  sing N N 323 
THR CB  HB   sing N N 324 
THR OG1 HG1  sing N N 325 
THR CG2 HG21 sing N N 326 
THR CG2 HG22 sing N N 327 
THR CG2 HG23 sing N N 328 
THR OXT HXT  sing N N 329 
TRP N   CA   sing N N 330 
TRP N   H    sing N N 331 
TRP N   H2   sing N N 332 
TRP CA  C    sing N N 333 
TRP CA  CB   sing N N 334 
TRP CA  HA   sing N N 335 
TRP C   O    doub N N 336 
TRP C   OXT  sing N N 337 
TRP CB  CG   sing N N 338 
TRP CB  HB2  sing N N 339 
TRP CB  HB3  sing N N 340 
TRP CG  CD1  doub Y N 341 
TRP CG  CD2  sing Y N 342 
TRP CD1 NE1  sing Y N 343 
TRP CD1 HD1  sing N N 344 
TRP CD2 CE2  doub Y N 345 
TRP CD2 CE3  sing Y N 346 
TRP NE1 CE2  sing Y N 347 
TRP NE1 HE1  sing N N 348 
TRP CE2 CZ2  sing Y N 349 
TRP CE3 CZ3  doub Y N 350 
TRP CE3 HE3  sing N N 351 
TRP CZ2 CH2  doub Y N 352 
TRP CZ2 HZ2  sing N N 353 
TRP CZ3 CH2  sing Y N 354 
TRP CZ3 HZ3  sing N N 355 
TRP CH2 HH2  sing N N 356 
TRP OXT HXT  sing N N 357 
TYR N   CA   sing N N 358 
TYR N   H    sing N N 359 
TYR N   H2   sing N N 360 
TYR CA  C    sing N N 361 
TYR CA  CB   sing N N 362 
TYR CA  HA   sing N N 363 
TYR C   O    doub N N 364 
TYR C   OXT  sing N N 365 
TYR CB  CG   sing N N 366 
TYR CB  HB2  sing N N 367 
TYR CB  HB3  sing N N 368 
TYR CG  CD1  doub Y N 369 
TYR CG  CD2  sing Y N 370 
TYR CD1 CE1  sing Y N 371 
TYR CD1 HD1  sing N N 372 
TYR CD2 CE2  doub Y N 373 
TYR CD2 HD2  sing N N 374 
TYR CE1 CZ   doub Y N 375 
TYR CE1 HE1  sing N N 376 
TYR CE2 CZ   sing Y N 377 
TYR CE2 HE2  sing N N 378 
TYR CZ  OH   sing N N 379 
TYR OH  HH   sing N N 380 
TYR OXT HXT  sing N N 381 
VAL N   CA   sing N N 382 
VAL N   H    sing N N 383 
VAL N   H2   sing N N 384 
VAL CA  C    sing N N 385 
VAL CA  CB   sing N N 386 
VAL CA  HA   sing N N 387 
VAL C   O    doub N N 388 
VAL C   OXT  sing N N 389 
VAL CB  CG1  sing N N 390 
VAL CB  CG2  sing N N 391 
VAL CB  HB   sing N N 392 
VAL CG1 HG11 sing N N 393 
VAL CG1 HG12 sing N N 394 
VAL CG1 HG13 sing N N 395 
VAL CG2 HG21 sing N N 396 
VAL CG2 HG22 sing N N 397 
VAL CG2 HG23 sing N N 398 
VAL OXT HXT  sing N N 399 
# 
_pdbx_entity_instance_feature.ordinal        1 
_pdbx_entity_instance_feature.comp_id        PRK 
_pdbx_entity_instance_feature.asym_id        ? 
_pdbx_entity_instance_feature.seq_num        ? 
_pdbx_entity_instance_feature.auth_comp_id   PRK 
_pdbx_entity_instance_feature.auth_asym_id   ? 
_pdbx_entity_instance_feature.auth_seq_num   ? 
_pdbx_entity_instance_feature.feature_type   'SUBJECT OF INVESTIGATION' 
_pdbx_entity_instance_feature.details        ? 
# 
_pdbx_entity_nonpoly.entity_id   3 
_pdbx_entity_nonpoly.name        water 
_pdbx_entity_nonpoly.comp_id     HOH 
# 
_pdbx_initial_refinement_model.id               1 
_pdbx_initial_refinement_model.entity_id_list   ? 
_pdbx_initial_refinement_model.type             'experimental model' 
_pdbx_initial_refinement_model.source_name      PDB 
_pdbx_initial_refinement_model.accession_code   5IOK 
_pdbx_initial_refinement_model.details          ? 
# 
_pdbx_struct_assembly_auth_evidence.id                     1 
_pdbx_struct_assembly_auth_evidence.assembly_id            1 
_pdbx_struct_assembly_auth_evidence.experimental_support   'assay for oligomerization' 
_pdbx_struct_assembly_auth_evidence.details                'HSQC NMR titration' 
# 
